data_7QQZ
#
_entry.id   7QQZ
#
_cell.length_a   177.801
_cell.length_b   66.686
_cell.length_c   187.607
_cell.angle_alpha   90.000
_cell.angle_beta   110.830
_cell.angle_gamma   90.000
#
_symmetry.space_group_name_H-M   'C 1 2 1'
#
loop_
_entity.id
_entity.type
_entity.pdbx_description
1 polymer 'FANCF sgRNA'
2 polymer 'CRISPR-associated endonuclease Cas9/Csn1'
3 polymer 'FANCF off-target7 target strand'
4 polymer 'FANCF off-target7 non-target strand'
5 non-polymer 'MAGNESIUM ION'
6 non-polymer 'POTASSIUM ION'
7 water water
#
loop_
_entity_poly.entity_id
_entity_poly.type
_entity_poly.pdbx_seq_one_letter_code
_entity_poly.pdbx_strand_id
1 'polyribonucleotide'
;GGGGAAUCCCUUCUGCAGCACCGUUUUAGAGCUAGAAAUAGCAAGUUAAAAUAAGGCUAGUCCGUUAUCAACUUGAAAAA
GUGA
;
A
2 'polypeptide(L)'
;MDKKYSIGLAIGTNSVGWAVITDEYKVPSKKFKVLGNTDRHSIKKNLIGALLFDSGETAEATRLKRTARRRYTRRKNRIC
YLQEIFSNEMAKVDDSFFHRLEESFLVEEDKKHERHPIFGNIVDEVAYHEKYPTIYHLRKKLVDSTDKADLRLIYLALAH
MIKFRGHFLIEGDLNPDNSDVDKLFIQLVQTYNQLFEENPINASGVDAKAILSARLSKSRRLENLIAQLPGEKKNGLFGN
LIALSLGLTPNFKSNFDLAEDAKLQLSKDTYDDDLDNLLAQIGDQYADLFLAAKNLSDAILLSDILRVNTEITKAPLSAS
MIKRYDEHHQDLTLLKALVRQQLPEKYKEIFFDQSKNGYAGYIDGGASQEEFYKFIKPILEKMDGTEELLVKLNREDLLR
KQRTFDNGSIPHQIHLGELHAILRRQEDFYPFLKDNREKIEKILTFRIPYYVGPLARGNSRFAWMTRKSEETITPWNFEE
VVDKGASAQSFIERMTNFDKNLPNEKVLPKHSLLYEYFTVYNELTKVKYVTEGMRKPAFLSGEQKKAIVDLLFKTNRKVT
VKQLKEDYFKKIECFDSVEISGVEDRFNASLGTYHDLLKIIKDKDFLDNEENEDILEDIVLTLTLFEDREMIEERLKTYA
HLFDDKVMKQLKRRRYTGWGRLSRKLINGIRDKQSGKTILDFLKSDGFANRNFMQLIHDDSLTFKEDIQKAQVSGQGDSL
HEHIANLAGSPAIKKGILQTVKVVDELVKVMGRHKPENIVIEMARENQTTQKGQKNSRERMKRIEEGIKELGSQILKEHP
VENTQLQNEKLYLYYLQNGRDMYVDQELDINRLSDYDVDAIVPQSFLKDDSIDNKVLTRSDKNRGKSDNVPSEEVVKKMK
NYWRQLLNAKLITQRKFDNLTKAERGGLSELDKAGFIKRQLVETRQITKHVAQILDSRMNTKYDENDKLIREVKVITLKS
KLVSDFRKDFQFYKVREINNYHHAHDAYLNAVVGTALIKKYPKLESEFVYGDYKVYDVRKMIAKSEQEIGKATAKYFFYS
NIMNFFKTEITLANGEIRKRPLIETNGETGEIVWDKGRDFATVRKVLSMPQVNIVKKTEVQTGGFSKESILPKRNSDKLI
ARKKDWDPKKYGGFDSPTVAYSVLVVAKVEKGKSKKLKSVKELLGITIMERSSFEKNPIDFLEAKGYKEVKKDLIIKLPK
YSLFELENGRKRMLASAGELQKGNELALPSKYVNFLYLASHYEKLKGSPEDNEQKQLFVEQHKHYLDEIIEQISEFSKRV
ILADANLDKVLSAYNKHRDKPIREQAENIIHLFTLTNLGAPAAFKYFDTTIDRKRYTSTKEVLDATLIHQSITGLYETRI
DLSQLGGD
;
B
3 'polydeoxyribonucleotide'
;(DC)(DA)(DA)(DT)(DA)(DC)(DC)(DT)(DG)(DG)(DT)(DG)(DC)(DT)(DG)(DT)(DA)(DA)(DA)(DA)
(DG)(DT)(DG)(DA)(DT)(DT)(DC)(DC)
;
C
4 'polydeoxyribonucleotide' (DC)(DA)(DC)(DC)(DA)(DG)(DG)(DT)(DA)(DT)(DT)(DG) D
#
loop_
_chem_comp.id
_chem_comp.type
_chem_comp.name
_chem_comp.formula
A RNA linking ADENOSINE-5'-MONOPHOSPHATE 'C10 H14 N5 O7 P'
C RNA linking CYTIDINE-5'-MONOPHOSPHATE 'C9 H14 N3 O8 P'
DA DNA linking 2'-DEOXYADENOSINE-5'-MONOPHOSPHATE 'C10 H14 N5 O6 P'
DC DNA linking 2'-DEOXYCYTIDINE-5'-MONOPHOSPHATE 'C9 H14 N3 O7 P'
DG DNA linking 2'-DEOXYGUANOSINE-5'-MONOPHOSPHATE 'C10 H14 N5 O7 P'
DT DNA linking THYMIDINE-5'-MONOPHOSPHATE 'C10 H15 N2 O8 P'
G RNA linking GUANOSINE-5'-MONOPHOSPHATE 'C10 H14 N5 O8 P'
K non-polymer 'POTASSIUM ION' 'K 1'
MG non-polymer 'MAGNESIUM ION' 'Mg 2'
U RNA linking URIDINE-5'-MONOPHOSPHATE 'C9 H13 N2 O9 P'
#
# COMPACT_ATOMS: atom_id res chain seq x y z
N LYS B 3 -3.17 31.31 -37.67
CA LYS B 3 -2.37 31.14 -36.46
C LYS B 3 -2.44 29.70 -35.95
N LYS B 4 -1.38 28.93 -36.18
CA LYS B 4 -1.31 27.54 -35.77
C LYS B 4 -0.29 27.35 -34.66
N TYR B 5 -0.59 26.42 -33.76
CA TYR B 5 0.23 26.20 -32.59
C TYR B 5 0.00 24.79 -32.05
N SER B 6 0.91 24.37 -31.18
CA SER B 6 0.82 23.09 -30.49
C SER B 6 1.06 23.29 -29.00
N ILE B 7 0.63 22.32 -28.21
CA ILE B 7 0.76 22.35 -26.77
C ILE B 7 1.60 21.16 -26.31
N GLY B 8 2.55 21.43 -25.41
CA GLY B 8 3.34 20.38 -24.77
C GLY B 8 3.00 20.32 -23.30
N LEU B 9 2.84 19.11 -22.78
CA LEU B 9 2.43 18.91 -21.39
C LEU B 9 3.35 17.91 -20.71
N ALA B 10 3.69 18.21 -19.46
CA ALA B 10 4.51 17.33 -18.62
C ALA B 10 3.73 17.06 -17.34
N ILE B 11 3.02 15.93 -17.31
CA ILE B 11 2.12 15.61 -16.20
C ILE B 11 2.91 14.89 -15.12
N GLY B 12 2.92 15.47 -13.92
CA GLY B 12 3.60 14.89 -12.78
C GLY B 12 2.68 14.78 -11.58
N THR B 13 3.24 14.24 -10.49
CA THR B 13 2.49 14.06 -9.25
C THR B 13 2.37 15.33 -8.44
N ASN B 14 3.29 16.28 -8.63
CA ASN B 14 3.23 17.56 -7.94
C ASN B 14 3.35 18.74 -8.89
N SER B 15 3.18 18.53 -10.19
CA SER B 15 3.38 19.60 -11.15
C SER B 15 2.72 19.23 -12.49
N VAL B 16 2.37 20.26 -13.25
CA VAL B 16 1.93 20.12 -14.63
C VAL B 16 2.65 21.22 -15.41
N GLY B 17 3.70 20.85 -16.14
CA GLY B 17 4.37 21.80 -17.02
C GLY B 17 3.61 21.90 -18.33
N TRP B 18 3.60 23.11 -18.89
CA TRP B 18 2.85 23.38 -20.11
C TRP B 18 3.62 24.40 -20.95
N ALA B 19 3.44 24.32 -22.26
CA ALA B 19 4.10 25.24 -23.17
C ALA B 19 3.34 25.29 -24.48
N VAL B 20 3.35 26.47 -25.11
CA VAL B 20 2.75 26.68 -26.42
C VAL B 20 3.88 26.95 -27.41
N ILE B 21 3.85 26.25 -28.54
CA ILE B 21 4.85 26.42 -29.59
C ILE B 21 4.15 26.75 -30.90
N THR B 22 4.89 27.37 -31.81
CA THR B 22 4.42 27.76 -33.12
C THR B 22 5.00 26.82 -34.19
N ASP B 23 4.92 27.24 -35.46
CA ASP B 23 5.47 26.42 -36.54
C ASP B 23 6.98 26.28 -36.42
N GLU B 24 7.66 27.34 -35.97
CA GLU B 24 9.10 27.37 -35.86
C GLU B 24 9.61 26.91 -34.49
N TYR B 25 8.77 26.21 -33.72
CA TYR B 25 9.12 25.75 -32.38
C TYR B 25 9.42 26.92 -31.44
N LYS B 26 8.87 28.09 -31.74
CA LYS B 26 8.99 29.25 -30.88
C LYS B 26 7.82 29.30 -29.91
N VAL B 27 8.06 29.90 -28.75
CA VAL B 27 7.03 30.12 -27.73
C VAL B 27 6.51 31.54 -27.88
N PRO B 28 5.22 31.73 -28.12
CA PRO B 28 4.70 33.10 -28.29
C PRO B 28 4.75 33.88 -26.98
N SER B 29 4.56 35.18 -27.11
CA SER B 29 4.39 36.07 -25.97
C SER B 29 3.22 37.00 -26.26
N LYS B 30 2.41 37.26 -25.25
CA LYS B 30 1.21 38.06 -25.39
C LYS B 30 1.11 39.09 -24.28
N LYS B 31 0.44 40.19 -24.58
CA LYS B 31 0.00 41.11 -23.55
C LYS B 31 -1.33 40.62 -22.99
N PHE B 32 -1.38 40.42 -21.68
CA PHE B 32 -2.59 40.01 -20.99
C PHE B 32 -3.08 41.15 -20.11
N LYS B 33 -4.40 41.34 -20.09
CA LYS B 33 -4.99 42.36 -19.25
C LYS B 33 -4.81 42.01 -17.77
N VAL B 34 -4.53 43.03 -16.96
CA VAL B 34 -4.40 42.90 -15.52
C VAL B 34 -5.57 43.63 -14.86
N LEU B 35 -6.27 42.94 -13.97
CA LEU B 35 -7.41 43.49 -13.25
C LEU B 35 -7.00 43.90 -11.83
N GLY B 36 -7.87 44.66 -11.18
CA GLY B 36 -7.59 45.09 -9.82
C GLY B 36 -7.63 46.59 -9.61
N ASN B 37 -6.78 47.10 -8.72
CA ASN B 37 -6.82 48.51 -8.34
C ASN B 37 -5.43 49.13 -8.35
N THR B 38 -4.53 48.60 -9.17
CA THR B 38 -3.15 49.05 -9.20
C THR B 38 -2.88 49.88 -10.45
N ASP B 39 -1.64 50.34 -10.57
CA ASP B 39 -1.23 51.16 -11.71
C ASP B 39 -1.26 50.36 -13.01
N ARG B 40 -0.95 49.07 -12.93
CA ARG B 40 -0.70 48.27 -14.11
C ARG B 40 -2.00 47.75 -14.70
N HIS B 41 -2.20 47.98 -15.99
CA HIS B 41 -3.39 47.53 -16.70
C HIS B 41 -3.17 46.27 -17.52
N SER B 42 -1.92 45.93 -17.82
CA SER B 42 -1.61 44.77 -18.63
C SER B 42 -0.17 44.37 -18.37
N ILE B 43 0.20 43.17 -18.83
CA ILE B 43 1.53 42.62 -18.57
C ILE B 43 1.90 41.66 -19.69
N LYS B 44 3.19 41.57 -19.98
CA LYS B 44 3.72 40.68 -21.00
C LYS B 44 4.00 39.31 -20.40
N LYS B 45 3.49 38.26 -21.05
CA LYS B 45 3.62 36.88 -20.59
C LYS B 45 4.13 36.01 -21.72
N ASN B 46 5.15 35.21 -21.44
CA ASN B 46 5.52 34.11 -22.31
C ASN B 46 4.53 32.96 -22.11
N LEU B 47 4.17 32.28 -23.20
CA LEU B 47 3.20 31.18 -23.14
C LEU B 47 3.90 29.88 -22.78
N ILE B 48 4.53 29.89 -21.61
CA ILE B 48 5.19 28.71 -21.04
C ILE B 48 5.18 28.85 -19.53
N GLY B 49 4.96 27.73 -18.85
CA GLY B 49 4.88 27.77 -17.39
C GLY B 49 4.66 26.39 -16.83
N ALA B 50 4.39 26.36 -15.53
CA ALA B 50 4.19 25.11 -14.81
C ALA B 50 3.35 25.36 -13.58
N LEU B 51 2.29 24.57 -13.41
CA LEU B 51 1.46 24.61 -12.22
C LEU B 51 2.02 23.66 -11.18
N LEU B 52 2.11 24.12 -9.93
CA LEU B 52 2.62 23.31 -8.82
C LEU B 52 1.52 23.13 -7.79
N PHE B 53 1.49 21.96 -7.15
CA PHE B 53 0.44 21.64 -6.20
C PHE B 53 0.91 20.54 -5.25
N ASP B 54 0.38 20.59 -4.03
CA ASP B 54 0.66 19.56 -3.05
C ASP B 54 0.07 18.22 -3.49
N SER B 55 0.72 17.14 -3.06
CA SER B 55 0.34 15.81 -3.50
C SER B 55 -1.12 15.51 -3.14
N GLY B 56 -1.84 14.92 -4.08
CA GLY B 56 -3.15 14.38 -3.78
C GLY B 56 -3.01 13.12 -2.93
N GLU B 57 -3.79 13.05 -1.86
CA GLU B 57 -3.72 11.96 -0.89
C GLU B 57 -4.74 10.87 -1.21
N THR B 58 -4.43 9.67 -0.76
CA THR B 58 -5.37 8.56 -0.83
C THR B 58 -6.38 8.65 0.31
N ALA B 59 -7.39 7.78 0.24
CA ALA B 59 -8.49 7.72 1.19
C ALA B 59 -8.18 6.86 2.41
N GLU B 60 -6.97 6.30 2.50
CA GLU B 60 -6.68 5.28 3.51
C GLU B 60 -6.72 5.84 4.92
N ALA B 61 -6.02 6.94 5.17
CA ALA B 61 -6.00 7.52 6.52
C ALA B 61 -7.39 7.96 6.94
N THR B 62 -8.18 8.48 5.99
CA THR B 62 -9.57 8.84 6.28
C THR B 62 -10.39 7.62 6.66
N ARG B 63 -10.23 6.51 5.91
CA ARG B 63 -10.94 5.29 6.23
C ARG B 63 -10.54 4.74 7.60
N LEU B 64 -9.23 4.74 7.89
CA LEU B 64 -8.76 4.16 9.14
C LEU B 64 -9.30 4.92 10.35
N LYS B 65 -9.34 6.26 10.25
CA LYS B 65 -9.93 7.06 11.31
C LYS B 65 -11.45 6.88 11.36
N ARG B 66 -12.09 6.68 10.21
CA ARG B 66 -13.53 6.45 10.20
C ARG B 66 -13.89 5.14 10.88
N THR B 67 -13.19 4.05 10.54
CA THR B 67 -13.49 2.78 11.18
C THR B 67 -13.17 2.82 12.66
N ALA B 68 -12.07 3.49 13.05
CA ALA B 68 -11.73 3.59 14.47
C ALA B 68 -12.80 4.35 15.23
N ARG B 69 -13.37 5.40 14.62
CA ARG B 69 -14.45 6.14 15.25
C ARG B 69 -15.64 5.23 15.52
N ARG B 70 -16.01 4.39 14.55
CA ARG B 70 -17.10 3.44 14.76
C ARG B 70 -16.78 2.49 15.91
N ARG B 71 -15.54 2.00 15.99
CA ARG B 71 -15.18 1.05 17.03
C ARG B 71 -15.22 1.68 18.41
N TYR B 72 -14.90 2.99 18.51
CA TYR B 72 -15.02 3.69 19.78
C TYR B 72 -16.49 3.86 20.17
N THR B 73 -17.34 4.21 19.19
CA THR B 73 -18.77 4.33 19.45
C THR B 73 -19.36 3.00 19.90
N ARG B 74 -19.00 1.91 19.22
CA ARG B 74 -19.57 0.62 19.57
C ARG B 74 -19.03 0.08 20.89
N ARG B 75 -17.76 0.32 21.19
CA ARG B 75 -17.24 -0.06 22.50
C ARG B 75 -17.98 0.65 23.62
N LYS B 76 -18.24 1.95 23.46
CA LYS B 76 -19.07 2.68 24.40
C LYS B 76 -20.46 2.07 24.50
N ASN B 77 -21.02 1.68 23.35
CA ASN B 77 -22.36 1.08 23.36
C ASN B 77 -22.37 -0.25 24.09
N ARG B 78 -21.30 -1.05 23.97
CA ARG B 78 -21.19 -2.28 24.75
C ARG B 78 -21.29 -1.98 26.24
N ILE B 79 -20.56 -0.96 26.70
CA ILE B 79 -20.61 -0.62 28.12
C ILE B 79 -21.99 -0.10 28.50
N CYS B 80 -22.62 0.67 27.61
CA CYS B 80 -23.98 1.14 27.88
C CYS B 80 -24.96 -0.03 28.00
N TYR B 81 -24.82 -1.03 27.13
CA TYR B 81 -25.66 -2.22 27.25
C TYR B 81 -25.52 -2.86 28.63
N LEU B 82 -24.28 -3.04 29.08
CA LEU B 82 -24.04 -3.71 30.34
C LEU B 82 -24.58 -2.90 31.52
N GLN B 83 -24.39 -1.57 31.48
CA GLN B 83 -24.92 -0.73 32.55
C GLN B 83 -26.45 -0.73 32.56
N GLU B 84 -27.06 -0.76 31.37
CA GLU B 84 -28.52 -0.83 31.31
C GLU B 84 -29.05 -2.12 31.94
N ILE B 85 -28.29 -3.21 31.83
CA ILE B 85 -28.69 -4.46 32.46
C ILE B 85 -28.59 -4.35 33.98
N PHE B 86 -27.62 -3.58 34.48
CA PHE B 86 -27.38 -3.44 35.91
C PHE B 86 -28.18 -2.33 36.57
N SER B 87 -28.99 -1.60 35.80
CA SER B 87 -29.52 -0.31 36.27
C SER B 87 -30.29 -0.44 37.57
N ASN B 88 -31.32 -1.29 37.59
CA ASN B 88 -32.25 -1.32 38.72
C ASN B 88 -31.56 -1.83 39.99
N GLU B 89 -30.86 -2.97 39.90
CA GLU B 89 -30.28 -3.55 41.10
C GLU B 89 -29.09 -2.73 41.61
N MET B 90 -28.38 -2.06 40.72
CA MET B 90 -27.33 -1.15 41.17
C MET B 90 -27.92 0.05 41.89
N ALA B 91 -29.06 0.56 41.38
CA ALA B 91 -29.73 1.65 42.08
C ALA B 91 -30.16 1.24 43.47
N LYS B 92 -30.52 -0.04 43.66
CA LYS B 92 -30.82 -0.55 44.99
C LYS B 92 -29.57 -0.53 45.86
N VAL B 93 -28.40 -0.78 45.28
CA VAL B 93 -27.17 -0.89 46.05
C VAL B 93 -26.48 0.46 46.21
N ASP B 94 -26.37 1.23 45.12
CA ASP B 94 -25.63 2.48 45.12
C ASP B 94 -26.19 3.32 43.98
N ASP B 95 -27.09 4.25 44.32
CA ASP B 95 -27.82 5.03 43.33
C ASP B 95 -26.95 6.04 42.59
N SER B 96 -25.64 6.08 42.87
CA SER B 96 -24.75 7.02 42.18
C SER B 96 -23.46 6.38 41.69
N PHE B 97 -23.37 5.04 41.71
CA PHE B 97 -22.15 4.36 41.30
C PHE B 97 -21.81 4.67 39.84
N PHE B 98 -22.78 4.50 38.95
CA PHE B 98 -22.52 4.78 37.54
C PHE B 98 -22.29 6.26 37.29
N HIS B 99 -22.88 7.12 38.12
CA HIS B 99 -22.62 8.55 38.01
C HIS B 99 -21.18 8.87 38.38
N ARG B 100 -20.65 8.22 39.43
CA ARG B 100 -19.26 8.47 39.80
C ARG B 100 -18.30 7.93 38.74
N LEU B 101 -18.64 6.81 38.11
CA LEU B 101 -17.82 6.33 37.01
C LEU B 101 -17.82 7.32 35.85
N GLU B 102 -18.99 7.90 35.54
CA GLU B 102 -19.10 8.76 34.37
C GLU B 102 -18.26 10.02 34.52
N GLU B 103 -18.14 10.53 35.75
CA GLU B 103 -17.43 11.78 35.99
C GLU B 103 -16.04 11.57 36.58
N SER B 104 -15.51 10.35 36.50
CA SER B 104 -14.19 10.06 37.06
C SER B 104 -13.12 11.03 36.54
N PHE B 105 -13.27 11.48 35.29
CA PHE B 105 -12.25 12.34 34.68
C PHE B 105 -12.24 13.74 35.27
N LEU B 106 -13.29 14.14 35.97
CA LEU B 106 -13.44 15.53 36.41
C LEU B 106 -12.58 15.83 37.63
N VAL B 107 -12.21 17.10 37.77
CA VAL B 107 -11.55 17.55 38.99
C VAL B 107 -12.55 17.56 40.14
N GLU B 108 -12.03 17.49 41.36
CA GLU B 108 -12.90 17.47 42.54
C GLU B 108 -13.82 18.67 42.58
N GLU B 109 -13.35 19.84 42.11
CA GLU B 109 -14.21 21.01 42.00
C GLU B 109 -15.47 20.71 41.19
N ASP B 110 -15.29 20.06 40.03
CA ASP B 110 -16.37 19.85 39.08
C ASP B 110 -17.17 18.58 39.34
N LYS B 111 -16.70 17.70 40.22
CA LYS B 111 -17.45 16.48 40.52
C LYS B 111 -18.70 16.82 41.33
N LYS B 112 -19.84 16.26 40.93
CA LYS B 112 -21.07 16.44 41.66
C LYS B 112 -21.29 15.37 42.71
N HIS B 113 -20.45 14.34 42.75
CA HIS B 113 -20.51 13.28 43.75
C HIS B 113 -19.14 13.11 44.40
N GLU B 114 -19.06 12.19 45.35
CA GLU B 114 -17.81 11.94 46.05
C GLU B 114 -16.73 11.48 45.07
N ARG B 115 -15.48 11.82 45.38
CA ARG B 115 -14.39 11.66 44.43
C ARG B 115 -13.85 10.24 44.34
N HIS B 116 -14.28 9.33 45.21
CA HIS B 116 -13.83 7.94 45.14
C HIS B 116 -14.85 7.11 44.38
N PRO B 117 -14.48 6.59 43.20
CA PRO B 117 -15.48 6.05 42.26
C PRO B 117 -16.22 4.81 42.76
N ILE B 118 -15.50 3.83 43.30
CA ILE B 118 -16.10 2.52 43.52
C ILE B 118 -17.08 2.57 44.68
N PHE B 119 -16.64 3.04 45.85
CA PHE B 119 -17.41 2.94 47.08
C PHE B 119 -17.84 4.28 47.66
N GLY B 120 -17.28 5.39 47.19
CA GLY B 120 -17.73 6.70 47.62
C GLY B 120 -17.20 7.15 48.96
N ASN B 121 -16.26 6.43 49.56
CA ASN B 121 -15.58 6.89 50.76
C ASN B 121 -14.15 6.36 50.75
N ILE B 122 -13.28 7.04 51.47
CA ILE B 122 -11.85 6.79 51.32
C ILE B 122 -11.44 5.49 52.01
N VAL B 123 -12.10 5.11 53.09
CA VAL B 123 -11.72 3.89 53.80
C VAL B 123 -11.99 2.66 52.94
N ASP B 124 -13.19 2.58 52.35
CA ASP B 124 -13.52 1.43 51.52
C ASP B 124 -12.68 1.41 50.24
N GLU B 125 -12.40 2.59 49.68
CA GLU B 125 -11.62 2.65 48.44
C GLU B 125 -10.19 2.17 48.66
N VAL B 126 -9.57 2.60 49.77
CA VAL B 126 -8.21 2.17 50.09
C VAL B 126 -8.20 0.68 50.42
N ALA B 127 -9.21 0.19 51.13
CA ALA B 127 -9.28 -1.23 51.45
C ALA B 127 -9.41 -2.07 50.18
N TYR B 128 -10.22 -1.61 49.23
CA TYR B 128 -10.36 -2.34 47.96
C TYR B 128 -9.02 -2.48 47.26
N HIS B 129 -8.32 -1.35 47.07
CA HIS B 129 -7.04 -1.39 46.38
C HIS B 129 -6.01 -2.24 47.13
N GLU B 130 -6.09 -2.26 48.46
CA GLU B 130 -5.19 -3.11 49.23
C GLU B 130 -5.48 -4.58 48.98
N LYS B 131 -6.75 -4.94 48.80
CA LYS B 131 -7.10 -6.33 48.54
C LYS B 131 -6.96 -6.70 47.07
N TYR B 132 -7.22 -5.76 46.16
CA TYR B 132 -7.15 -6.00 44.72
C TYR B 132 -6.27 -4.95 44.08
N PRO B 133 -4.94 -5.14 44.09
CA PRO B 133 -4.06 -4.12 43.53
C PRO B 133 -4.17 -4.01 42.01
N THR B 134 -4.58 -5.07 41.33
CA THR B 134 -4.91 -5.00 39.90
C THR B 134 -6.32 -5.54 39.70
N ILE B 135 -6.93 -5.12 38.60
CA ILE B 135 -8.25 -5.62 38.25
C ILE B 135 -8.23 -7.15 38.10
N TYR B 136 -7.07 -7.73 37.79
CA TYR B 136 -6.99 -9.17 37.58
C TYR B 136 -7.08 -9.94 38.89
N HIS B 137 -6.67 -9.33 40.01
CA HIS B 137 -6.95 -9.90 41.32
C HIS B 137 -8.45 -10.05 41.55
N LEU B 138 -9.20 -8.98 41.28
CA LEU B 138 -10.65 -9.03 41.45
C LEU B 138 -11.28 -10.04 40.50
N ARG B 139 -10.77 -10.11 39.27
CA ARG B 139 -11.33 -11.04 38.28
C ARG B 139 -11.12 -12.49 38.71
N LYS B 140 -9.90 -12.82 39.17
CA LYS B 140 -9.64 -14.18 39.61
C LYS B 140 -10.46 -14.52 40.85
N LYS B 141 -10.60 -13.57 41.79
CA LYS B 141 -11.39 -13.82 42.98
C LYS B 141 -12.84 -14.10 42.62
N LEU B 142 -13.42 -13.30 41.72
CA LEU B 142 -14.81 -13.51 41.34
C LEU B 142 -15.00 -14.81 40.58
N VAL B 143 -13.98 -15.27 39.86
CA VAL B 143 -14.07 -16.55 39.16
C VAL B 143 -14.02 -17.71 40.14
N ASP B 144 -13.12 -17.64 41.12
CA ASP B 144 -12.87 -18.79 42.00
C ASP B 144 -13.80 -18.82 43.21
N SER B 145 -14.13 -17.68 43.79
CA SER B 145 -14.84 -17.67 45.08
C SER B 145 -16.29 -18.10 44.92
N THR B 146 -16.85 -18.62 46.01
CA THR B 146 -18.24 -19.02 46.08
C THR B 146 -19.11 -18.03 46.85
N ASP B 147 -18.51 -17.00 47.45
CA ASP B 147 -19.25 -16.05 48.26
C ASP B 147 -20.00 -15.04 47.40
N LYS B 148 -21.11 -14.55 47.93
CA LYS B 148 -21.81 -13.44 47.30
C LYS B 148 -20.92 -12.21 47.31
N ALA B 149 -20.80 -11.54 46.17
CA ALA B 149 -19.90 -10.40 46.01
C ALA B 149 -20.67 -9.11 45.79
N ASP B 150 -20.00 -7.99 46.08
CA ASP B 150 -20.59 -6.67 45.85
C ASP B 150 -20.90 -6.48 44.38
N LEU B 151 -22.12 -6.01 44.10
CA LEU B 151 -22.55 -5.85 42.71
C LEU B 151 -21.66 -4.87 41.96
N ARG B 152 -21.04 -3.92 42.66
CA ARG B 152 -20.18 -2.96 41.98
C ARG B 152 -18.89 -3.62 41.50
N LEU B 153 -18.32 -4.50 42.31
CA LEU B 153 -17.11 -5.21 41.89
C LEU B 153 -17.43 -6.21 40.77
N ILE B 154 -18.59 -6.85 40.84
CA ILE B 154 -19.01 -7.74 39.75
C ILE B 154 -19.11 -6.95 38.46
N TYR B 155 -19.76 -5.78 38.50
CA TYR B 155 -19.85 -4.95 37.31
C TYR B 155 -18.46 -4.59 36.79
N LEU B 156 -17.55 -4.17 37.68
CA LEU B 156 -16.24 -3.72 37.24
C LEU B 156 -15.48 -4.83 36.54
N ALA B 157 -15.59 -6.06 37.03
CA ALA B 157 -14.93 -7.19 36.38
C ALA B 157 -15.55 -7.45 35.01
N LEU B 158 -16.88 -7.51 34.95
CA LEU B 158 -17.56 -7.77 33.68
C LEU B 158 -17.32 -6.64 32.68
N ALA B 159 -17.30 -5.39 33.15
CA ALA B 159 -17.06 -4.28 32.24
C ALA B 159 -15.64 -4.29 31.70
N HIS B 160 -14.67 -4.63 32.55
CA HIS B 160 -13.28 -4.68 32.09
C HIS B 160 -13.09 -5.73 31.01
N MET B 161 -13.76 -6.88 31.16
CA MET B 161 -13.66 -7.93 30.16
C MET B 161 -14.35 -7.52 28.87
N ILE B 162 -15.51 -6.86 28.98
CA ILE B 162 -16.26 -6.47 27.79
C ILE B 162 -15.58 -5.31 27.06
N LYS B 163 -15.01 -4.36 27.80
CA LYS B 163 -14.41 -3.20 27.14
C LYS B 163 -13.13 -3.57 26.38
N PHE B 164 -12.37 -4.52 26.91
CA PHE B 164 -11.13 -5.01 26.29
C PHE B 164 -11.27 -6.52 26.15
N ARG B 165 -11.94 -6.94 25.08
CA ARG B 165 -12.46 -8.29 24.98
C ARG B 165 -11.54 -9.27 24.25
N GLY B 166 -10.54 -8.78 23.52
CA GLY B 166 -9.61 -9.65 22.83
C GLY B 166 -10.01 -9.92 21.39
N HIS B 167 -9.10 -10.54 20.66
CA HIS B 167 -9.26 -10.68 19.22
C HIS B 167 -10.21 -11.83 18.87
N PHE B 168 -10.51 -11.95 17.58
CA PHE B 168 -11.47 -12.91 17.04
C PHE B 168 -10.87 -13.69 15.88
N LEU B 169 -9.60 -14.09 16.02
CA LEU B 169 -8.92 -14.83 14.97
C LEU B 169 -9.25 -16.32 14.98
N ILE B 170 -9.78 -16.84 16.08
CA ILE B 170 -10.05 -18.27 16.23
C ILE B 170 -11.56 -18.48 16.24
N GLU B 171 -12.03 -19.38 15.38
CA GLU B 171 -13.44 -19.74 15.32
C GLU B 171 -13.73 -20.84 16.33
N GLY B 172 -14.94 -20.81 16.88
CA GLY B 172 -15.36 -21.83 17.82
C GLY B 172 -14.92 -21.55 19.24
N ASP B 173 -15.12 -22.55 20.09
CA ASP B 173 -14.83 -22.44 21.51
C ASP B 173 -13.41 -22.94 21.80
N LEU B 174 -12.91 -22.59 22.98
CA LEU B 174 -11.52 -22.86 23.35
C LEU B 174 -11.44 -23.64 24.65
N ASN B 175 -10.22 -24.07 24.96
CA ASN B 175 -9.86 -24.98 26.05
C ASN B 175 -10.64 -26.29 25.98
N PRO B 176 -10.68 -26.98 24.81
CA PRO B 176 -11.44 -28.24 24.72
C PRO B 176 -10.54 -29.45 24.98
N ASP B 177 -9.95 -29.51 26.16
CA ASP B 177 -8.94 -30.49 26.55
C ASP B 177 -7.70 -30.42 25.66
N ASN B 178 -7.59 -29.39 24.82
CA ASN B 178 -6.37 -29.06 24.11
C ASN B 178 -5.47 -28.12 24.91
N SER B 179 -5.65 -28.07 26.23
CA SER B 179 -4.90 -27.13 27.05
C SER B 179 -3.52 -27.69 27.41
N ASP B 180 -3.47 -28.95 27.85
CA ASP B 180 -2.22 -29.50 28.35
C ASP B 180 -1.26 -29.80 27.22
N VAL B 181 -0.02 -29.31 27.35
CA VAL B 181 1.02 -29.63 26.38
C VAL B 181 1.54 -31.04 26.59
N ASP B 182 1.69 -31.46 27.86
CA ASP B 182 2.20 -32.79 28.15
C ASP B 182 1.30 -33.88 27.56
N LYS B 183 -0.01 -33.75 27.77
CA LYS B 183 -0.93 -34.80 27.34
C LYS B 183 -1.03 -34.88 25.82
N LEU B 184 -0.98 -33.73 25.14
CA LEU B 184 -1.05 -33.75 23.68
C LEU B 184 0.27 -34.21 23.06
N PHE B 185 1.40 -33.92 23.73
CA PHE B 185 2.66 -34.50 23.29
C PHE B 185 2.66 -36.01 23.47
N ILE B 186 2.10 -36.49 24.59
CA ILE B 186 2.01 -37.93 24.82
C ILE B 186 1.13 -38.58 23.76
N GLN B 187 0.01 -37.93 23.42
CA GLN B 187 -0.89 -38.51 22.42
C GLN B 187 -0.26 -38.50 21.04
N LEU B 188 0.56 -37.50 20.72
CA LEU B 188 1.30 -37.51 19.47
C LEU B 188 2.30 -38.66 19.43
N VAL B 189 2.96 -38.94 20.56
CA VAL B 189 3.85 -40.09 20.64
C VAL B 189 3.07 -41.39 20.49
N GLN B 190 1.88 -41.45 21.09
CA GLN B 190 1.03 -42.63 20.94
C GLN B 190 0.71 -42.90 19.47
N THR B 191 0.27 -41.86 18.75
CA THR B 191 -0.09 -42.03 17.35
C THR B 191 1.13 -42.41 16.51
N TYR B 192 2.26 -41.77 16.74
CA TYR B 192 3.48 -42.08 15.99
C TYR B 192 3.93 -43.52 16.23
N ASN B 193 3.92 -43.96 17.49
CA ASN B 193 4.31 -45.33 17.80
C ASN B 193 3.33 -46.33 17.23
N GLN B 194 2.06 -45.95 17.10
CA GLN B 194 1.08 -46.85 16.49
C GLN B 194 1.38 -47.06 15.02
N LEU B 195 1.75 -46.00 14.30
CA LEU B 195 2.08 -46.11 12.89
C LEU B 195 3.46 -46.72 12.64
N PHE B 196 4.36 -46.67 13.62
CA PHE B 196 5.74 -47.15 13.46
C PHE B 196 6.07 -48.05 14.66
N GLU B 197 5.58 -49.28 14.63
CA GLU B 197 5.90 -50.22 15.70
C GLU B 197 7.39 -50.55 15.72
N GLU B 198 7.98 -50.75 14.54
CA GLU B 198 9.38 -51.15 14.48
C GLU B 198 10.32 -50.02 14.90
N ASN B 199 9.89 -48.77 14.77
CA ASN B 199 10.70 -47.61 15.13
C ASN B 199 9.91 -46.74 16.12
N PRO B 200 9.88 -47.12 17.39
CA PRO B 200 9.19 -46.32 18.40
C PRO B 200 10.13 -45.30 19.04
N ILE B 201 9.53 -44.38 19.79
CA ILE B 201 10.26 -43.31 20.47
C ILE B 201 10.03 -43.44 21.97
N ASN B 202 11.12 -43.37 22.73
CA ASN B 202 11.06 -43.41 24.19
C ASN B 202 10.96 -41.98 24.69
N ALA B 203 9.75 -41.56 25.05
CA ALA B 203 9.49 -40.21 25.53
C ALA B 203 9.48 -40.11 27.05
N SER B 204 9.92 -41.16 27.75
CA SER B 204 9.95 -41.12 29.21
C SER B 204 11.03 -40.17 29.70
N GLY B 205 10.73 -39.46 30.79
CA GLY B 205 11.66 -38.49 31.33
C GLY B 205 11.75 -37.19 30.56
N VAL B 206 10.99 -37.04 29.47
CA VAL B 206 11.02 -35.83 28.66
C VAL B 206 10.00 -34.85 29.21
N ASP B 207 10.46 -33.66 29.61
CA ASP B 207 9.56 -32.63 30.14
C ASP B 207 9.04 -31.80 28.98
N ALA B 208 8.03 -32.33 28.31
CA ALA B 208 7.47 -31.66 27.13
C ALA B 208 6.85 -30.32 27.48
N LYS B 209 6.29 -30.19 28.70
CA LYS B 209 5.64 -28.95 29.10
C LYS B 209 6.65 -27.80 29.12
N ALA B 210 7.72 -27.94 29.90
CA ALA B 210 8.67 -26.85 30.04
C ALA B 210 9.44 -26.58 28.75
N ILE B 211 9.74 -27.64 27.99
CA ILE B 211 10.53 -27.46 26.77
C ILE B 211 9.73 -26.73 25.70
N LEU B 212 8.50 -27.18 25.46
CA LEU B 212 7.71 -26.61 24.38
C LEU B 212 7.08 -25.27 24.74
N SER B 213 6.72 -25.07 26.01
CA SER B 213 6.12 -23.82 26.46
C SER B 213 7.17 -22.81 26.92
N ALA B 214 8.45 -23.11 26.72
CA ALA B 214 9.51 -22.20 27.14
C ALA B 214 9.48 -20.93 26.31
N ARG B 215 9.87 -19.82 26.93
CA ARG B 215 9.93 -18.53 26.25
C ARG B 215 11.22 -18.51 25.41
N LEU B 216 11.15 -19.21 24.28
CA LEU B 216 12.28 -19.31 23.36
C LEU B 216 11.76 -19.39 21.94
N SER B 217 12.67 -19.25 20.98
CA SER B 217 12.30 -19.32 19.58
C SER B 217 11.83 -20.74 19.22
N LYS B 218 11.09 -20.82 18.11
CA LYS B 218 10.53 -22.11 17.69
C LYS B 218 11.64 -23.11 17.41
N SER B 219 12.66 -22.71 16.66
CA SER B 219 13.72 -23.64 16.30
C SER B 219 14.52 -24.08 17.52
N ARG B 220 14.74 -23.16 18.48
CA ARG B 220 15.48 -23.52 19.68
C ARG B 220 14.71 -24.57 20.49
N ARG B 221 13.40 -24.40 20.62
CA ARG B 221 12.60 -25.38 21.34
C ARG B 221 12.57 -26.71 20.60
N LEU B 222 12.55 -26.68 19.27
CA LEU B 222 12.63 -27.91 18.49
C LEU B 222 13.94 -28.64 18.76
N GLU B 223 15.05 -27.90 18.75
CA GLU B 223 16.35 -28.50 19.06
C GLU B 223 16.37 -29.03 20.49
N ASN B 224 15.77 -28.30 21.43
CA ASN B 224 15.80 -28.74 22.82
C ASN B 224 15.04 -30.05 23.00
N LEU B 225 13.87 -30.17 22.36
CA LEU B 225 13.09 -31.40 22.49
C LEU B 225 13.78 -32.56 21.80
N ILE B 226 14.29 -32.34 20.59
CA ILE B 226 14.96 -33.41 19.84
C ILE B 226 16.19 -33.89 20.60
N ALA B 227 16.89 -32.97 21.27
CA ALA B 227 18.07 -33.36 22.05
C ALA B 227 17.71 -34.34 23.15
N GLN B 228 16.46 -34.32 23.62
CA GLN B 228 16.01 -35.27 24.62
C GLN B 228 15.58 -36.60 24.03
N LEU B 229 15.72 -36.80 22.72
CA LEU B 229 15.31 -38.03 22.04
C LEU B 229 16.50 -38.59 21.28
N PRO B 230 17.26 -39.52 21.87
CA PRO B 230 18.41 -40.09 21.16
C PRO B 230 17.96 -40.96 19.99
N GLY B 231 18.76 -40.95 18.93
CA GLY B 231 18.41 -41.66 17.73
C GLY B 231 17.38 -40.99 16.86
N GLU B 232 16.87 -39.83 17.28
CA GLU B 232 15.95 -39.02 16.47
C GLU B 232 16.63 -37.71 16.13
N LYS B 233 16.41 -37.24 14.89
CA LYS B 233 16.98 -35.99 14.43
C LYS B 233 15.86 -35.02 14.09
N LYS B 234 16.18 -33.72 14.09
CA LYS B 234 15.15 -32.70 13.93
C LYS B 234 14.52 -32.76 12.54
N ASN B 235 15.22 -33.31 11.55
CA ASN B 235 14.70 -33.47 10.21
C ASN B 235 13.91 -34.77 10.03
N GLY B 236 13.86 -35.63 11.05
CA GLY B 236 13.07 -36.84 10.99
C GLY B 236 11.57 -36.53 11.00
N LEU B 237 10.80 -37.61 10.94
CA LEU B 237 9.34 -37.46 10.86
C LEU B 237 8.78 -36.86 12.14
N PHE B 238 9.13 -37.44 13.30
CA PHE B 238 8.66 -36.88 14.56
C PHE B 238 9.19 -35.47 14.77
N GLY B 239 10.42 -35.22 14.34
CA GLY B 239 10.96 -33.87 14.43
C GLY B 239 10.19 -32.88 13.58
N ASN B 240 9.81 -33.29 12.37
CA ASN B 240 9.01 -32.41 11.51
C ASN B 240 7.61 -32.19 12.08
N LEU B 241 7.03 -33.20 12.74
CA LEU B 241 5.75 -33.02 13.40
C LEU B 241 5.86 -32.00 14.53
N ILE B 242 6.91 -32.10 15.34
CA ILE B 242 7.12 -31.13 16.41
C ILE B 242 7.35 -29.75 15.82
N ALA B 243 8.10 -29.67 14.72
CA ALA B 243 8.34 -28.39 14.06
C ALA B 243 7.04 -27.80 13.54
N LEU B 244 6.16 -28.65 12.99
CA LEU B 244 4.84 -28.18 12.56
C LEU B 244 4.01 -27.70 13.74
N SER B 245 4.13 -28.37 14.89
CA SER B 245 3.40 -27.94 16.09
C SER B 245 3.91 -26.60 16.59
N LEU B 246 5.22 -26.37 16.49
CA LEU B 246 5.83 -25.12 16.95
C LEU B 246 5.58 -23.95 16.01
N GLY B 247 5.02 -24.20 14.83
CA GLY B 247 4.72 -23.15 13.89
C GLY B 247 5.72 -22.96 12.76
N LEU B 248 6.68 -23.88 12.61
CA LEU B 248 7.66 -23.78 11.53
C LEU B 248 7.04 -24.27 10.23
N THR B 249 7.85 -24.37 9.18
CA THR B 249 7.43 -24.86 7.87
C THR B 249 8.27 -26.09 7.52
N PRO B 250 7.95 -27.24 8.08
CA PRO B 250 8.71 -28.46 7.78
C PRO B 250 8.32 -29.05 6.42
N ASN B 251 9.29 -29.70 5.80
CA ASN B 251 9.12 -30.36 4.51
C ASN B 251 9.04 -31.86 4.73
N PHE B 252 7.85 -32.43 4.59
CA PHE B 252 7.63 -33.85 4.80
C PHE B 252 8.00 -34.71 3.58
N LYS B 253 8.64 -34.12 2.58
CA LYS B 253 8.98 -34.87 1.36
C LYS B 253 9.94 -36.01 1.67
N SER B 254 11.06 -35.70 2.34
CA SER B 254 12.06 -36.72 2.60
C SER B 254 11.58 -37.76 3.61
N ASN B 255 10.63 -37.40 4.47
CA ASN B 255 10.15 -38.34 5.48
C ASN B 255 9.47 -39.54 4.85
N PHE B 256 8.74 -39.33 3.75
CA PHE B 256 7.97 -40.38 3.11
C PHE B 256 8.51 -40.76 1.75
N ASP B 257 9.78 -40.43 1.47
CA ASP B 257 10.40 -40.71 0.17
C ASP B 257 9.57 -40.16 -0.98
N LEU B 258 8.87 -39.05 -0.71
CA LEU B 258 7.91 -38.49 -1.65
C LEU B 258 8.63 -37.93 -2.89
N ALA B 259 7.87 -37.89 -4.00
CA ALA B 259 8.43 -37.44 -5.27
C ALA B 259 8.85 -35.97 -5.20
N GLU B 260 7.91 -35.10 -4.85
CA GLU B 260 8.18 -33.67 -4.76
C GLU B 260 7.82 -33.16 -3.36
N ASP B 261 7.96 -31.85 -3.18
CA ASP B 261 7.87 -31.25 -1.85
C ASP B 261 6.46 -31.32 -1.29
N ALA B 262 6.37 -31.39 0.04
CA ALA B 262 5.12 -31.33 0.77
C ALA B 262 5.38 -30.49 2.03
N LYS B 263 5.68 -29.21 1.80
CA LYS B 263 5.87 -28.29 2.93
C LYS B 263 4.53 -27.95 3.55
N LEU B 264 4.49 -27.97 4.89
CA LEU B 264 3.26 -27.73 5.63
C LEU B 264 3.48 -26.62 6.65
N GLN B 265 2.57 -25.65 6.66
CA GLN B 265 2.53 -24.60 7.67
C GLN B 265 1.11 -24.49 8.19
N LEU B 266 0.95 -24.61 9.51
CA LEU B 266 -0.39 -24.58 10.10
C LEU B 266 -1.04 -23.21 10.00
N SER B 267 -0.29 -22.17 9.70
CA SER B 267 -0.83 -20.82 9.60
C SER B 267 -1.28 -20.44 8.18
N LYS B 268 -0.76 -21.11 7.16
CA LYS B 268 -1.11 -20.78 5.79
C LYS B 268 -2.57 -21.09 5.50
N ASP B 269 -3.16 -20.31 4.58
CA ASP B 269 -4.54 -20.55 4.18
C ASP B 269 -4.67 -21.87 3.43
N THR B 270 -3.63 -22.31 2.74
CA THR B 270 -3.69 -23.50 1.91
C THR B 270 -3.48 -24.80 2.68
N TYR B 271 -3.27 -24.73 3.99
CA TYR B 271 -2.94 -25.95 4.74
C TYR B 271 -4.06 -26.98 4.66
N ASP B 272 -5.31 -26.52 4.72
CA ASP B 272 -6.44 -27.44 4.63
C ASP B 272 -6.35 -28.30 3.37
N ASP B 273 -5.90 -27.70 2.26
CA ASP B 273 -5.63 -28.48 1.05
C ASP B 273 -4.24 -29.10 1.10
N ASP B 274 -3.24 -28.36 1.58
CA ASP B 274 -1.87 -28.86 1.61
C ASP B 274 -1.76 -30.16 2.40
N LEU B 275 -2.57 -30.32 3.45
CA LEU B 275 -2.57 -31.58 4.18
C LEU B 275 -3.28 -32.67 3.39
N ASP B 276 -4.50 -32.39 2.90
CA ASP B 276 -5.25 -33.37 2.14
C ASP B 276 -4.47 -33.85 0.93
N ASN B 277 -3.80 -32.92 0.24
CA ASN B 277 -2.98 -33.28 -0.91
C ASN B 277 -1.88 -34.27 -0.50
N LEU B 278 -1.19 -33.98 0.61
CA LEU B 278 -0.21 -34.92 1.13
C LEU B 278 -0.85 -36.25 1.51
N LEU B 279 -1.99 -36.19 2.19
CA LEU B 279 -2.70 -37.40 2.58
C LEU B 279 -3.17 -38.22 1.38
N ALA B 280 -3.27 -37.60 0.20
CA ALA B 280 -3.67 -38.35 -0.98
C ALA B 280 -2.56 -39.28 -1.46
N GLN B 281 -1.31 -38.97 -1.12
CA GLN B 281 -0.17 -39.74 -1.63
C GLN B 281 0.28 -40.84 -0.68
N ILE B 282 0.33 -40.57 0.62
CA ILE B 282 0.84 -41.54 1.59
C ILE B 282 -0.28 -42.29 2.31
N GLY B 283 -1.52 -41.93 2.08
CA GLY B 283 -2.64 -42.63 2.67
C GLY B 283 -3.33 -41.81 3.75
N ASP B 284 -4.54 -42.22 4.08
CA ASP B 284 -5.36 -41.54 5.07
C ASP B 284 -5.19 -42.11 6.47
N GLN B 285 -4.27 -43.05 6.66
CA GLN B 285 -3.96 -43.53 8.00
C GLN B 285 -2.91 -42.65 8.68
N TYR B 286 -2.29 -41.72 7.96
CA TYR B 286 -1.40 -40.73 8.54
C TYR B 286 -2.13 -39.44 8.91
N ALA B 287 -3.43 -39.34 8.62
CA ALA B 287 -4.18 -38.14 8.97
C ALA B 287 -4.27 -37.97 10.47
N ASP B 288 -4.45 -39.08 11.20
CA ASP B 288 -4.53 -39.02 12.66
C ASP B 288 -3.27 -38.39 13.24
N LEU B 289 -2.11 -38.68 12.65
CA LEU B 289 -0.85 -38.16 13.16
C LEU B 289 -0.76 -36.65 12.99
N PHE B 290 -1.08 -36.15 11.79
CA PHE B 290 -1.02 -34.71 11.55
C PHE B 290 -2.07 -33.94 12.34
N LEU B 291 -3.24 -34.55 12.57
CA LEU B 291 -4.24 -33.88 13.39
C LEU B 291 -3.84 -33.84 14.86
N ALA B 292 -3.13 -34.86 15.33
CA ALA B 292 -2.60 -34.82 16.69
C ALA B 292 -1.54 -33.73 16.83
N ALA B 293 -0.73 -33.54 15.79
CA ALA B 293 0.25 -32.46 15.80
C ALA B 293 -0.43 -31.09 15.81
N LYS B 294 -1.54 -30.97 15.08
CA LYS B 294 -2.28 -29.71 15.09
C LYS B 294 -2.84 -29.41 16.47
N ASN B 295 -3.37 -30.42 17.16
CA ASN B 295 -3.84 -30.23 18.52
C ASN B 295 -2.70 -29.77 19.42
N LEU B 296 -1.52 -30.35 19.26
CA LEU B 296 -0.36 -29.91 20.04
C LEU B 296 -0.03 -28.45 19.75
N SER B 297 -0.21 -28.02 18.50
CA SER B 297 0.03 -26.62 18.15
C SER B 297 -0.92 -25.71 18.91
N ASP B 298 -2.21 -26.08 18.98
CA ASP B 298 -3.17 -25.29 19.74
C ASP B 298 -2.76 -25.19 21.20
N ALA B 299 -2.27 -26.28 21.78
CA ALA B 299 -1.85 -26.25 23.17
C ALA B 299 -0.65 -25.32 23.38
N ILE B 300 0.31 -25.36 22.46
CA ILE B 300 1.49 -24.53 22.60
C ILE B 300 1.15 -23.05 22.43
N LEU B 301 0.24 -22.74 21.49
CA LEU B 301 -0.22 -21.36 21.35
C LEU B 301 -0.86 -20.86 22.63
N LEU B 302 -1.68 -21.69 23.28
CA LEU B 302 -2.33 -21.27 24.51
C LEU B 302 -1.34 -21.14 25.66
N SER B 303 -0.33 -22.02 25.71
CA SER B 303 0.67 -21.94 26.75
C SER B 303 1.52 -20.67 26.64
N ASP B 304 1.55 -20.05 25.46
CA ASP B 304 2.23 -18.76 25.32
C ASP B 304 1.53 -17.69 26.14
N ILE B 305 0.21 -17.77 26.26
CA ILE B 305 -0.57 -16.76 26.97
C ILE B 305 -0.80 -17.15 28.43
N LEU B 306 -1.21 -18.40 28.67
CA LEU B 306 -1.50 -18.87 30.01
C LEU B 306 -0.25 -19.57 30.56
N ARG B 307 0.43 -18.89 31.48
CA ARG B 307 1.68 -19.40 32.07
C ARG B 307 1.46 -19.86 33.52
N VAL B 308 0.32 -20.49 33.78
CA VAL B 308 -0.02 -20.98 35.11
C VAL B 308 -0.78 -22.28 34.96
N ASN B 309 -0.70 -23.13 35.99
CA ASN B 309 -1.43 -24.38 36.00
C ASN B 309 -2.92 -24.12 35.99
N THR B 310 -3.64 -24.74 35.05
CA THR B 310 -5.07 -24.53 34.86
C THR B 310 -5.93 -25.38 35.79
N GLU B 311 -5.33 -26.12 36.73
CA GLU B 311 -6.08 -26.95 37.65
C GLU B 311 -6.22 -26.34 39.03
N ILE B 312 -5.56 -25.21 39.29
CA ILE B 312 -5.73 -24.49 40.56
C ILE B 312 -6.69 -23.31 40.42
N THR B 313 -7.11 -22.97 39.21
CA THR B 313 -8.00 -21.83 39.00
C THR B 313 -8.64 -21.95 37.63
N LYS B 314 -9.87 -21.45 37.53
CA LYS B 314 -10.56 -21.33 36.25
C LYS B 314 -10.32 -19.98 35.59
N ALA B 315 -9.36 -19.20 36.08
CA ALA B 315 -9.01 -17.90 35.50
C ALA B 315 -7.51 -17.87 35.23
N PRO B 316 -7.03 -18.71 34.30
CA PRO B 316 -5.58 -18.77 34.07
C PRO B 316 -5.00 -17.48 33.51
N LEU B 317 -5.77 -16.71 32.76
CA LEU B 317 -5.28 -15.43 32.27
C LEU B 317 -5.05 -14.45 33.42
N SER B 318 -6.09 -14.21 34.22
CA SER B 318 -5.93 -13.32 35.37
C SER B 318 -4.86 -13.84 36.31
N ALA B 319 -4.77 -15.17 36.47
CA ALA B 319 -3.69 -15.74 37.28
C ALA B 319 -2.34 -15.39 36.71
N SER B 320 -2.20 -15.41 35.38
CA SER B 320 -0.92 -15.09 34.75
C SER B 320 -0.56 -13.62 34.93
N MET B 321 -1.56 -12.73 34.85
CA MET B 321 -1.32 -11.33 35.14
C MET B 321 -0.92 -11.12 36.59
N ILE B 322 -1.59 -11.82 37.51
CA ILE B 322 -1.21 -11.75 38.91
C ILE B 322 0.21 -12.30 39.12
N LYS B 323 0.59 -13.30 38.33
CA LYS B 323 1.97 -13.79 38.36
C LYS B 323 2.94 -12.71 37.90
N ARG B 324 2.57 -11.96 36.86
CA ARG B 324 3.36 -10.80 36.46
C ARG B 324 3.50 -9.81 37.60
N TYR B 325 2.39 -9.52 38.29
CA TYR B 325 2.42 -8.55 39.37
C TYR B 325 3.30 -9.02 40.52
N ASP B 326 3.13 -10.27 40.94
CA ASP B 326 3.90 -10.78 42.06
C ASP B 326 5.39 -10.80 41.76
N GLU B 327 5.77 -11.26 40.56
CA GLU B 327 7.19 -11.28 40.21
C GLU B 327 7.73 -9.86 40.06
N HIS B 328 6.91 -8.94 39.54
CA HIS B 328 7.28 -7.53 39.51
C HIS B 328 7.58 -7.01 40.92
N HIS B 329 6.70 -7.34 41.87
CA HIS B 329 6.90 -6.88 43.25
C HIS B 329 8.17 -7.48 43.85
N GLN B 330 8.35 -8.80 43.71
CA GLN B 330 9.53 -9.46 44.29
C GLN B 330 10.81 -8.92 43.67
N ASP B 331 10.84 -8.81 42.34
CA ASP B 331 12.05 -8.34 41.67
C ASP B 331 12.32 -6.87 41.95
N LEU B 332 11.28 -6.06 42.12
CA LEU B 332 11.50 -4.66 42.47
C LEU B 332 12.09 -4.53 43.87
N THR B 333 11.59 -5.32 44.82
CA THR B 333 12.15 -5.31 46.17
C THR B 333 13.61 -5.74 46.16
N LEU B 334 13.93 -6.80 45.40
CA LEU B 334 15.31 -7.25 45.31
C LEU B 334 16.19 -6.21 44.62
N LEU B 335 15.68 -5.60 43.56
CA LEU B 335 16.46 -4.60 42.83
C LEU B 335 16.71 -3.37 43.67
N LYS B 336 15.71 -2.92 44.43
CA LYS B 336 15.90 -1.79 45.32
C LYS B 336 16.96 -2.09 46.38
N ALA B 337 16.91 -3.28 46.97
CA ALA B 337 17.91 -3.67 47.97
C ALA B 337 19.30 -3.74 47.36
N LEU B 338 19.40 -4.31 46.16
CA LEU B 338 20.70 -4.42 45.50
C LEU B 338 21.29 -3.05 45.20
N VAL B 339 20.48 -2.14 44.65
CA VAL B 339 20.97 -0.81 44.30
C VAL B 339 21.32 -0.03 45.57
N ARG B 340 20.54 -0.22 46.64
CA ARG B 340 20.86 0.45 47.90
C ARG B 340 22.21 -0.01 48.45
N GLN B 341 22.51 -1.30 48.33
CA GLN B 341 23.74 -1.84 48.91
C GLN B 341 24.95 -1.53 48.03
N GLN B 342 24.85 -1.77 46.72
CA GLN B 342 26.02 -1.73 45.86
C GLN B 342 26.24 -0.35 45.21
N LEU B 343 25.20 0.24 44.63
CA LEU B 343 25.30 1.52 43.94
C LEU B 343 24.34 2.52 44.58
N PRO B 344 24.65 3.00 45.79
CA PRO B 344 23.70 3.89 46.49
C PRO B 344 23.54 5.25 45.85
N GLU B 345 24.53 5.71 45.08
CA GLU B 345 24.42 7.02 44.44
C GLU B 345 23.47 7.04 43.24
N LYS B 346 23.24 5.89 42.61
CA LYS B 346 22.36 5.81 41.45
C LYS B 346 20.90 5.59 41.82
N TYR B 347 20.58 5.44 43.10
CA TYR B 347 19.21 5.10 43.48
C TYR B 347 18.23 6.22 43.10
N LYS B 348 18.62 7.47 43.32
CA LYS B 348 17.72 8.58 43.02
C LYS B 348 17.45 8.68 41.53
N GLU B 349 18.49 8.52 40.70
CA GLU B 349 18.31 8.59 39.26
C GLU B 349 17.42 7.46 38.76
N ILE B 350 17.55 6.28 39.34
CA ILE B 350 16.81 5.11 38.86
C ILE B 350 15.34 5.18 39.28
N PHE B 351 15.07 5.56 40.53
CA PHE B 351 13.74 5.42 41.11
C PHE B 351 13.03 6.74 41.38
N PHE B 352 13.58 7.86 40.94
CA PHE B 352 12.96 9.16 41.16
C PHE B 352 12.93 10.07 39.94
N ASP B 353 13.79 9.85 38.94
CA ASP B 353 13.92 10.76 37.81
C ASP B 353 13.07 10.25 36.66
N GLN B 354 11.91 10.88 36.45
CA GLN B 354 11.05 10.51 35.34
C GLN B 354 11.69 10.80 34.00
N SER B 355 12.58 11.79 33.94
CA SER B 355 13.26 12.13 32.69
C SER B 355 14.20 11.02 32.25
N LYS B 356 14.73 10.25 33.19
CA LYS B 356 15.60 9.13 32.86
C LYS B 356 14.78 7.87 32.61
N ASN B 357 15.36 6.95 31.85
CA ASN B 357 14.69 5.72 31.47
C ASN B 357 14.82 4.62 32.52
N GLY B 358 14.98 4.99 33.79
CA GLY B 358 14.97 4.04 34.88
C GLY B 358 13.57 3.59 35.23
N TYR B 359 13.42 3.08 36.45
CA TYR B 359 12.10 2.63 36.90
C TYR B 359 11.14 3.80 37.05
N ALA B 360 11.65 4.98 37.40
CA ALA B 360 10.78 6.15 37.52
C ALA B 360 10.20 6.55 36.17
N GLY B 361 11.05 6.65 35.15
CA GLY B 361 10.55 6.92 33.81
C GLY B 361 9.74 5.77 33.25
N TYR B 362 10.05 4.54 33.65
CA TYR B 362 9.29 3.38 33.21
C TYR B 362 7.85 3.43 33.72
N ILE B 363 7.66 3.83 34.97
CA ILE B 363 6.32 3.86 35.56
C ILE B 363 5.66 5.22 35.35
N ASP B 364 6.36 6.30 35.65
CA ASP B 364 5.78 7.63 35.62
C ASP B 364 6.11 8.43 34.35
N GLY B 365 7.29 8.22 33.77
CA GLY B 365 7.69 8.97 32.59
C GLY B 365 7.13 8.39 31.30
N GLY B 366 7.88 8.58 30.22
CA GLY B 366 7.47 8.05 28.94
C GLY B 366 8.33 6.90 28.46
N ALA B 367 9.05 6.27 29.38
CA ALA B 367 9.92 5.15 29.04
C ALA B 367 9.11 3.89 28.81
N SER B 368 9.37 3.21 27.69
CA SER B 368 8.70 1.95 27.41
C SER B 368 9.44 0.81 28.10
N GLN B 369 8.83 -0.38 28.03
CA GLN B 369 9.48 -1.58 28.56
C GLN B 369 10.82 -1.83 27.88
N GLU B 370 10.87 -1.62 26.56
CA GLU B 370 12.11 -1.82 25.81
C GLU B 370 13.17 -0.80 26.21
N GLU B 371 12.78 0.47 26.35
CA GLU B 371 13.73 1.49 26.78
C GLU B 371 14.20 1.26 28.20
N PHE B 372 13.30 0.81 29.09
CA PHE B 372 13.69 0.51 30.45
C PHE B 372 14.67 -0.64 30.51
N TYR B 373 14.44 -1.68 29.70
CA TYR B 373 15.37 -2.80 29.66
C TYR B 373 16.74 -2.37 29.15
N LYS B 374 16.76 -1.51 28.12
CA LYS B 374 18.04 -1.03 27.59
C LYS B 374 18.76 -0.16 28.60
N PHE B 375 18.03 0.59 29.43
CA PHE B 375 18.66 1.47 30.40
C PHE B 375 19.23 0.69 31.57
N ILE B 376 18.55 -0.38 31.99
CA ILE B 376 18.92 -1.07 33.22
C ILE B 376 19.77 -2.31 32.99
N LYS B 377 19.89 -2.78 31.74
CA LYS B 377 20.74 -3.95 31.48
C LYS B 377 22.19 -3.74 31.88
N PRO B 378 22.86 -2.62 31.55
CA PRO B 378 24.23 -2.46 32.03
C PRO B 378 24.33 -2.28 33.53
N ILE B 379 23.28 -1.74 34.17
CA ILE B 379 23.30 -1.61 35.63
C ILE B 379 23.22 -2.98 36.28
N LEU B 380 22.40 -3.88 35.73
CA LEU B 380 22.34 -5.24 36.26
C LEU B 380 23.64 -5.99 35.98
N GLU B 381 24.25 -5.76 34.83
CA GLU B 381 25.53 -6.41 34.51
C GLU B 381 26.65 -5.87 35.40
N LYS B 382 26.54 -4.62 35.83
CA LYS B 382 27.58 -4.02 36.68
C LYS B 382 27.55 -4.56 38.11
N MET B 383 26.38 -4.97 38.58
CA MET B 383 26.20 -5.36 39.98
C MET B 383 26.24 -6.88 40.12
N ASP B 384 26.19 -7.33 41.37
CA ASP B 384 26.19 -8.74 41.71
C ASP B 384 24.80 -9.17 42.16
N GLY B 385 24.50 -10.46 41.97
CA GLY B 385 23.20 -10.98 42.33
C GLY B 385 22.08 -10.62 41.37
N THR B 386 22.42 -10.16 40.17
CA THR B 386 21.44 -9.77 39.17
C THR B 386 21.32 -10.78 38.04
N GLU B 387 21.77 -12.02 38.27
CA GLU B 387 21.80 -13.01 37.20
C GLU B 387 20.40 -13.43 36.79
N GLU B 388 19.54 -13.73 37.77
CA GLU B 388 18.17 -14.11 37.47
C GLU B 388 17.39 -12.94 36.86
N LEU B 389 17.64 -11.72 37.34
CA LEU B 389 17.00 -10.55 36.75
C LEU B 389 17.46 -10.34 35.32
N LEU B 390 18.73 -10.61 35.03
CA LEU B 390 19.24 -10.49 33.67
C LEU B 390 18.63 -11.54 32.76
N VAL B 391 18.44 -12.76 33.26
CA VAL B 391 17.78 -13.79 32.47
C VAL B 391 16.35 -13.39 32.15
N LYS B 392 15.63 -12.87 33.15
CA LYS B 392 14.28 -12.38 32.90
C LYS B 392 14.29 -11.21 31.92
N LEU B 393 15.32 -10.37 31.96
CA LEU B 393 15.40 -9.24 31.04
C LEU B 393 15.55 -9.71 29.60
N ASN B 394 16.54 -10.56 29.34
CA ASN B 394 16.76 -11.05 27.98
C ASN B 394 15.64 -11.94 27.49
N ARG B 395 14.80 -12.44 28.39
CA ARG B 395 13.56 -13.11 28.02
C ARG B 395 12.38 -12.15 27.89
N GLU B 396 12.62 -10.84 28.06
CA GLU B 396 11.57 -9.83 28.01
C GLU B 396 10.46 -10.16 29.01
N ASP B 397 10.85 -10.45 30.25
CA ASP B 397 9.92 -10.94 31.26
C ASP B 397 10.34 -10.44 32.65
N LEU B 398 10.81 -9.19 32.71
CA LEU B 398 11.28 -8.59 33.96
C LEU B 398 10.43 -7.36 34.28
N LEU B 399 9.96 -7.28 35.53
CA LEU B 399 9.24 -6.10 36.02
C LEU B 399 8.12 -5.71 35.07
N ARG B 400 7.42 -6.70 34.54
CA ARG B 400 6.42 -6.46 33.51
C ARG B 400 5.18 -5.81 34.10
N LYS B 401 4.51 -5.02 33.27
CA LYS B 401 3.19 -4.52 33.59
C LYS B 401 2.14 -5.54 33.12
N GLN B 402 0.88 -5.25 33.40
CA GLN B 402 -0.20 -6.12 32.96
C GLN B 402 -0.87 -5.63 31.69
N ARG B 403 -0.93 -4.32 31.47
CA ARG B 403 -1.44 -3.74 30.24
C ARG B 403 -0.25 -3.45 29.34
N THR B 404 0.00 -4.34 28.38
CA THR B 404 1.23 -4.29 27.58
C THR B 404 0.89 -4.47 26.11
N PHE B 405 1.92 -4.28 25.28
CA PHE B 405 1.74 -4.28 23.83
C PHE B 405 1.48 -5.69 23.29
N ASP B 406 2.00 -6.72 23.95
CA ASP B 406 1.86 -8.08 23.45
C ASP B 406 0.53 -8.73 23.83
N ASN B 407 -0.31 -8.07 24.62
CA ASN B 407 -1.60 -8.63 25.00
C ASN B 407 -2.53 -8.85 23.82
N GLY B 408 -2.15 -8.37 22.62
CA GLY B 408 -2.89 -8.68 21.41
C GLY B 408 -2.96 -10.16 21.09
N SER B 409 -2.16 -10.99 21.74
CA SER B 409 -2.24 -12.44 21.55
C SER B 409 -3.51 -13.04 22.15
N ILE B 410 -4.11 -12.37 23.13
CA ILE B 410 -5.22 -12.92 23.91
C ILE B 410 -6.47 -13.07 23.06
N PRO B 411 -6.96 -14.29 22.83
CA PRO B 411 -8.24 -14.46 22.14
C PRO B 411 -9.41 -14.08 23.04
N HIS B 412 -10.53 -13.73 22.41
CA HIS B 412 -11.69 -13.34 23.18
C HIS B 412 -12.30 -14.50 23.96
N GLN B 413 -12.05 -15.74 23.53
CA GLN B 413 -12.61 -16.88 24.24
C GLN B 413 -12.11 -16.95 25.68
N ILE B 414 -10.91 -16.46 25.95
CA ILE B 414 -10.36 -16.53 27.30
C ILE B 414 -11.07 -15.53 28.22
N HIS B 415 -11.19 -14.27 27.78
CA HIS B 415 -12.02 -13.32 28.51
C HIS B 415 -13.44 -13.84 28.66
N LEU B 416 -13.98 -14.48 27.61
CA LEU B 416 -15.30 -15.05 27.69
C LEU B 416 -15.38 -16.13 28.75
N GLY B 417 -14.34 -16.96 28.87
CA GLY B 417 -14.34 -18.02 29.87
C GLY B 417 -14.40 -17.47 31.29
N GLU B 418 -13.65 -16.40 31.56
CA GLU B 418 -13.69 -15.78 32.88
C GLU B 418 -15.03 -15.06 33.10
N LEU B 419 -15.52 -14.37 32.08
CA LEU B 419 -16.83 -13.72 32.18
C LEU B 419 -17.92 -14.74 32.47
N HIS B 420 -17.93 -15.86 31.74
CA HIS B 420 -18.91 -16.90 31.98
C HIS B 420 -18.78 -17.46 33.40
N ALA B 421 -17.55 -17.63 33.88
CA ALA B 421 -17.35 -18.18 35.20
C ALA B 421 -17.87 -17.25 36.29
N ILE B 422 -17.61 -15.95 36.16
CA ILE B 422 -18.12 -14.97 37.12
C ILE B 422 -19.64 -14.96 37.12
N LEU B 423 -20.24 -15.03 35.92
CA LEU B 423 -21.70 -15.06 35.82
C LEU B 423 -22.26 -16.32 36.48
N ARG B 424 -21.61 -17.47 36.26
CA ARG B 424 -22.08 -18.70 36.90
C ARG B 424 -21.95 -18.61 38.42
N ARG B 425 -20.89 -17.96 38.90
CA ARG B 425 -20.71 -17.81 40.34
C ARG B 425 -21.80 -16.93 40.95
N GLN B 426 -22.02 -15.74 40.36
CA GLN B 426 -22.84 -14.72 41.02
C GLN B 426 -24.30 -14.77 40.64
N GLU B 427 -24.69 -15.52 39.60
CA GLU B 427 -26.11 -15.66 39.30
C GLU B 427 -26.85 -16.41 40.40
N ASP B 428 -26.13 -17.13 41.26
CA ASP B 428 -26.77 -17.81 42.38
C ASP B 428 -27.29 -16.84 43.43
N PHE B 429 -26.83 -15.59 43.42
CA PHE B 429 -27.28 -14.60 44.38
C PHE B 429 -28.05 -13.45 43.76
N TYR B 430 -27.89 -13.20 42.46
CA TYR B 430 -28.59 -12.11 41.78
C TYR B 430 -29.43 -12.67 40.64
N PRO B 431 -30.76 -12.73 40.79
CA PRO B 431 -31.59 -13.35 39.73
C PRO B 431 -31.43 -12.69 38.36
N PHE B 432 -31.20 -11.38 38.31
CA PHE B 432 -31.08 -10.72 37.01
C PHE B 432 -29.81 -11.11 36.29
N LEU B 433 -28.80 -11.59 37.01
CA LEU B 433 -27.61 -12.13 36.36
C LEU B 433 -27.90 -13.47 35.70
N LYS B 434 -28.73 -14.30 36.34
CA LYS B 434 -29.13 -15.56 35.72
C LYS B 434 -29.97 -15.31 34.47
N ASP B 435 -30.95 -14.41 34.57
CA ASP B 435 -31.80 -14.10 33.42
C ASP B 435 -31.03 -13.43 32.29
N ASN B 436 -30.00 -12.66 32.61
CA ASN B 436 -29.25 -11.92 31.60
C ASN B 436 -27.84 -12.48 31.39
N ARG B 437 -27.61 -13.74 31.72
CA ARG B 437 -26.27 -14.32 31.55
C ARG B 437 -25.89 -14.39 30.08
N GLU B 438 -26.76 -14.97 29.25
CA GLU B 438 -26.47 -15.06 27.82
C GLU B 438 -26.47 -13.69 27.15
N LYS B 439 -27.27 -12.76 27.65
CA LYS B 439 -27.24 -11.40 27.13
C LYS B 439 -25.85 -10.79 27.30
N ILE B 440 -25.29 -10.89 28.50
CA ILE B 440 -23.97 -10.31 28.76
C ILE B 440 -22.90 -11.04 27.97
N GLU B 441 -23.01 -12.37 27.86
CA GLU B 441 -22.08 -13.13 27.03
C GLU B 441 -22.14 -12.68 25.59
N LYS B 442 -23.34 -12.40 25.08
CA LYS B 442 -23.49 -11.94 23.71
C LYS B 442 -22.89 -10.54 23.53
N ILE B 443 -22.98 -9.71 24.57
CA ILE B 443 -22.36 -8.39 24.52
C ILE B 443 -20.86 -8.51 24.30
N LEU B 444 -20.24 -9.54 24.88
CA LEU B 444 -18.80 -9.72 24.68
C LEU B 444 -18.51 -10.38 23.34
N THR B 445 -19.31 -11.37 22.94
CA THR B 445 -18.93 -12.17 21.79
C THR B 445 -19.37 -11.55 20.47
N PHE B 446 -20.42 -10.74 20.46
CA PHE B 446 -21.00 -10.32 19.21
C PHE B 446 -20.05 -9.44 18.40
N ARG B 447 -19.99 -9.71 17.10
CA ARG B 447 -19.23 -8.92 16.14
C ARG B 447 -20.15 -8.59 14.98
N ILE B 448 -20.11 -7.33 14.53
CA ILE B 448 -20.78 -6.98 13.28
C ILE B 448 -19.96 -7.64 12.17
N PRO B 449 -20.55 -8.49 11.33
CA PRO B 449 -19.78 -9.14 10.28
C PRO B 449 -19.23 -8.14 9.29
N TYR B 450 -18.03 -8.45 8.74
CA TYR B 450 -17.43 -7.58 7.74
C TYR B 450 -18.31 -7.46 6.50
N TYR B 451 -19.14 -8.47 6.23
CA TYR B 451 -20.00 -8.45 5.05
C TYR B 451 -21.33 -7.73 5.29
N VAL B 452 -21.57 -7.25 6.50
CA VAL B 452 -22.76 -6.48 6.82
C VAL B 452 -22.50 -4.98 6.76
N GLY B 453 -21.39 -4.52 7.33
CA GLY B 453 -21.05 -3.12 7.29
C GLY B 453 -21.82 -2.30 8.32
N PRO B 454 -21.72 -0.98 8.21
CA PRO B 454 -22.38 -0.11 9.19
C PRO B 454 -23.88 -0.35 9.25
N LEU B 455 -24.43 -0.32 10.45
CA LEU B 455 -25.86 -0.57 10.68
C LEU B 455 -26.63 0.75 10.51
N ALA B 456 -26.61 1.24 9.28
CA ALA B 456 -27.15 2.55 8.97
C ALA B 456 -28.64 2.48 8.65
N ARG B 457 -29.23 3.66 8.44
CA ARG B 457 -30.66 3.80 8.14
C ARG B 457 -30.84 4.94 7.15
N GLY B 458 -30.12 4.85 6.03
CA GLY B 458 -30.31 5.76 4.92
C GLY B 458 -29.50 7.04 4.97
N ASN B 459 -28.45 7.11 5.81
CA ASN B 459 -27.65 8.32 5.88
C ASN B 459 -26.16 8.03 5.91
N SER B 460 -25.72 6.88 5.42
CA SER B 460 -24.31 6.53 5.30
C SER B 460 -24.03 6.14 3.87
N ARG B 461 -23.12 6.87 3.21
CA ARG B 461 -22.71 6.52 1.87
C ARG B 461 -21.84 5.28 1.81
N PHE B 462 -21.49 4.70 2.97
CA PHE B 462 -20.68 3.49 3.03
C PHE B 462 -21.49 2.23 3.27
N ALA B 463 -22.75 2.34 3.66
CA ALA B 463 -23.52 1.20 4.12
C ALA B 463 -24.25 0.51 2.96
N TRP B 464 -24.49 -0.79 3.14
CA TRP B 464 -25.26 -1.59 2.20
C TRP B 464 -26.23 -2.54 2.89
N MET B 465 -26.25 -2.57 4.22
CA MET B 465 -27.05 -3.53 4.96
C MET B 465 -28.53 -3.31 4.72
N THR B 466 -29.28 -4.42 4.64
CA THR B 466 -30.72 -4.39 4.58
C THR B 466 -31.30 -5.11 5.78
N ARG B 467 -32.39 -4.59 6.32
CA ARG B 467 -32.99 -5.10 7.53
C ARG B 467 -34.19 -6.00 7.20
N LYS B 468 -34.43 -6.98 8.07
CA LYS B 468 -35.64 -7.80 7.96
C LYS B 468 -36.83 -7.12 8.63
N SER B 469 -36.58 -6.26 9.62
CA SER B 469 -37.64 -5.50 10.27
C SER B 469 -37.07 -4.15 10.67
N GLU B 470 -37.94 -3.13 10.68
CA GLU B 470 -37.52 -1.76 10.98
C GLU B 470 -37.57 -1.56 12.49
N GLU B 471 -36.43 -1.79 13.13
CA GLU B 471 -36.29 -1.57 14.56
C GLU B 471 -34.81 -1.49 14.91
N THR B 472 -34.52 -0.97 16.09
CA THR B 472 -33.15 -0.77 16.52
C THR B 472 -32.42 -2.10 16.64
N ILE B 473 -31.23 -2.17 16.08
CA ILE B 473 -30.44 -3.39 16.08
C ILE B 473 -29.62 -3.46 17.35
N THR B 474 -29.68 -4.61 18.03
CA THR B 474 -28.92 -4.85 19.25
C THR B 474 -28.07 -6.10 19.04
N PRO B 475 -27.12 -6.39 19.93
CA PRO B 475 -26.37 -7.65 19.79
C PRO B 475 -27.23 -8.90 19.92
N TRP B 476 -28.41 -8.78 20.54
CA TRP B 476 -29.25 -9.94 20.81
C TRP B 476 -30.31 -10.20 19.74
N ASN B 477 -30.67 -9.19 18.94
CA ASN B 477 -31.68 -9.33 17.90
C ASN B 477 -31.09 -9.22 16.50
N PHE B 478 -29.76 -9.36 16.37
CA PHE B 478 -29.11 -9.10 15.09
C PHE B 478 -29.59 -10.06 14.01
N GLU B 479 -29.62 -11.36 14.31
CA GLU B 479 -30.08 -12.35 13.34
C GLU B 479 -31.51 -12.11 12.90
N GLU B 480 -32.34 -11.58 13.79
CA GLU B 480 -33.75 -11.37 13.47
C GLU B 480 -33.97 -10.09 12.66
N VAL B 481 -33.25 -9.02 13.01
CA VAL B 481 -33.48 -7.73 12.37
C VAL B 481 -32.67 -7.59 11.09
N VAL B 482 -31.43 -8.06 11.08
CA VAL B 482 -30.56 -7.91 9.93
C VAL B 482 -30.73 -9.10 9.00
N ASP B 483 -30.94 -8.82 7.71
CA ASP B 483 -30.93 -9.85 6.67
C ASP B 483 -29.47 -10.10 6.31
N LYS B 484 -28.88 -11.12 6.93
CA LYS B 484 -27.46 -11.40 6.70
C LYS B 484 -27.23 -11.92 5.28
N GLY B 485 -28.17 -12.72 4.76
CA GLY B 485 -28.00 -13.25 3.42
C GLY B 485 -28.00 -12.16 2.36
N ALA B 486 -29.02 -11.30 2.38
CA ALA B 486 -29.09 -10.21 1.42
C ALA B 486 -27.92 -9.23 1.61
N SER B 487 -27.54 -8.98 2.85
CA SER B 487 -26.45 -8.05 3.12
C SER B 487 -25.12 -8.57 2.57
N ALA B 488 -24.84 -9.86 2.80
CA ALA B 488 -23.58 -10.42 2.30
C ALA B 488 -23.59 -10.52 0.79
N GLN B 489 -24.74 -10.85 0.20
CA GLN B 489 -24.84 -10.86 -1.25
C GLN B 489 -24.63 -9.47 -1.83
N SER B 490 -25.18 -8.44 -1.19
CA SER B 490 -24.95 -7.07 -1.64
C SER B 490 -23.50 -6.68 -1.47
N PHE B 491 -22.84 -7.15 -0.41
CA PHE B 491 -21.44 -6.84 -0.19
C PHE B 491 -20.58 -7.30 -1.36
N ILE B 492 -20.84 -8.49 -1.89
CA ILE B 492 -20.07 -8.99 -3.03
C ILE B 492 -20.54 -8.35 -4.32
N GLU B 493 -21.86 -8.33 -4.56
CA GLU B 493 -22.41 -7.88 -5.83
C GLU B 493 -22.21 -6.39 -6.08
N ARG B 494 -21.88 -5.61 -5.05
CA ARG B 494 -21.51 -4.21 -5.26
C ARG B 494 -20.04 -4.05 -5.63
N MET B 495 -19.24 -5.12 -5.56
CA MET B 495 -17.85 -5.08 -5.95
C MET B 495 -17.55 -5.74 -7.29
N THR B 496 -18.39 -6.66 -7.74
CA THR B 496 -18.10 -7.46 -8.92
C THR B 496 -18.61 -6.79 -10.18
N ASN B 497 -17.89 -6.99 -11.28
CA ASN B 497 -18.32 -6.53 -12.58
C ASN B 497 -19.44 -7.40 -13.12
N PHE B 498 -20.28 -6.80 -13.95
CA PHE B 498 -21.20 -7.57 -14.77
C PHE B 498 -20.48 -8.07 -16.02
N ASP B 499 -21.13 -8.98 -16.74
CA ASP B 499 -20.60 -9.43 -18.03
C ASP B 499 -20.55 -8.25 -18.99
N LYS B 500 -19.37 -7.95 -19.52
CA LYS B 500 -19.25 -6.80 -20.41
C LYS B 500 -19.97 -7.05 -21.73
N ASN B 501 -20.14 -8.31 -22.12
CA ASN B 501 -20.89 -8.61 -23.35
C ASN B 501 -22.39 -8.53 -23.12
N LEU B 502 -22.86 -8.97 -21.95
CA LEU B 502 -24.26 -8.91 -21.54
C LEU B 502 -24.31 -8.13 -20.24
N PRO B 503 -24.40 -6.79 -20.32
CA PRO B 503 -24.18 -5.95 -19.12
C PRO B 503 -25.23 -6.10 -18.04
N ASN B 504 -26.36 -6.76 -18.29
CA ASN B 504 -27.35 -7.01 -17.25
C ASN B 504 -27.21 -8.39 -16.63
N GLU B 505 -26.15 -9.13 -16.96
CA GLU B 505 -25.97 -10.50 -16.52
C GLU B 505 -24.79 -10.60 -15.56
N LYS B 506 -24.99 -11.28 -14.44
CA LYS B 506 -23.90 -11.48 -13.50
C LYS B 506 -22.90 -12.49 -14.05
N VAL B 507 -21.63 -12.31 -13.70
CA VAL B 507 -20.60 -13.25 -14.13
C VAL B 507 -20.66 -14.50 -13.27
N LEU B 508 -20.15 -15.61 -13.83
CA LEU B 508 -20.11 -16.86 -13.11
C LEU B 508 -19.02 -16.88 -12.06
N PRO B 509 -19.15 -17.72 -11.03
CA PRO B 509 -18.00 -17.99 -10.16
C PRO B 509 -16.84 -18.52 -10.98
N LYS B 510 -15.63 -18.06 -10.62
CA LYS B 510 -14.42 -18.49 -11.33
C LYS B 510 -14.22 -19.99 -11.27
N HIS B 511 -14.61 -20.61 -10.15
CA HIS B 511 -14.47 -22.05 -9.97
C HIS B 511 -15.75 -22.82 -10.32
N SER B 512 -16.71 -22.16 -10.95
CA SER B 512 -17.90 -22.85 -11.45
C SER B 512 -17.54 -23.93 -12.47
N LEU B 513 -18.31 -25.02 -12.45
CA LEU B 513 -18.05 -26.14 -13.34
C LEU B 513 -18.27 -25.76 -14.80
N LEU B 514 -19.37 -25.05 -15.08
CA LEU B 514 -19.63 -24.55 -16.43
C LEU B 514 -18.48 -23.68 -16.92
N TYR B 515 -17.95 -22.81 -16.05
CA TYR B 515 -16.90 -21.90 -16.49
C TYR B 515 -15.63 -22.66 -16.84
N GLU B 516 -15.26 -23.64 -16.00
CA GLU B 516 -14.06 -24.40 -16.27
C GLU B 516 -14.22 -25.27 -17.51
N TYR B 517 -15.43 -25.82 -17.74
CA TYR B 517 -15.70 -26.49 -19.01
C TYR B 517 -15.44 -25.56 -20.18
N PHE B 518 -15.99 -24.34 -20.10
CA PHE B 518 -15.78 -23.34 -21.14
C PHE B 518 -14.29 -23.09 -21.39
N THR B 519 -13.52 -22.86 -20.31
CA THR B 519 -12.11 -22.55 -20.48
C THR B 519 -11.35 -23.71 -21.11
N VAL B 520 -11.68 -24.95 -20.72
CA VAL B 520 -10.98 -26.11 -21.25
C VAL B 520 -11.30 -26.30 -22.72
N TYR B 521 -12.59 -26.21 -23.08
CA TYR B 521 -12.97 -26.41 -24.47
C TYR B 521 -12.47 -25.29 -25.36
N ASN B 522 -12.47 -24.05 -24.85
CA ASN B 522 -11.93 -22.93 -25.62
C ASN B 522 -10.47 -23.17 -25.97
N GLU B 523 -9.67 -23.61 -25.00
CA GLU B 523 -8.26 -23.89 -25.28
C GLU B 523 -8.12 -25.12 -26.17
N LEU B 524 -8.91 -26.17 -25.90
CA LEU B 524 -8.72 -27.43 -26.59
C LEU B 524 -9.17 -27.35 -28.05
N THR B 525 -10.10 -26.45 -28.37
CA THR B 525 -10.60 -26.36 -29.73
C THR B 525 -9.57 -25.81 -30.71
N LYS B 526 -8.51 -25.17 -30.22
CA LYS B 526 -7.45 -24.67 -31.08
C LYS B 526 -6.19 -25.53 -31.03
N VAL B 527 -6.30 -26.75 -30.51
CA VAL B 527 -5.20 -27.71 -30.60
C VAL B 527 -5.18 -28.32 -32.00
N LYS B 528 -3.99 -28.48 -32.56
CA LYS B 528 -3.81 -29.16 -33.84
C LYS B 528 -2.75 -30.24 -33.71
N TYR B 529 -2.86 -31.26 -34.56
CA TYR B 529 -1.93 -32.39 -34.51
C TYR B 529 -1.62 -32.86 -35.92
N VAL B 530 -0.40 -33.38 -36.10
CA VAL B 530 0.03 -34.00 -37.35
C VAL B 530 0.64 -35.35 -37.04
N THR B 531 0.44 -36.30 -37.95
CA THR B 531 1.18 -37.56 -37.93
C THR B 531 1.83 -37.78 -39.30
N GLU B 532 2.32 -38.99 -39.56
CA GLU B 532 3.07 -39.25 -40.79
C GLU B 532 2.17 -39.16 -42.02
N GLY B 533 1.15 -40.03 -42.09
CA GLY B 533 0.30 -40.08 -43.27
C GLY B 533 -0.55 -38.84 -43.51
N MET B 534 -0.61 -37.93 -42.54
CA MET B 534 -1.45 -36.75 -42.69
C MET B 534 -0.78 -35.72 -43.57
N ARG B 535 -1.58 -35.08 -44.43
CA ARG B 535 -1.07 -34.07 -45.35
C ARG B 535 -0.82 -32.74 -44.64
N LYS B 536 -1.64 -32.40 -43.66
CA LYS B 536 -1.53 -31.13 -42.95
C LYS B 536 -2.09 -31.34 -41.55
N PRO B 537 -1.72 -30.48 -40.60
CA PRO B 537 -2.31 -30.58 -39.25
C PRO B 537 -3.82 -30.42 -39.29
N ALA B 538 -4.50 -31.13 -38.40
CA ALA B 538 -5.95 -31.10 -38.32
C ALA B 538 -6.40 -30.71 -36.92
N PHE B 539 -7.55 -30.03 -36.85
CA PHE B 539 -8.20 -29.78 -35.59
C PHE B 539 -8.67 -31.10 -34.96
N LEU B 540 -9.03 -31.01 -33.68
CA LEU B 540 -9.68 -32.12 -33.01
C LEU B 540 -11.17 -32.08 -33.30
N SER B 541 -11.75 -33.22 -33.64
CA SER B 541 -13.18 -33.29 -33.86
C SER B 541 -13.92 -33.21 -32.53
N GLY B 542 -15.24 -33.02 -32.61
CA GLY B 542 -16.05 -33.02 -31.40
C GLY B 542 -15.94 -34.31 -30.62
N GLU B 543 -15.89 -35.46 -31.32
CA GLU B 543 -15.74 -36.73 -30.63
C GLU B 543 -14.35 -36.86 -30.02
N GLN B 544 -13.34 -36.34 -30.70
CA GLN B 544 -11.98 -36.39 -30.15
C GLN B 544 -11.85 -35.53 -28.89
N LYS B 545 -12.41 -34.32 -28.90
CA LYS B 545 -12.34 -33.46 -27.73
C LYS B 545 -13.17 -34.03 -26.57
N LYS B 546 -14.32 -34.61 -26.88
CA LYS B 546 -15.12 -35.27 -25.85
C LYS B 546 -14.35 -36.42 -25.21
N ALA B 547 -13.64 -37.20 -26.03
CA ALA B 547 -12.87 -38.32 -25.49
C ALA B 547 -11.68 -37.83 -24.66
N ILE B 548 -11.05 -36.74 -25.09
CA ILE B 548 -9.93 -36.19 -24.34
C ILE B 548 -10.41 -35.64 -23.00
N VAL B 549 -11.59 -35.00 -22.98
CA VAL B 549 -12.13 -34.48 -21.72
C VAL B 549 -12.47 -35.63 -20.78
N ASP B 550 -13.14 -36.67 -21.28
CA ASP B 550 -13.55 -37.76 -20.41
C ASP B 550 -12.37 -38.59 -19.93
N LEU B 551 -11.38 -38.83 -20.80
CA LEU B 551 -10.29 -39.73 -20.47
C LEU B 551 -9.11 -39.05 -19.77
N LEU B 552 -8.88 -37.76 -20.03
CA LEU B 552 -7.73 -37.06 -19.46
C LEU B 552 -8.15 -35.99 -18.46
N PHE B 553 -8.98 -35.02 -18.88
CA PHE B 553 -9.31 -33.90 -18.01
C PHE B 553 -10.17 -34.33 -16.83
N LYS B 554 -11.02 -35.33 -17.01
CA LYS B 554 -11.85 -35.84 -15.94
C LYS B 554 -11.17 -36.90 -15.09
N THR B 555 -9.93 -37.27 -15.41
CA THR B 555 -9.16 -38.20 -14.60
C THR B 555 -7.87 -37.59 -14.05
N ASN B 556 -7.45 -36.42 -14.53
CA ASN B 556 -6.25 -35.76 -14.03
C ASN B 556 -6.56 -34.29 -13.78
N ARG B 557 -6.05 -33.77 -12.66
CA ARG B 557 -6.22 -32.35 -12.36
C ARG B 557 -5.55 -31.49 -13.42
N LYS B 558 -4.37 -31.91 -13.89
CA LYS B 558 -3.67 -31.23 -14.98
C LYS B 558 -3.39 -32.23 -16.08
N VAL B 559 -3.50 -31.78 -17.32
CA VAL B 559 -3.28 -32.62 -18.50
C VAL B 559 -2.06 -32.08 -19.23
N THR B 560 -0.99 -32.86 -19.25
CA THR B 560 0.23 -32.48 -19.95
C THR B 560 0.17 -32.92 -21.41
N VAL B 561 1.07 -32.35 -22.22
CA VAL B 561 1.15 -32.75 -23.62
C VAL B 561 1.60 -34.20 -23.74
N LYS B 562 2.48 -34.64 -22.83
CA LYS B 562 2.91 -36.04 -22.84
C LYS B 562 1.72 -36.98 -22.66
N GLN B 563 0.84 -36.67 -21.71
CA GLN B 563 -0.36 -37.47 -21.50
C GLN B 563 -1.26 -37.43 -22.73
N LEU B 564 -1.31 -36.29 -23.42
CA LEU B 564 -2.12 -36.19 -24.62
C LEU B 564 -1.58 -37.11 -25.71
N LYS B 565 -0.25 -37.13 -25.89
CA LYS B 565 0.35 -37.97 -26.93
C LYS B 565 0.26 -39.45 -26.59
N GLU B 566 0.36 -39.80 -25.31
CA GLU B 566 0.46 -41.20 -24.90
C GLU B 566 -0.88 -41.78 -24.46
N ASP B 567 -1.58 -41.11 -23.54
CA ASP B 567 -2.83 -41.64 -23.00
C ASP B 567 -4.01 -41.47 -23.96
N TYR B 568 -3.90 -40.65 -25.00
CA TYR B 568 -4.95 -40.56 -26.01
C TYR B 568 -4.44 -40.99 -27.39
N PHE B 569 -3.52 -40.24 -27.99
CA PHE B 569 -3.17 -40.50 -29.39
C PHE B 569 -2.54 -41.88 -29.57
N LYS B 570 -1.80 -42.36 -28.58
CA LYS B 570 -1.30 -43.74 -28.65
C LYS B 570 -2.38 -44.73 -28.24
N LYS B 571 -3.03 -44.49 -27.10
CA LYS B 571 -3.95 -45.48 -26.54
C LYS B 571 -5.21 -45.61 -27.40
N ILE B 572 -5.69 -44.51 -27.97
CA ILE B 572 -6.93 -44.53 -28.74
C ILE B 572 -6.65 -44.55 -30.25
N GLU B 573 -5.85 -43.60 -30.74
CA GLU B 573 -5.60 -43.46 -32.17
C GLU B 573 -4.48 -44.36 -32.68
N CYS B 574 -3.76 -45.05 -31.79
CA CYS B 574 -2.65 -45.93 -32.16
C CYS B 574 -1.58 -45.17 -32.94
N PHE B 575 -1.17 -44.01 -32.42
CA PHE B 575 -0.10 -43.22 -32.99
C PHE B 575 1.14 -43.37 -32.12
N ASP B 576 2.26 -43.73 -32.75
CA ASP B 576 3.54 -43.78 -32.05
C ASP B 576 4.23 -42.43 -32.03
N SER B 577 3.96 -41.58 -33.02
CA SER B 577 4.52 -40.24 -33.06
C SER B 577 3.43 -39.27 -33.51
N VAL B 578 3.36 -38.12 -32.84
CA VAL B 578 2.39 -37.08 -33.19
C VAL B 578 2.95 -35.74 -32.77
N GLU B 579 2.72 -34.73 -33.60
CA GLU B 579 3.19 -33.37 -33.36
C GLU B 579 2.00 -32.50 -32.95
N ILE B 580 2.07 -31.90 -31.76
CA ILE B 580 0.98 -31.13 -31.19
C ILE B 580 1.32 -29.65 -31.28
N SER B 581 0.32 -28.83 -31.58
CA SER B 581 0.45 -27.38 -31.56
C SER B 581 -0.78 -26.79 -30.86
N GLY B 582 -0.64 -25.54 -30.43
CA GLY B 582 -1.69 -24.85 -29.71
C GLY B 582 -1.63 -25.01 -28.21
N VAL B 583 -0.69 -25.81 -27.69
CA VAL B 583 -0.49 -25.99 -26.27
C VAL B 583 0.97 -26.38 -26.05
N GLU B 584 1.56 -25.89 -24.96
CA GLU B 584 2.96 -26.14 -24.66
C GLU B 584 3.08 -26.73 -23.27
N ASP B 585 3.85 -27.81 -23.15
CA ASP B 585 4.12 -28.50 -21.89
C ASP B 585 2.86 -29.13 -21.28
N ARG B 586 1.89 -28.30 -20.89
CA ARG B 586 0.65 -28.80 -20.33
C ARG B 586 -0.47 -27.79 -20.58
N PHE B 587 -1.70 -28.27 -20.50
CA PHE B 587 -2.84 -27.40 -20.73
C PHE B 587 -2.99 -26.39 -19.60
N ASN B 588 -3.29 -25.15 -19.98
CA ASN B 588 -3.48 -24.11 -18.98
C ASN B 588 -4.80 -24.30 -18.23
N ALA B 589 -5.89 -24.48 -18.96
CA ALA B 589 -7.17 -24.68 -18.31
C ALA B 589 -7.26 -26.11 -17.74
N SER B 590 -8.13 -26.26 -16.75
CA SER B 590 -8.27 -27.54 -16.07
C SER B 590 -9.61 -27.59 -15.36
N LEU B 591 -10.04 -28.80 -15.02
CA LEU B 591 -11.30 -29.02 -14.35
C LEU B 591 -11.04 -29.28 -12.86
N GLY B 592 -10.57 -28.24 -12.18
CA GLY B 592 -10.20 -28.37 -10.79
C GLY B 592 -11.39 -28.58 -9.87
N THR B 593 -12.46 -27.83 -10.10
CA THR B 593 -13.67 -28.00 -9.30
C THR B 593 -14.25 -29.40 -9.48
N TYR B 594 -14.15 -29.95 -10.69
CA TYR B 594 -14.66 -31.29 -10.94
C TYR B 594 -13.98 -32.31 -10.04
N HIS B 595 -12.65 -32.21 -9.88
CA HIS B 595 -11.94 -33.12 -9.01
C HIS B 595 -12.14 -32.80 -7.54
N ASP B 596 -12.33 -31.54 -7.19
CA ASP B 596 -12.66 -31.19 -5.81
C ASP B 596 -13.96 -31.86 -5.40
N LEU B 597 -15.02 -31.68 -6.21
CA LEU B 597 -16.31 -32.27 -5.89
C LEU B 597 -16.27 -33.79 -6.01
N LEU B 598 -15.42 -34.31 -6.89
CA LEU B 598 -15.29 -35.76 -7.00
C LEU B 598 -14.70 -36.36 -5.74
N LYS B 599 -13.72 -35.68 -5.13
CA LYS B 599 -13.17 -36.15 -3.88
C LYS B 599 -14.18 -36.00 -2.74
N ILE B 600 -15.00 -34.93 -2.77
CA ILE B 600 -15.90 -34.67 -1.66
C ILE B 600 -17.09 -35.62 -1.70
N ILE B 601 -17.75 -35.74 -2.87
CA ILE B 601 -18.99 -36.48 -2.96
C ILE B 601 -18.80 -37.92 -3.47
N LYS B 602 -17.71 -38.20 -4.19
CA LYS B 602 -17.36 -39.57 -4.59
C LYS B 602 -18.45 -40.23 -5.43
N ASP B 603 -19.00 -39.46 -6.38
CA ASP B 603 -20.04 -39.97 -7.28
C ASP B 603 -19.78 -39.33 -8.64
N LYS B 604 -18.93 -39.99 -9.43
CA LYS B 604 -18.59 -39.48 -10.75
C LYS B 604 -19.83 -39.39 -11.65
N ASP B 605 -20.74 -40.36 -11.53
CA ASP B 605 -21.95 -40.32 -12.34
C ASP B 605 -22.84 -39.15 -11.96
N PHE B 606 -22.81 -38.72 -10.70
CA PHE B 606 -23.54 -37.52 -10.31
C PHE B 606 -22.98 -36.29 -11.00
N LEU B 607 -21.65 -36.16 -11.03
CA LEU B 607 -21.03 -35.00 -11.66
C LEU B 607 -21.20 -35.02 -13.17
N ASP B 608 -21.26 -36.20 -13.79
CA ASP B 608 -21.39 -36.29 -15.24
C ASP B 608 -22.82 -36.17 -15.72
N ASN B 609 -23.80 -36.31 -14.82
CA ASN B 609 -25.21 -36.23 -15.21
C ASN B 609 -25.58 -34.76 -15.40
N GLU B 610 -26.04 -34.41 -16.61
CA GLU B 610 -26.37 -33.03 -16.91
C GLU B 610 -27.58 -32.54 -16.11
N GLU B 611 -28.43 -33.45 -15.64
CA GLU B 611 -29.60 -33.03 -14.86
C GLU B 611 -29.21 -32.33 -13.58
N ASN B 612 -28.03 -32.63 -13.04
CA ASN B 612 -27.54 -32.03 -11.81
C ASN B 612 -26.76 -30.74 -12.03
N GLU B 613 -26.66 -30.28 -13.28
CA GLU B 613 -25.85 -29.11 -13.59
C GLU B 613 -26.27 -27.90 -12.76
N ASP B 614 -27.57 -27.59 -12.75
CA ASP B 614 -28.07 -26.44 -12.00
C ASP B 614 -27.69 -26.55 -10.52
N ILE B 615 -27.93 -27.71 -9.93
CA ILE B 615 -27.64 -27.92 -8.51
C ILE B 615 -26.17 -27.67 -8.23
N LEU B 616 -25.28 -28.27 -9.03
CA LEU B 616 -23.85 -28.10 -8.81
C LEU B 616 -23.44 -26.64 -9.00
N GLU B 617 -24.00 -25.96 -9.99
CA GLU B 617 -23.73 -24.53 -10.16
C GLU B 617 -24.12 -23.74 -8.91
N ASP B 618 -25.30 -24.03 -8.36
CA ASP B 618 -25.75 -23.32 -7.17
C ASP B 618 -24.84 -23.59 -5.98
N ILE B 619 -24.38 -24.84 -5.82
CA ILE B 619 -23.46 -25.16 -4.74
C ILE B 619 -22.19 -24.33 -4.84
N VAL B 620 -21.57 -24.33 -6.03
CA VAL B 620 -20.35 -23.55 -6.22
C VAL B 620 -20.61 -22.07 -5.99
N LEU B 621 -21.77 -21.57 -6.43
CA LEU B 621 -22.15 -20.19 -6.16
C LEU B 621 -22.20 -19.92 -4.66
N THR B 622 -22.84 -20.81 -3.90
CA THR B 622 -22.92 -20.63 -2.46
C THR B 622 -21.54 -20.68 -1.82
N LEU B 623 -20.67 -21.58 -2.29
CA LEU B 623 -19.31 -21.64 -1.76
C LEU B 623 -18.48 -20.44 -2.18
N THR B 624 -18.88 -19.73 -3.23
CA THR B 624 -18.15 -18.55 -3.69
C THR B 624 -18.73 -17.27 -3.11
N LEU B 625 -20.05 -17.17 -3.10
CA LEU B 625 -20.69 -15.92 -2.70
C LEU B 625 -20.51 -15.64 -1.22
N PHE B 626 -20.41 -16.67 -0.39
CA PHE B 626 -20.33 -16.51 1.06
C PHE B 626 -19.02 -17.06 1.61
N GLU B 627 -18.68 -16.59 2.80
CA GLU B 627 -17.50 -17.06 3.53
C GLU B 627 -17.82 -17.54 4.94
N ASP B 628 -18.95 -17.13 5.53
CA ASP B 628 -19.38 -17.64 6.82
C ASP B 628 -19.90 -19.06 6.67
N ARG B 629 -19.38 -19.97 7.50
CA ARG B 629 -19.72 -21.39 7.35
C ARG B 629 -21.17 -21.68 7.72
N GLU B 630 -21.71 -20.97 8.70
CA GLU B 630 -23.12 -21.19 9.07
C GLU B 630 -24.04 -20.80 7.93
N MET B 631 -23.75 -19.68 7.25
CA MET B 631 -24.59 -19.27 6.13
C MET B 631 -24.45 -20.22 4.95
N ILE B 632 -23.23 -20.73 4.73
CA ILE B 632 -23.03 -21.74 3.70
C ILE B 632 -23.86 -22.98 4.01
N GLU B 633 -23.87 -23.41 5.27
CA GLU B 633 -24.66 -24.57 5.66
C GLU B 633 -26.15 -24.30 5.47
N GLU B 634 -26.60 -23.08 5.80
CA GLU B 634 -28.00 -22.75 5.64
C GLU B 634 -28.43 -22.81 4.18
N ARG B 635 -27.55 -22.40 3.27
CA ARG B 635 -27.89 -22.42 1.85
C ARG B 635 -27.78 -23.81 1.24
N LEU B 636 -26.82 -24.62 1.69
CA LEU B 636 -26.70 -26.00 1.21
C LEU B 636 -27.72 -26.92 1.85
N LYS B 637 -28.51 -26.43 2.81
CA LYS B 637 -29.56 -27.22 3.42
C LYS B 637 -30.50 -27.84 2.39
N THR B 638 -30.85 -27.06 1.36
CA THR B 638 -31.81 -27.49 0.36
C THR B 638 -31.34 -28.70 -0.45
N TYR B 639 -30.08 -29.11 -0.31
CA TYR B 639 -29.57 -30.30 -0.98
C TYR B 639 -29.14 -31.38 0.01
N ALA B 640 -29.60 -31.30 1.26
CA ALA B 640 -29.16 -32.24 2.28
C ALA B 640 -29.63 -33.66 1.98
N HIS B 641 -30.74 -33.80 1.25
CA HIS B 641 -31.27 -35.12 0.93
C HIS B 641 -30.43 -35.84 -0.12
N LEU B 642 -29.59 -35.12 -0.86
CA LEU B 642 -28.83 -35.72 -1.95
C LEU B 642 -27.49 -36.28 -1.52
N PHE B 643 -26.98 -35.89 -0.35
CA PHE B 643 -25.65 -36.30 0.08
C PHE B 643 -25.71 -36.76 1.54
N ASP B 644 -24.73 -37.60 1.90
CA ASP B 644 -24.59 -38.01 3.29
C ASP B 644 -24.17 -36.83 4.15
N ASP B 645 -24.45 -36.93 5.45
CA ASP B 645 -24.08 -35.86 6.37
C ASP B 645 -22.57 -35.64 6.38
N LYS B 646 -21.79 -36.71 6.23
CA LYS B 646 -20.34 -36.57 6.09
C LYS B 646 -19.99 -35.75 4.85
N VAL B 647 -20.65 -36.03 3.72
CA VAL B 647 -20.39 -35.27 2.50
C VAL B 647 -20.85 -33.82 2.67
N MET B 648 -21.95 -33.61 3.39
CA MET B 648 -22.42 -32.25 3.63
C MET B 648 -21.43 -31.46 4.48
N LYS B 649 -20.84 -32.10 5.48
CA LYS B 649 -19.85 -31.42 6.31
C LYS B 649 -18.59 -31.11 5.50
N GLN B 650 -18.17 -32.04 4.63
CA GLN B 650 -17.00 -31.80 3.80
C GLN B 650 -17.28 -30.73 2.74
N LEU B 651 -18.53 -30.65 2.27
CA LEU B 651 -18.90 -29.57 1.36
C LEU B 651 -18.88 -28.22 2.06
N LYS B 652 -19.32 -28.18 3.33
CA LYS B 652 -19.25 -26.94 4.10
C LYS B 652 -17.82 -26.42 4.17
N ARG B 653 -16.87 -27.29 4.48
CA ARG B 653 -15.50 -26.87 4.71
C ARG B 653 -14.87 -26.29 3.45
N ARG B 654 -15.36 -26.68 2.27
CA ARG B 654 -14.81 -26.22 1.01
C ARG B 654 -15.35 -24.83 0.69
N ARG B 655 -14.45 -23.92 0.28
CA ARG B 655 -14.86 -22.59 -0.14
C ARG B 655 -13.97 -22.16 -1.31
N TYR B 656 -14.52 -21.25 -2.14
CA TYR B 656 -13.82 -20.69 -3.28
C TYR B 656 -13.89 -19.17 -3.21
N THR B 657 -12.94 -18.53 -3.90
CA THR B 657 -12.93 -17.08 -4.03
C THR B 657 -12.69 -16.70 -5.48
N GLY B 658 -13.26 -15.58 -5.88
CA GLY B 658 -12.99 -15.07 -7.21
C GLY B 658 -14.11 -15.37 -8.18
N TRP B 659 -14.23 -14.52 -9.19
CA TRP B 659 -15.30 -14.60 -10.16
C TRP B 659 -14.73 -14.61 -11.57
N GLY B 660 -15.44 -15.28 -12.46
CA GLY B 660 -15.10 -15.26 -13.87
C GLY B 660 -15.41 -13.91 -14.50
N ARG B 661 -15.21 -13.84 -15.80
CA ARG B 661 -15.45 -12.60 -16.55
C ARG B 661 -16.55 -12.76 -17.59
N LEU B 662 -17.24 -13.89 -17.61
CA LEU B 662 -18.35 -14.12 -18.52
C LEU B 662 -19.54 -14.69 -17.75
N SER B 663 -20.74 -14.41 -18.25
CA SER B 663 -21.96 -14.85 -17.59
C SER B 663 -22.38 -16.23 -18.08
N ARG B 664 -23.28 -16.86 -17.33
CA ARG B 664 -23.79 -18.16 -17.74
C ARG B 664 -24.65 -18.05 -19.00
N LYS B 665 -25.39 -16.94 -19.14
CA LYS B 665 -26.20 -16.75 -20.34
C LYS B 665 -25.34 -16.65 -21.58
N LEU B 666 -24.15 -16.06 -21.47
CA LEU B 666 -23.26 -15.98 -22.62
C LEU B 666 -22.63 -17.33 -22.94
N ILE B 667 -22.20 -18.07 -21.91
CA ILE B 667 -21.47 -19.32 -22.14
C ILE B 667 -22.41 -20.39 -22.70
N ASN B 668 -23.58 -20.55 -22.07
CA ASN B 668 -24.43 -21.70 -22.38
C ASN B 668 -25.91 -21.32 -22.38
N GLY B 669 -26.23 -20.06 -22.63
CA GLY B 669 -27.61 -19.61 -22.63
C GLY B 669 -28.11 -19.19 -23.99
N ILE B 670 -27.66 -18.03 -24.48
CA ILE B 670 -28.08 -17.58 -25.79
C ILE B 670 -27.64 -18.58 -26.86
N ARG B 671 -28.46 -18.74 -27.89
CA ARG B 671 -28.22 -19.71 -28.94
C ARG B 671 -28.22 -19.03 -30.30
N ASP B 672 -27.37 -19.53 -31.19
CA ASP B 672 -27.41 -19.07 -32.57
C ASP B 672 -28.73 -19.46 -33.21
N LYS B 673 -29.31 -18.53 -33.98
CA LYS B 673 -30.69 -18.69 -34.44
C LYS B 673 -30.85 -19.89 -35.35
N GLN B 674 -29.95 -20.06 -36.32
CA GLN B 674 -30.11 -21.14 -37.28
C GLN B 674 -29.58 -22.47 -36.75
N SER B 675 -28.49 -22.44 -35.98
CA SER B 675 -27.92 -23.68 -35.45
C SER B 675 -28.56 -24.13 -34.15
N GLY B 676 -29.19 -23.21 -33.41
CA GLY B 676 -29.76 -23.56 -32.12
C GLY B 676 -28.74 -23.93 -31.07
N LYS B 677 -27.47 -23.60 -31.29
CA LYS B 677 -26.38 -24.02 -30.42
C LYS B 677 -25.86 -22.85 -29.60
N THR B 678 -25.47 -23.13 -28.36
CA THR B 678 -24.87 -22.13 -27.49
C THR B 678 -23.41 -21.92 -27.86
N ILE B 679 -22.74 -21.03 -27.12
CA ILE B 679 -21.31 -20.84 -27.30
C ILE B 679 -20.57 -22.12 -26.92
N LEU B 680 -20.91 -22.70 -25.77
CA LEU B 680 -20.26 -23.92 -25.32
C LEU B 680 -20.54 -25.08 -26.27
N ASP B 681 -21.71 -25.09 -26.91
CA ASP B 681 -21.99 -26.11 -27.91
C ASP B 681 -21.01 -26.02 -29.09
N PHE B 682 -20.75 -24.79 -29.57
CA PHE B 682 -19.79 -24.62 -30.65
C PHE B 682 -18.38 -24.98 -30.23
N LEU B 683 -18.03 -24.70 -28.97
CA LEU B 683 -16.71 -25.07 -28.46
C LEU B 683 -16.55 -26.59 -28.38
N LYS B 684 -17.62 -27.31 -28.04
CA LYS B 684 -17.54 -28.76 -28.02
C LYS B 684 -17.44 -29.33 -29.42
N SER B 685 -18.14 -28.73 -30.39
CA SER B 685 -18.16 -29.27 -31.75
C SER B 685 -18.55 -28.18 -32.72
N ASP B 686 -17.67 -27.88 -33.68
CA ASP B 686 -17.94 -26.88 -34.71
C ASP B 686 -17.36 -27.38 -36.03
N GLY B 687 -17.85 -28.52 -36.49
CA GLY B 687 -17.45 -29.10 -37.76
C GLY B 687 -15.94 -29.24 -37.89
N PHE B 688 -15.37 -28.56 -38.88
CA PHE B 688 -13.92 -28.51 -39.05
C PHE B 688 -13.36 -27.10 -38.94
N ALA B 689 -14.16 -26.14 -38.46
CA ALA B 689 -13.67 -24.79 -38.24
C ALA B 689 -13.14 -24.58 -36.83
N ASN B 690 -13.77 -25.21 -35.83
CA ASN B 690 -13.35 -25.12 -34.43
C ASN B 690 -13.17 -23.67 -33.99
N ARG B 691 -14.18 -22.85 -34.25
CA ARG B 691 -14.14 -21.46 -33.86
C ARG B 691 -14.16 -21.32 -32.34
N ASN B 692 -13.28 -20.45 -31.81
CA ASN B 692 -13.22 -20.22 -30.38
C ASN B 692 -14.12 -19.05 -30.00
N PHE B 693 -14.06 -18.62 -28.74
CA PHE B 693 -14.98 -17.62 -28.22
C PHE B 693 -14.87 -16.30 -28.99
N MET B 694 -13.64 -15.82 -29.21
CA MET B 694 -13.47 -14.57 -29.93
C MET B 694 -13.98 -14.68 -31.36
N GLN B 695 -13.80 -15.82 -32.00
CA GLN B 695 -14.32 -16.00 -33.35
C GLN B 695 -15.84 -16.12 -33.35
N LEU B 696 -16.40 -16.81 -32.34
CA LEU B 696 -17.83 -17.03 -32.29
C LEU B 696 -18.59 -15.71 -32.18
N ILE B 697 -18.21 -14.86 -31.22
CA ILE B 697 -18.94 -13.61 -30.98
C ILE B 697 -18.59 -12.53 -31.99
N HIS B 698 -17.66 -12.78 -32.91
CA HIS B 698 -17.32 -11.83 -33.96
C HIS B 698 -17.72 -12.32 -35.35
N ASP B 699 -18.42 -13.44 -35.46
CA ASP B 699 -18.76 -14.03 -36.75
C ASP B 699 -20.08 -13.46 -37.25
N ASP B 700 -20.07 -12.87 -38.46
CA ASP B 700 -21.28 -12.28 -39.01
C ASP B 700 -22.27 -13.33 -39.52
N SER B 701 -21.84 -14.56 -39.70
CA SER B 701 -22.74 -15.64 -40.08
C SER B 701 -23.45 -16.26 -38.88
N LEU B 702 -23.26 -15.69 -37.69
CA LEU B 702 -23.90 -16.15 -36.47
C LEU B 702 -24.62 -14.98 -35.81
N THR B 703 -25.59 -15.30 -34.97
CA THR B 703 -26.39 -14.29 -34.29
C THR B 703 -25.81 -13.87 -32.95
N PHE B 704 -24.70 -14.48 -32.52
CA PHE B 704 -24.09 -14.10 -31.25
C PHE B 704 -23.68 -12.63 -31.27
N LYS B 705 -22.99 -12.20 -32.32
CA LYS B 705 -22.56 -10.80 -32.42
C LYS B 705 -23.75 -9.86 -32.40
N GLU B 706 -24.80 -10.18 -33.17
CA GLU B 706 -25.98 -9.33 -33.23
C GLU B 706 -26.62 -9.19 -31.86
N ASP B 707 -26.76 -10.30 -31.13
CA ASP B 707 -27.39 -10.26 -29.82
C ASP B 707 -26.52 -9.53 -28.80
N ILE B 708 -25.20 -9.62 -28.92
CA ILE B 708 -24.32 -8.86 -28.04
C ILE B 708 -24.46 -7.36 -28.29
N GLN B 709 -24.54 -6.97 -29.56
CA GLN B 709 -24.75 -5.56 -29.88
C GLN B 709 -26.08 -5.06 -29.32
N LYS B 710 -27.13 -5.88 -29.45
CA LYS B 710 -28.44 -5.49 -28.95
C LYS B 710 -28.47 -5.42 -27.43
N ALA B 711 -27.64 -6.21 -26.75
CA ALA B 711 -27.63 -6.25 -25.30
C ALA B 711 -26.92 -5.05 -24.66
N GLN B 712 -26.16 -4.29 -25.44
CA GLN B 712 -25.39 -3.20 -24.88
C GLN B 712 -26.29 -2.06 -24.39
N VAL B 713 -25.82 -1.37 -23.35
CA VAL B 713 -26.47 -0.18 -22.82
C VAL B 713 -25.38 0.82 -22.44
N SER B 714 -25.79 2.07 -22.25
CA SER B 714 -24.90 3.11 -21.74
C SER B 714 -25.64 3.89 -20.68
N GLY B 715 -25.12 3.85 -19.45
CA GLY B 715 -25.74 4.56 -18.34
C GLY B 715 -25.46 6.04 -18.37
N GLN B 716 -25.64 6.68 -17.23
CA GLN B 716 -25.41 8.11 -17.12
C GLN B 716 -23.94 8.45 -17.38
N GLY B 717 -23.71 9.43 -18.25
CA GLY B 717 -22.35 9.81 -18.58
C GLY B 717 -21.67 10.46 -17.40
N ASP B 718 -20.46 9.99 -17.09
CA ASP B 718 -19.69 10.59 -16.01
C ASP B 718 -19.25 12.00 -16.38
N SER B 719 -19.12 12.85 -15.38
CA SER B 719 -18.46 14.12 -15.58
C SER B 719 -16.96 13.90 -15.76
N LEU B 720 -16.26 14.97 -16.12
CA LEU B 720 -14.81 14.88 -16.24
C LEU B 720 -14.17 14.44 -14.94
N HIS B 721 -14.59 15.05 -13.82
CA HIS B 721 -14.04 14.68 -12.52
C HIS B 721 -14.41 13.25 -12.15
N GLU B 722 -15.67 12.85 -12.35
CA GLU B 722 -16.07 11.49 -12.06
C GLU B 722 -15.29 10.49 -12.90
N HIS B 723 -15.14 10.78 -14.19
CA HIS B 723 -14.41 9.88 -15.08
C HIS B 723 -12.96 9.70 -14.62
N ILE B 724 -12.30 10.81 -14.28
CA ILE B 724 -10.91 10.74 -13.83
C ILE B 724 -10.82 9.98 -12.52
N ALA B 725 -11.80 10.16 -11.63
CA ALA B 725 -11.75 9.47 -10.34
C ALA B 725 -11.92 7.96 -10.50
N ASN B 726 -12.70 7.52 -11.49
CA ASN B 726 -12.93 6.10 -11.70
C ASN B 726 -11.77 5.40 -12.41
N LEU B 727 -10.80 6.13 -12.93
CA LEU B 727 -9.65 5.49 -13.55
C LEU B 727 -8.87 4.69 -12.50
N ALA B 728 -8.10 3.72 -12.98
CA ALA B 728 -7.24 2.92 -12.12
C ALA B 728 -5.86 3.59 -12.06
N GLY B 729 -5.45 3.99 -10.87
CA GLY B 729 -4.17 4.64 -10.69
C GLY B 729 -4.12 5.32 -9.34
N SER B 730 -2.98 5.99 -9.10
CA SER B 730 -2.82 6.71 -7.84
C SER B 730 -3.63 8.00 -7.87
N PRO B 731 -4.25 8.37 -6.75
CA PRO B 731 -4.96 9.67 -6.70
C PRO B 731 -4.08 10.86 -6.99
N ALA B 732 -2.77 10.74 -6.72
CA ALA B 732 -1.85 11.84 -7.01
C ALA B 732 -1.76 12.10 -8.51
N ILE B 733 -1.59 11.05 -9.32
CA ILE B 733 -1.51 11.27 -10.76
C ILE B 733 -2.88 11.69 -11.30
N LYS B 734 -3.97 11.25 -10.66
CA LYS B 734 -5.29 11.69 -11.08
C LYS B 734 -5.47 13.19 -10.87
N LYS B 735 -4.89 13.73 -9.80
CA LYS B 735 -4.93 15.16 -9.58
C LYS B 735 -4.17 15.90 -10.67
N GLY B 736 -3.00 15.39 -11.06
CA GLY B 736 -2.28 15.98 -12.17
C GLY B 736 -3.04 15.89 -13.48
N ILE B 737 -3.80 14.81 -13.68
CA ILE B 737 -4.53 14.63 -14.93
C ILE B 737 -5.64 15.67 -15.04
N LEU B 738 -6.39 15.88 -13.95
CA LEU B 738 -7.45 16.88 -13.96
C LEU B 738 -6.89 18.29 -14.11
N GLN B 739 -5.78 18.59 -13.42
CA GLN B 739 -5.15 19.90 -13.61
C GLN B 739 -4.67 20.07 -15.04
N THR B 740 -4.17 19.00 -15.64
CA THR B 740 -3.73 19.06 -17.04
C THR B 740 -4.89 19.45 -17.96
N VAL B 741 -6.07 18.88 -17.75
CA VAL B 741 -7.21 19.19 -18.61
C VAL B 741 -7.64 20.64 -18.43
N LYS B 742 -7.61 21.14 -17.19
CA LYS B 742 -7.99 22.53 -16.95
C LYS B 742 -6.96 23.48 -17.54
N VAL B 743 -5.69 23.10 -17.49
CA VAL B 743 -4.64 23.90 -18.14
C VAL B 743 -4.87 23.94 -19.64
N VAL B 744 -5.23 22.80 -20.25
CA VAL B 744 -5.45 22.80 -21.69
C VAL B 744 -6.64 23.69 -22.05
N ASP B 745 -7.71 23.64 -21.25
CA ASP B 745 -8.89 24.47 -21.52
C ASP B 745 -8.55 25.95 -21.49
N GLU B 746 -7.75 26.38 -20.50
CA GLU B 746 -7.40 27.79 -20.41
C GLU B 746 -6.45 28.19 -21.53
N LEU B 747 -5.49 27.34 -21.87
CA LEU B 747 -4.60 27.64 -22.99
C LEU B 747 -5.36 27.80 -24.29
N VAL B 748 -6.35 26.93 -24.54
CA VAL B 748 -7.14 27.06 -25.76
C VAL B 748 -7.91 28.38 -25.75
N LYS B 749 -8.47 28.74 -24.58
CA LYS B 749 -9.16 30.02 -24.45
C LYS B 749 -8.22 31.20 -24.69
N VAL B 750 -6.96 31.06 -24.29
CA VAL B 750 -5.97 32.11 -24.52
C VAL B 750 -5.74 32.31 -26.02
N MET B 751 -5.75 31.23 -26.79
CA MET B 751 -5.49 31.33 -28.22
C MET B 751 -6.76 31.62 -29.00
N GLY B 752 -7.72 32.26 -28.35
CA GLY B 752 -8.92 32.67 -29.06
C GLY B 752 -9.81 31.51 -29.47
N ARG B 753 -9.92 30.49 -28.63
CA ARG B 753 -10.73 29.31 -28.88
C ARG B 753 -10.30 28.55 -30.14
N HIS B 754 -9.07 28.78 -30.60
CA HIS B 754 -8.52 27.99 -31.69
C HIS B 754 -7.86 26.74 -31.13
N LYS B 755 -8.15 25.61 -31.74
CA LYS B 755 -7.63 24.35 -31.23
C LYS B 755 -6.22 24.10 -31.77
N PRO B 756 -5.33 23.55 -30.96
CA PRO B 756 -3.95 23.32 -31.42
C PRO B 756 -3.89 22.22 -32.48
N GLU B 757 -2.77 22.22 -33.21
CA GLU B 757 -2.52 21.15 -34.18
C GLU B 757 -2.21 19.84 -33.45
N ASN B 758 -1.35 19.89 -32.43
CA ASN B 758 -0.96 18.70 -31.69
C ASN B 758 -0.94 19.02 -30.20
N ILE B 759 -1.09 17.97 -29.40
CA ILE B 759 -0.93 18.03 -27.95
C ILE B 759 -0.03 16.88 -27.55
N VAL B 760 1.19 17.21 -27.11
CA VAL B 760 2.18 16.20 -26.77
C VAL B 760 2.23 16.07 -25.26
N ILE B 761 1.86 14.90 -24.76
CA ILE B 761 1.81 14.63 -23.33
C ILE B 761 2.93 13.66 -22.98
N GLU B 762 3.53 13.86 -21.80
CA GLU B 762 4.52 12.97 -21.25
C GLU B 762 4.25 12.83 -19.77
N MET B 763 4.07 11.60 -19.30
CA MET B 763 3.73 11.30 -17.92
C MET B 763 4.96 10.75 -17.21
N ALA B 764 5.30 11.36 -16.07
CA ALA B 764 6.48 10.95 -15.33
C ALA B 764 6.31 9.54 -14.79
N ARG B 765 7.42 8.79 -14.75
CA ARG B 765 7.39 7.47 -14.15
C ARG B 765 7.12 7.59 -12.66
N GLU B 766 6.09 6.88 -12.20
CA GLU B 766 5.61 7.03 -10.82
C GLU B 766 6.29 5.99 -9.94
N ASN B 767 7.47 6.34 -9.44
CA ASN B 767 8.20 5.53 -8.47
C ASN B 767 8.00 6.03 -7.04
N GLN B 768 7.00 6.90 -6.84
CA GLN B 768 6.60 7.62 -5.61
C GLN B 768 6.74 9.11 -5.89
N LYS B 775 7.71 1.17 7.42
CA LYS B 775 6.70 1.38 6.38
C LYS B 775 6.99 0.46 5.18
N ASN B 776 7.70 0.99 4.18
CA ASN B 776 8.20 0.12 3.12
C ASN B 776 9.29 -0.81 3.64
N SER B 777 10.11 -0.30 4.56
CA SER B 777 11.07 -1.14 5.26
C SER B 777 10.37 -2.25 6.04
N ARG B 778 9.15 -1.99 6.52
CA ARG B 778 8.38 -3.01 7.20
C ARG B 778 7.99 -4.13 6.23
N GLU B 779 7.60 -3.76 5.00
CA GLU B 779 7.30 -4.77 3.99
C GLU B 779 8.55 -5.57 3.63
N ARG B 780 9.70 -4.92 3.56
CA ARG B 780 10.94 -5.63 3.25
C ARG B 780 11.29 -6.63 4.35
N MET B 781 11.14 -6.24 5.62
CA MET B 781 11.43 -7.18 6.70
C MET B 781 10.41 -8.31 6.75
N LYS B 782 9.15 -8.01 6.44
CA LYS B 782 8.15 -9.08 6.39
C LYS B 782 8.47 -10.09 5.30
N ARG B 783 8.85 -9.60 4.11
CA ARG B 783 9.26 -10.50 3.04
C ARG B 783 10.41 -11.39 3.47
N ILE B 784 11.45 -10.79 4.04
CA ILE B 784 12.65 -11.54 4.39
C ILE B 784 12.36 -12.54 5.49
N GLU B 785 11.59 -12.12 6.51
CA GLU B 785 11.23 -13.02 7.60
C GLU B 785 10.47 -14.24 7.09
N GLU B 786 9.41 -14.01 6.32
CA GLU B 786 8.60 -15.11 5.82
C GLU B 786 9.39 -15.98 4.84
N GLY B 787 10.22 -15.36 4.00
CA GLY B 787 11.03 -16.14 3.07
C GLY B 787 12.05 -17.01 3.76
N ILE B 788 12.72 -16.47 4.79
CA ILE B 788 13.72 -17.25 5.52
C ILE B 788 13.04 -18.34 6.34
N LYS B 789 11.87 -18.05 6.91
CA LYS B 789 11.14 -19.05 7.68
C LYS B 789 10.68 -20.20 6.79
N GLU B 790 10.14 -19.87 5.60
CA GLU B 790 9.78 -20.90 4.65
C GLU B 790 11.01 -21.66 4.16
N LEU B 791 12.13 -20.95 4.03
CA LEU B 791 13.37 -21.59 3.56
C LEU B 791 13.99 -22.48 4.62
N GLY B 792 13.71 -22.23 5.89
CA GLY B 792 14.34 -22.96 6.97
C GLY B 792 15.74 -22.51 7.32
N SER B 793 16.17 -21.38 6.78
CA SER B 793 17.52 -20.86 7.01
C SER B 793 17.62 -20.19 8.37
N GLN B 794 18.85 -20.10 8.87
CA GLN B 794 19.15 -19.46 10.15
C GLN B 794 19.89 -18.14 9.96
N ILE B 795 19.72 -17.51 8.79
CA ILE B 795 20.49 -16.31 8.48
C ILE B 795 20.10 -15.16 9.39
N LEU B 796 18.84 -15.10 9.82
CA LEU B 796 18.43 -14.05 10.75
C LEU B 796 18.93 -14.32 12.16
N LYS B 797 19.14 -15.60 12.50
CA LYS B 797 19.77 -15.93 13.78
C LYS B 797 21.23 -15.48 13.79
N GLU B 798 21.98 -15.82 12.74
CA GLU B 798 23.39 -15.48 12.69
C GLU B 798 23.60 -13.97 12.52
N HIS B 799 22.77 -13.33 11.69
CA HIS B 799 22.93 -11.92 11.36
C HIS B 799 21.61 -11.19 11.58
N PRO B 800 21.39 -10.66 12.78
CA PRO B 800 20.19 -9.86 13.03
C PRO B 800 20.27 -8.52 12.31
N VAL B 801 19.15 -8.11 11.75
CA VAL B 801 19.09 -6.89 10.93
C VAL B 801 17.91 -6.05 11.39
N GLU B 802 18.15 -4.76 11.58
CA GLU B 802 17.05 -3.83 11.79
C GLU B 802 16.37 -3.55 10.45
N ASN B 803 15.05 -3.36 10.51
CA ASN B 803 14.28 -3.19 9.28
C ASN B 803 14.76 -1.99 8.47
N THR B 804 15.17 -0.91 9.14
CA THR B 804 15.64 0.27 8.43
C THR B 804 16.86 -0.04 7.58
N GLN B 805 17.75 -0.92 8.07
CA GLN B 805 18.96 -1.27 7.34
C GLN B 805 18.66 -1.88 5.98
N LEU B 806 17.47 -2.45 5.79
CA LEU B 806 17.12 -3.08 4.52
C LEU B 806 16.91 -2.08 3.39
N GLN B 807 16.92 -0.78 3.69
CA GLN B 807 16.86 0.21 2.61
C GLN B 807 18.14 0.23 1.79
N ASN B 808 19.24 -0.30 2.33
CA ASN B 808 20.42 -0.52 1.52
C ASN B 808 20.15 -1.63 0.51
N GLU B 809 20.48 -1.35 -0.76
CA GLU B 809 20.11 -2.28 -1.83
C GLU B 809 20.87 -3.58 -1.74
N LYS B 810 22.18 -3.52 -1.48
CA LYS B 810 23.00 -4.73 -1.46
C LYS B 810 22.65 -5.61 -0.27
N LEU B 811 22.40 -5.01 0.90
CA LEU B 811 22.04 -5.82 2.06
C LEU B 811 20.67 -6.47 1.87
N TYR B 812 19.74 -5.74 1.26
CA TYR B 812 18.42 -6.29 0.98
C TYR B 812 18.50 -7.47 0.01
N LEU B 813 19.34 -7.34 -1.04
CA LEU B 813 19.56 -8.45 -1.94
C LEU B 813 20.26 -9.61 -1.22
N TYR B 814 21.19 -9.30 -0.32
CA TYR B 814 21.91 -10.35 0.41
C TYR B 814 20.94 -11.22 1.19
N TYR B 815 19.98 -10.59 1.90
CA TYR B 815 19.01 -11.36 2.66
C TYR B 815 17.99 -12.04 1.76
N LEU B 816 17.62 -11.41 0.64
CA LEU B 816 16.68 -12.05 -0.28
C LEU B 816 17.30 -13.28 -0.95
N GLN B 817 18.63 -13.31 -1.06
CA GLN B 817 19.32 -14.45 -1.65
C GLN B 817 19.87 -15.40 -0.61
N ASN B 818 19.45 -15.25 0.66
CA ASN B 818 19.88 -16.11 1.76
C ASN B 818 21.40 -16.10 1.89
N GLY B 819 22.00 -14.94 1.67
CA GLY B 819 23.44 -14.81 1.83
C GLY B 819 24.25 -15.59 0.84
N ARG B 820 23.72 -15.83 -0.36
CA ARG B 820 24.39 -16.62 -1.38
C ARG B 820 24.49 -15.82 -2.68
N ASP B 821 25.48 -16.16 -3.48
CA ASP B 821 25.58 -15.63 -4.84
C ASP B 821 24.47 -16.23 -5.70
N MET B 822 23.87 -15.40 -6.54
CA MET B 822 22.82 -15.87 -7.44
C MET B 822 23.38 -16.62 -8.65
N TYR B 823 24.63 -16.35 -9.04
CA TYR B 823 25.22 -16.98 -10.21
C TYR B 823 26.22 -18.08 -9.87
N VAL B 824 26.71 -18.11 -8.64
CA VAL B 824 27.65 -19.13 -8.17
C VAL B 824 27.10 -19.73 -6.89
N ASP B 825 27.22 -21.04 -6.74
CA ASP B 825 26.71 -21.74 -5.56
C ASP B 825 27.70 -21.59 -4.41
N GLN B 826 27.78 -20.36 -3.90
CA GLN B 826 28.71 -20.03 -2.82
C GLN B 826 28.02 -19.08 -1.85
N GLU B 827 28.57 -19.02 -0.64
CA GLU B 827 28.10 -18.04 0.33
C GLU B 827 28.77 -16.69 0.08
N LEU B 828 28.01 -15.63 0.26
CA LEU B 828 28.54 -14.27 0.24
C LEU B 828 28.84 -13.83 1.67
N ASP B 829 29.80 -12.92 1.81
CA ASP B 829 30.15 -12.36 3.10
C ASP B 829 29.40 -11.05 3.30
N ILE B 830 28.74 -10.92 4.46
CA ILE B 830 27.93 -9.74 4.71
C ILE B 830 28.80 -8.50 4.93
N ASN B 831 30.07 -8.66 5.30
CA ASN B 831 30.98 -7.54 5.47
C ASN B 831 31.75 -7.20 4.20
N ARG B 832 31.46 -7.88 3.09
CA ARG B 832 32.16 -7.67 1.83
C ARG B 832 31.24 -7.12 0.75
N LEU B 833 30.07 -6.61 1.14
CA LEU B 833 29.08 -6.18 0.15
C LEU B 833 29.61 -5.03 -0.72
N SER B 834 30.46 -4.18 -0.15
CA SER B 834 31.04 -3.08 -0.92
C SER B 834 31.88 -3.59 -2.08
N ASP B 835 32.44 -4.80 -1.96
CA ASP B 835 33.26 -5.38 -3.01
C ASP B 835 32.46 -6.14 -4.06
N TYR B 836 31.18 -6.40 -3.81
CA TYR B 836 30.37 -7.23 -4.69
C TYR B 836 29.74 -6.37 -5.79
N ASP B 837 28.90 -6.98 -6.62
CA ASP B 837 28.25 -6.31 -7.73
C ASP B 837 26.76 -6.57 -7.70
N VAL B 838 26.00 -5.56 -8.13
CA VAL B 838 24.57 -5.68 -8.38
C VAL B 838 24.38 -5.74 -9.88
N ASP B 839 23.84 -6.85 -10.38
CA ASP B 839 23.77 -7.11 -11.81
C ASP B 839 22.33 -7.16 -12.28
N ALA B 840 22.08 -6.60 -13.46
CA ALA B 840 20.76 -6.68 -14.09
C ALA B 840 20.62 -8.02 -14.80
N ILE B 841 19.52 -8.72 -14.52
CA ILE B 841 19.28 -10.03 -15.13
C ILE B 841 19.21 -9.90 -16.65
N VAL B 842 18.34 -9.03 -17.14
CA VAL B 842 18.38 -8.57 -18.53
C VAL B 842 19.09 -7.22 -18.54
N PRO B 843 20.10 -7.02 -19.39
CA PRO B 843 20.94 -5.83 -19.28
C PRO B 843 20.14 -4.54 -19.40
N GLN B 844 20.61 -3.51 -18.68
CA GLN B 844 19.97 -2.21 -18.72
C GLN B 844 20.03 -1.56 -20.09
N SER B 845 20.92 -2.05 -20.97
CA SER B 845 20.94 -1.57 -22.35
C SER B 845 19.67 -1.96 -23.11
N PHE B 846 18.97 -2.99 -22.67
CA PHE B 846 17.71 -3.40 -23.26
C PHE B 846 16.51 -3.01 -22.41
N LEU B 847 16.54 -3.34 -21.12
CA LEU B 847 15.44 -3.04 -20.20
C LEU B 847 15.95 -2.09 -19.12
N LYS B 848 15.49 -0.83 -19.17
CA LYS B 848 15.84 0.15 -18.15
C LYS B 848 15.01 -0.15 -16.90
N ASP B 849 15.46 -1.15 -16.15
CA ASP B 849 14.79 -1.59 -14.93
C ASP B 849 15.83 -1.67 -13.82
N ASP B 850 15.65 -0.86 -12.78
CA ASP B 850 16.54 -0.83 -11.63
C ASP B 850 15.86 -1.30 -10.36
N SER B 851 14.78 -2.07 -10.48
CA SER B 851 14.09 -2.61 -9.32
C SER B 851 14.76 -3.92 -8.87
N ILE B 852 14.41 -4.35 -7.65
CA ILE B 852 14.92 -5.61 -7.13
C ILE B 852 14.47 -6.78 -7.99
N ASP B 853 13.40 -6.61 -8.77
CA ASP B 853 12.87 -7.69 -9.59
C ASP B 853 13.73 -7.98 -10.82
N ASN B 854 14.67 -7.09 -11.17
CA ASN B 854 15.59 -7.32 -12.27
C ASN B 854 17.04 -7.30 -11.81
N LYS B 855 17.29 -7.26 -10.51
CA LYS B 855 18.64 -7.17 -9.98
C LYS B 855 18.97 -8.40 -9.14
N VAL B 856 20.26 -8.74 -9.10
CA VAL B 856 20.77 -9.79 -8.23
C VAL B 856 22.09 -9.31 -7.63
N LEU B 857 22.49 -9.95 -6.54
CA LEU B 857 23.75 -9.68 -5.87
C LEU B 857 24.70 -10.83 -6.16
N THR B 858 25.85 -10.52 -6.75
CA THR B 858 26.84 -11.53 -7.09
C THR B 858 28.22 -11.01 -6.73
N ARG B 859 29.16 -11.95 -6.51
CA ARG B 859 30.53 -11.56 -6.20
C ARG B 859 31.13 -10.72 -7.31
N SER B 860 30.98 -11.18 -8.55
CA SER B 860 31.47 -10.46 -9.72
C SER B 860 30.49 -10.68 -10.87
N ASP B 861 30.10 -9.59 -11.55
CA ASP B 861 29.14 -9.72 -12.64
C ASP B 861 29.69 -10.56 -13.78
N LYS B 862 31.01 -10.71 -13.88
CA LYS B 862 31.59 -11.55 -14.92
C LYS B 862 31.06 -12.97 -14.86
N ASN B 863 30.70 -13.46 -13.67
CA ASN B 863 30.22 -14.83 -13.52
C ASN B 863 28.81 -15.03 -14.07
N ARG B 864 28.18 -14.00 -14.64
CA ARG B 864 26.90 -14.19 -15.30
C ARG B 864 27.05 -14.81 -16.68
N GLY B 865 28.22 -14.68 -17.30
CA GLY B 865 28.43 -15.15 -18.66
C GLY B 865 28.72 -14.01 -19.61
N LYS B 866 28.00 -13.96 -20.73
CA LYS B 866 28.15 -12.90 -21.70
C LYS B 866 27.20 -11.75 -21.38
N SER B 867 27.72 -10.53 -21.45
CA SER B 867 26.96 -9.34 -21.03
C SER B 867 25.91 -8.92 -22.04
N ASP B 868 25.90 -9.50 -23.24
CA ASP B 868 24.98 -9.09 -24.29
C ASP B 868 23.62 -9.76 -24.19
N ASN B 869 23.42 -10.68 -23.24
CA ASN B 869 22.20 -11.48 -23.20
C ASN B 869 21.82 -11.68 -21.73
N VAL B 870 20.97 -12.68 -21.48
CA VAL B 870 20.58 -13.08 -20.13
C VAL B 870 21.70 -13.93 -19.55
N PRO B 871 21.65 -14.32 -18.27
CA PRO B 871 22.65 -15.24 -17.74
C PRO B 871 22.79 -16.48 -18.61
N SER B 872 24.04 -16.92 -18.80
CA SER B 872 24.36 -17.97 -19.75
C SER B 872 23.71 -19.30 -19.33
N GLU B 873 23.78 -20.27 -20.24
CA GLU B 873 23.18 -21.57 -19.99
C GLU B 873 23.91 -22.31 -18.87
N GLU B 874 25.24 -22.16 -18.79
CA GLU B 874 25.99 -22.80 -17.72
C GLU B 874 25.51 -22.33 -16.35
N VAL B 875 25.32 -21.02 -16.20
CA VAL B 875 24.87 -20.49 -14.92
C VAL B 875 23.48 -21.00 -14.59
N VAL B 876 22.61 -21.10 -15.59
CA VAL B 876 21.25 -21.59 -15.35
C VAL B 876 21.27 -23.05 -14.92
N LYS B 877 22.09 -23.88 -15.59
CA LYS B 877 22.23 -25.28 -15.18
C LYS B 877 22.73 -25.38 -13.75
N LYS B 878 23.64 -24.50 -13.35
CA LYS B 878 24.19 -24.56 -12.00
C LYS B 878 23.16 -24.14 -10.95
N MET B 879 22.37 -23.10 -11.23
CA MET B 879 21.64 -22.38 -10.20
C MET B 879 20.13 -22.53 -10.27
N LYS B 880 19.60 -23.32 -11.20
CA LYS B 880 18.15 -23.35 -11.40
C LYS B 880 17.41 -23.86 -10.17
N ASN B 881 17.95 -24.89 -9.52
CA ASN B 881 17.27 -25.46 -8.36
C ASN B 881 17.29 -24.51 -7.17
N TYR B 882 18.40 -23.80 -6.98
CA TYR B 882 18.46 -22.78 -5.93
C TYR B 882 17.52 -21.62 -6.24
N TRP B 883 17.38 -21.27 -7.52
CA TRP B 883 16.42 -20.24 -7.90
C TRP B 883 14.99 -20.68 -7.59
N ARG B 884 14.69 -21.96 -7.83
CA ARG B 884 13.34 -22.46 -7.54
C ARG B 884 13.06 -22.45 -6.04
N GLN B 885 14.08 -22.73 -5.22
CA GLN B 885 13.92 -22.63 -3.78
C GLN B 885 13.61 -21.19 -3.37
N LEU B 886 14.34 -20.23 -3.95
CA LEU B 886 14.07 -18.82 -3.65
C LEU B 886 12.68 -18.42 -4.13
N LEU B 887 12.24 -18.97 -5.26
CA LEU B 887 10.92 -18.64 -5.79
C LEU B 887 9.81 -19.15 -4.87
N ASN B 888 9.93 -20.40 -4.42
CA ASN B 888 8.94 -20.95 -3.52
C ASN B 888 8.90 -20.21 -2.18
N ALA B 889 10.03 -19.69 -1.74
CA ALA B 889 10.05 -18.86 -0.54
C ALA B 889 9.65 -17.42 -0.83
N LYS B 890 9.25 -17.12 -2.06
CA LYS B 890 8.87 -15.77 -2.50
C LYS B 890 9.97 -14.74 -2.29
N LEU B 891 11.22 -15.20 -2.19
CA LEU B 891 12.35 -14.27 -2.14
C LEU B 891 12.68 -13.72 -3.52
N ILE B 892 12.27 -14.40 -4.58
CA ILE B 892 12.24 -13.85 -5.92
C ILE B 892 10.86 -14.15 -6.49
N THR B 893 10.42 -13.30 -7.42
CA THR B 893 9.10 -13.46 -8.00
C THR B 893 9.15 -14.35 -9.23
N GLN B 894 7.96 -14.64 -9.77
CA GLN B 894 7.86 -15.52 -10.93
C GLN B 894 8.51 -14.91 -12.16
N ARG B 895 8.26 -13.61 -12.41
CA ARG B 895 8.86 -12.93 -13.54
C ARG B 895 10.37 -12.88 -13.41
N LYS B 896 10.88 -12.66 -12.20
CA LYS B 896 12.32 -12.67 -11.97
C LYS B 896 12.91 -14.05 -12.25
N PHE B 897 12.23 -15.10 -11.79
CA PHE B 897 12.69 -16.47 -12.04
C PHE B 897 12.71 -16.78 -13.53
N ASP B 898 11.67 -16.35 -14.26
CA ASP B 898 11.60 -16.64 -15.68
C ASP B 898 12.67 -15.89 -16.47
N ASN B 899 12.95 -14.63 -16.08
CA ASN B 899 14.02 -13.89 -16.74
C ASN B 899 15.38 -14.54 -16.48
N LEU B 900 15.57 -15.08 -15.27
CA LEU B 900 16.81 -15.77 -14.96
C LEU B 900 16.97 -17.03 -15.79
N THR B 901 15.88 -17.78 -15.96
CA THR B 901 15.91 -19.06 -16.67
C THR B 901 15.68 -18.90 -18.18
N LYS B 902 15.63 -17.67 -18.68
CA LYS B 902 15.32 -17.44 -20.09
C LYS B 902 16.30 -18.16 -21.01
N ALA B 903 17.55 -18.33 -20.57
CA ALA B 903 18.54 -19.00 -21.41
C ALA B 903 18.17 -20.45 -21.70
N GLU B 904 17.33 -21.07 -20.87
CA GLU B 904 16.84 -22.41 -21.19
C GLU B 904 16.06 -22.41 -22.48
N ARG B 905 15.29 -21.35 -22.73
CA ARG B 905 14.39 -21.26 -23.88
C ARG B 905 15.01 -20.53 -25.07
N GLY B 906 16.33 -20.32 -25.05
CA GLY B 906 17.00 -19.64 -26.14
C GLY B 906 17.48 -18.23 -25.82
N GLY B 907 17.38 -17.79 -24.58
CA GLY B 907 17.86 -16.48 -24.20
C GLY B 907 17.08 -15.38 -24.87
N LEU B 908 17.74 -14.23 -25.03
CA LEU B 908 17.14 -13.10 -25.73
C LEU B 908 17.31 -13.28 -27.23
N SER B 909 16.19 -13.28 -27.95
CA SER B 909 16.22 -13.27 -29.40
C SER B 909 16.35 -11.84 -29.91
N GLU B 910 16.59 -11.70 -31.22
CA GLU B 910 16.68 -10.37 -31.81
C GLU B 910 15.34 -9.66 -31.76
N LEU B 911 14.23 -10.41 -31.86
CA LEU B 911 12.91 -9.80 -31.73
C LEU B 911 12.71 -9.24 -30.33
N ASP B 912 13.24 -9.92 -29.31
CA ASP B 912 13.11 -9.44 -27.94
C ASP B 912 13.84 -8.11 -27.76
N LYS B 913 15.04 -7.99 -28.33
CA LYS B 913 15.80 -6.75 -28.20
C LYS B 913 15.15 -5.61 -28.96
N ALA B 914 14.61 -5.90 -30.15
CA ALA B 914 13.87 -4.88 -30.88
C ALA B 914 12.65 -4.41 -30.11
N GLY B 915 11.93 -5.35 -29.49
CA GLY B 915 10.80 -4.98 -28.65
C GLY B 915 11.19 -4.18 -27.43
N PHE B 916 12.37 -4.48 -26.85
CA PHE B 916 12.84 -3.73 -25.68
C PHE B 916 13.11 -2.27 -26.04
N ILE B 917 13.73 -2.04 -27.20
CA ILE B 917 14.01 -0.66 -27.62
C ILE B 917 12.71 0.06 -27.97
N LYS B 918 11.80 -0.63 -28.66
CA LYS B 918 10.50 -0.04 -28.95
C LYS B 918 9.77 0.34 -27.65
N ARG B 919 9.82 -0.53 -26.64
CA ARG B 919 9.23 -0.21 -25.35
C ARG B 919 9.90 1.00 -24.70
N GLN B 920 11.22 1.13 -24.87
CA GLN B 920 11.92 2.29 -24.32
C GLN B 920 11.47 3.59 -24.97
N LEU B 921 10.90 3.54 -26.16
CA LEU B 921 10.49 4.73 -26.89
C LEU B 921 8.97 4.94 -26.88
N VAL B 922 8.20 3.89 -27.15
CA VAL B 922 6.76 4.01 -27.28
C VAL B 922 6.10 3.77 -25.93
N GLU B 923 5.25 4.71 -25.51
CA GLU B 923 4.54 4.61 -24.25
C GLU B 923 3.38 3.64 -24.37
N THR B 924 3.29 2.69 -23.44
CA THR B 924 2.22 1.69 -23.46
C THR B 924 1.45 1.63 -22.14
N ARG B 925 1.73 2.53 -21.20
CA ARG B 925 1.01 2.50 -19.92
C ARG B 925 -0.45 2.88 -20.13
N GLN B 926 -1.33 2.20 -19.41
CA GLN B 926 -2.76 2.37 -19.64
C GLN B 926 -3.24 3.74 -19.18
N ILE B 927 -2.67 4.26 -18.10
CA ILE B 927 -3.12 5.54 -17.58
C ILE B 927 -2.81 6.66 -18.58
N THR B 928 -1.68 6.55 -19.29
CA THR B 928 -1.35 7.56 -20.29
C THR B 928 -2.30 7.50 -21.47
N LYS B 929 -2.75 6.29 -21.84
CA LYS B 929 -3.74 6.18 -22.90
C LYS B 929 -5.08 6.78 -22.48
N HIS B 930 -5.44 6.63 -21.20
CA HIS B 930 -6.67 7.24 -20.70
C HIS B 930 -6.60 8.76 -20.76
N VAL B 931 -5.45 9.33 -20.41
CA VAL B 931 -5.28 10.79 -20.50
C VAL B 931 -5.37 11.24 -21.95
N ALA B 932 -4.70 10.51 -22.85
CA ALA B 932 -4.79 10.84 -24.26
C ALA B 932 -6.22 10.73 -24.77
N GLN B 933 -6.95 9.70 -24.31
CA GLN B 933 -8.35 9.56 -24.70
C GLN B 933 -9.18 10.76 -24.23
N ILE B 934 -8.97 11.19 -22.98
CA ILE B 934 -9.72 12.32 -22.44
C ILE B 934 -9.48 13.57 -23.28
N LEU B 935 -8.21 13.90 -23.52
CA LEU B 935 -7.91 15.07 -24.33
C LEU B 935 -8.42 14.91 -25.75
N ASP B 936 -8.31 13.71 -26.33
CA ASP B 936 -8.74 13.53 -27.71
C ASP B 936 -10.24 13.68 -27.85
N SER B 937 -11.01 13.12 -26.91
CA SER B 937 -12.47 13.24 -26.98
C SER B 937 -12.95 14.66 -26.65
N ARG B 938 -12.14 15.45 -25.94
CA ARG B 938 -12.52 16.83 -25.67
C ARG B 938 -12.18 17.75 -26.84
N MET B 939 -11.11 17.45 -27.58
CA MET B 939 -10.71 18.29 -28.71
C MET B 939 -11.42 17.91 -30.01
N ASN B 940 -11.64 16.61 -30.25
CA ASN B 940 -12.16 16.12 -31.52
C ASN B 940 -13.60 15.67 -31.34
N THR B 941 -14.54 16.42 -31.91
CA THR B 941 -15.95 16.20 -31.66
C THR B 941 -16.81 16.06 -32.91
N LYS B 942 -16.23 16.19 -34.10
CA LYS B 942 -17.01 16.19 -35.34
C LYS B 942 -16.70 14.95 -36.16
N TYR B 943 -17.67 14.55 -36.98
CA TYR B 943 -17.56 13.38 -37.83
C TYR B 943 -17.70 13.79 -39.30
N ASP B 944 -17.10 12.98 -40.18
CA ASP B 944 -17.06 13.30 -41.59
C ASP B 944 -18.23 12.65 -42.32
N GLU B 945 -18.15 12.59 -43.66
CA GLU B 945 -19.25 12.06 -44.46
C GLU B 945 -19.45 10.56 -44.23
N ASN B 946 -18.41 9.85 -43.80
CA ASN B 946 -18.50 8.43 -43.52
C ASN B 946 -18.79 8.15 -42.04
N ASP B 947 -19.22 9.17 -41.29
CA ASP B 947 -19.54 9.02 -39.87
C ASP B 947 -18.34 8.47 -39.09
N LYS B 948 -17.17 9.05 -39.36
CA LYS B 948 -15.95 8.70 -38.64
C LYS B 948 -15.32 9.96 -38.08
N LEU B 949 -14.69 9.83 -36.91
CA LEU B 949 -14.22 10.98 -36.16
C LEU B 949 -13.19 11.77 -36.94
N ILE B 950 -13.35 13.09 -36.95
CA ILE B 950 -12.38 13.99 -37.55
C ILE B 950 -11.37 14.38 -36.47
N ARG B 951 -10.12 13.98 -36.67
CA ARG B 951 -9.07 14.20 -35.66
C ARG B 951 -8.31 15.47 -36.01
N GLU B 952 -8.90 16.61 -35.64
CA GLU B 952 -8.24 17.90 -35.87
C GLU B 952 -6.99 18.03 -35.01
N VAL B 953 -7.05 17.55 -33.77
CA VAL B 953 -5.95 17.65 -32.82
C VAL B 953 -5.36 16.26 -32.62
N LYS B 954 -4.10 16.08 -33.00
CA LYS B 954 -3.40 14.82 -32.75
C LYS B 954 -2.87 14.82 -31.33
N VAL B 955 -3.23 13.80 -30.55
CA VAL B 955 -2.79 13.66 -29.17
C VAL B 955 -1.62 12.68 -29.17
N ILE B 956 -0.41 13.21 -29.03
CA ILE B 956 0.82 12.42 -29.05
C ILE B 956 1.26 12.16 -27.61
N THR B 957 1.68 10.93 -27.34
CA THR B 957 2.24 10.55 -26.05
C THR B 957 3.68 10.13 -26.26
N LEU B 958 4.59 10.72 -25.49
CA LEU B 958 6.01 10.39 -25.54
C LEU B 958 6.47 9.86 -24.19
N LYS B 959 7.49 9.01 -24.23
CA LYS B 959 8.16 8.57 -23.01
C LYS B 959 9.27 9.55 -22.66
N SER B 960 9.57 9.65 -21.36
CA SER B 960 10.54 10.61 -20.87
C SER B 960 11.93 10.41 -21.46
N LYS B 961 12.25 9.20 -21.92
CA LYS B 961 13.58 8.93 -22.43
C LYS B 961 13.90 9.76 -23.67
N LEU B 962 12.90 10.04 -24.51
CA LEU B 962 13.13 10.79 -25.74
C LEU B 962 13.69 12.18 -25.45
N VAL B 963 12.98 12.96 -24.63
CA VAL B 963 13.43 14.31 -24.31
C VAL B 963 14.68 14.28 -23.45
N SER B 964 14.81 13.28 -22.56
CA SER B 964 16.01 13.15 -21.75
C SER B 964 17.24 12.97 -22.63
N ASP B 965 17.16 12.06 -23.60
CA ASP B 965 18.28 11.88 -24.52
C ASP B 965 18.48 13.10 -25.41
N PHE B 966 17.40 13.77 -25.79
CA PHE B 966 17.52 15.01 -26.55
C PHE B 966 18.28 16.06 -25.76
N ARG B 967 17.99 16.19 -24.46
CA ARG B 967 18.70 17.15 -23.62
C ARG B 967 20.18 16.80 -23.50
N LYS B 968 20.48 15.52 -23.29
CA LYS B 968 21.87 15.11 -23.08
C LYS B 968 22.68 15.08 -24.37
N ASP B 969 22.03 14.89 -25.52
CA ASP B 969 22.76 14.85 -26.77
C ASP B 969 23.01 16.23 -27.37
N PHE B 970 22.18 17.22 -27.04
CA PHE B 970 22.36 18.57 -27.56
C PHE B 970 22.61 19.59 -26.46
N GLN B 971 22.97 19.11 -25.26
CA GLN B 971 23.45 19.95 -24.18
C GLN B 971 22.39 20.98 -23.74
N PHE B 972 21.14 20.53 -23.68
CA PHE B 972 20.08 21.31 -23.04
C PHE B 972 19.78 20.75 -21.65
N TYR B 973 20.81 20.76 -20.82
CA TYR B 973 20.79 20.02 -19.56
C TYR B 973 19.78 20.61 -18.59
N LYS B 974 19.30 19.77 -17.67
CA LYS B 974 18.41 20.20 -16.61
C LYS B 974 19.07 19.94 -15.26
N VAL B 975 18.78 20.83 -14.31
CA VAL B 975 19.15 20.66 -12.91
C VAL B 975 17.91 21.00 -12.09
N ARG B 976 17.37 19.99 -11.40
CA ARG B 976 16.08 20.14 -10.73
C ARG B 976 16.15 21.14 -9.58
N GLU B 977 17.27 21.15 -8.86
CA GLU B 977 17.38 21.95 -7.64
C GLU B 977 17.51 23.45 -7.90
N ILE B 978 17.73 23.88 -9.14
CA ILE B 978 17.96 25.30 -9.38
C ILE B 978 16.66 26.08 -9.22
N ASN B 979 15.58 25.61 -9.84
CA ASN B 979 14.28 26.25 -9.71
C ASN B 979 13.22 25.26 -10.18
N ASN B 980 12.04 25.77 -10.53
CA ASN B 980 10.95 24.93 -11.04
C ASN B 980 10.75 25.08 -12.54
N TYR B 981 11.65 25.78 -13.23
CA TYR B 981 11.49 25.99 -14.66
C TYR B 981 11.60 24.70 -15.46
N HIS B 982 12.24 23.67 -14.91
CA HIS B 982 12.50 22.47 -15.70
C HIS B 982 11.23 21.73 -16.07
N HIS B 983 10.17 21.86 -15.26
CA HIS B 983 8.88 21.29 -15.64
C HIS B 983 8.34 21.92 -16.91
N ALA B 984 8.39 23.26 -16.98
CA ALA B 984 7.95 23.96 -18.17
C ALA B 984 8.87 23.67 -19.35
N HIS B 985 10.18 23.63 -19.11
CA HIS B 985 11.12 23.33 -20.18
C HIS B 985 10.89 21.92 -20.73
N ASP B 986 10.57 20.97 -19.84
CA ASP B 986 10.25 19.62 -20.30
C ASP B 986 9.02 19.62 -21.18
N ALA B 987 7.97 20.35 -20.79
CA ALA B 987 6.78 20.43 -21.62
C ALA B 987 7.10 21.03 -22.99
N TYR B 988 7.96 22.05 -23.02
CA TYR B 988 8.33 22.66 -24.29
C TYR B 988 9.07 21.66 -25.18
N LEU B 989 10.11 21.02 -24.61
CA LEU B 989 10.87 20.04 -25.37
C LEU B 989 10.01 18.87 -25.82
N ASN B 990 9.00 18.50 -25.02
CA ASN B 990 8.08 17.46 -25.45
C ASN B 990 7.31 17.90 -26.69
N ALA B 991 6.80 19.13 -26.69
CA ALA B 991 6.06 19.62 -27.84
C ALA B 991 6.94 19.69 -29.07
N VAL B 992 8.18 20.15 -28.91
CA VAL B 992 9.09 20.27 -30.05
C VAL B 992 9.43 18.89 -30.61
N VAL B 993 9.92 18.00 -29.76
CA VAL B 993 10.36 16.68 -30.22
C VAL B 993 9.18 15.89 -30.80
N GLY B 994 8.03 15.94 -30.14
CA GLY B 994 6.89 15.17 -30.60
C GLY B 994 6.38 15.63 -31.96
N THR B 995 6.22 16.94 -32.14
CA THR B 995 5.76 17.46 -33.42
C THR B 995 6.76 17.18 -34.53
N ALA B 996 8.05 17.40 -34.25
CA ALA B 996 9.08 17.16 -35.26
C ALA B 996 9.16 15.68 -35.61
N LEU B 997 8.98 14.80 -34.63
CA LEU B 997 9.07 13.37 -34.89
C LEU B 997 7.97 12.89 -35.81
N ILE B 998 6.73 13.31 -35.56
CA ILE B 998 5.64 12.89 -36.42
C ILE B 998 5.63 13.65 -37.75
N LYS B 999 6.27 14.82 -37.82
CA LYS B 999 6.44 15.50 -39.09
C LYS B 999 7.44 14.77 -39.97
N LYS B 1000 8.52 14.25 -39.37
CA LYS B 1000 9.55 13.56 -40.14
C LYS B 1000 9.06 12.22 -40.64
N TYR B 1001 8.41 11.44 -39.77
CA TYR B 1001 7.92 10.10 -40.09
C TYR B 1001 6.42 10.05 -39.83
N PRO B 1002 5.59 10.42 -40.80
CA PRO B 1002 4.14 10.38 -40.57
C PRO B 1002 3.60 8.98 -40.32
N LYS B 1003 4.26 7.95 -40.86
CA LYS B 1003 3.80 6.58 -40.63
C LYS B 1003 3.85 6.19 -39.16
N LEU B 1004 4.65 6.89 -38.34
CA LEU B 1004 4.72 6.63 -36.92
C LEU B 1004 3.47 7.04 -36.16
N GLU B 1005 2.48 7.67 -36.82
CA GLU B 1005 1.31 8.17 -36.13
C GLU B 1005 0.56 7.05 -35.41
N SER B 1006 0.48 5.86 -36.04
CA SER B 1006 -0.16 4.73 -35.38
C SER B 1006 0.49 4.40 -34.05
N GLU B 1007 1.81 4.60 -33.95
CA GLU B 1007 2.52 4.31 -32.72
C GLU B 1007 2.39 5.41 -31.68
N PHE B 1008 2.29 6.68 -32.12
CA PHE B 1008 2.41 7.81 -31.20
C PHE B 1008 1.16 8.65 -31.06
N VAL B 1009 0.20 8.57 -31.98
CA VAL B 1009 -1.00 9.40 -31.95
C VAL B 1009 -2.17 8.54 -31.52
N TYR B 1010 -2.96 9.03 -30.56
CA TYR B 1010 -4.15 8.32 -30.12
C TYR B 1010 -5.17 8.24 -31.23
N GLY B 1011 -5.83 7.09 -31.33
CA GLY B 1011 -6.83 6.84 -32.34
C GLY B 1011 -6.52 5.61 -33.17
N ASP B 1012 -7.55 5.17 -33.90
CA ASP B 1012 -7.43 3.99 -34.75
C ASP B 1012 -7.32 4.38 -36.22
N LYS B 1031 13.82 -9.21 -40.17
CA LYS B 1031 12.96 -8.08 -39.89
C LYS B 1031 13.18 -7.56 -38.47
N ALA B 1032 13.53 -8.47 -37.56
CA ALA B 1032 13.81 -8.07 -36.18
C ALA B 1032 15.01 -7.13 -36.12
N THR B 1033 16.07 -7.45 -36.87
CA THR B 1033 17.21 -6.55 -36.96
C THR B 1033 16.82 -5.21 -37.59
N ALA B 1034 15.88 -5.23 -38.53
CA ALA B 1034 15.45 -4.00 -39.19
C ALA B 1034 14.77 -3.06 -38.22
N LYS B 1035 13.82 -3.57 -37.43
CA LYS B 1035 13.15 -2.72 -36.45
C LYS B 1035 14.07 -2.33 -35.31
N TYR B 1036 15.01 -3.21 -34.94
CA TYR B 1036 16.00 -2.85 -33.93
C TYR B 1036 16.84 -1.66 -34.40
N PHE B 1037 17.39 -1.76 -35.62
CA PHE B 1037 18.14 -0.65 -36.19
C PHE B 1037 17.27 0.60 -36.31
N PHE B 1038 16.05 0.44 -36.80
CA PHE B 1038 15.18 1.58 -37.06
C PHE B 1038 14.84 2.33 -35.78
N TYR B 1039 14.44 1.60 -34.73
CA TYR B 1039 14.07 2.26 -33.48
C TYR B 1039 15.29 2.71 -32.69
N SER B 1040 16.47 2.13 -32.94
CA SER B 1040 17.67 2.64 -32.31
C SER B 1040 18.11 3.96 -32.93
N ASN B 1041 17.83 4.16 -34.23
CA ASN B 1041 18.25 5.34 -34.96
C ASN B 1041 17.08 6.25 -35.32
N ILE B 1042 15.97 6.15 -34.59
CA ILE B 1042 14.79 6.94 -34.91
C ILE B 1042 15.04 8.42 -34.66
N MET B 1043 15.87 8.75 -33.67
CA MET B 1043 16.14 10.14 -33.29
C MET B 1043 17.40 10.69 -33.93
N ASN B 1044 17.96 9.97 -34.91
CA ASN B 1044 19.19 10.42 -35.54
C ASN B 1044 18.99 11.60 -36.47
N PHE B 1045 17.76 11.84 -36.95
CA PHE B 1045 17.54 12.93 -37.89
C PHE B 1045 17.79 14.29 -37.26
N PHE B 1046 17.85 14.37 -35.93
CA PHE B 1046 18.23 15.61 -35.27
C PHE B 1046 19.73 15.87 -35.36
N LYS B 1047 20.54 14.81 -35.37
CA LYS B 1047 21.99 14.96 -35.37
C LYS B 1047 22.52 15.25 -36.76
N THR B 1048 23.65 15.95 -36.80
CA THR B 1048 24.34 16.22 -38.06
C THR B 1048 25.37 15.15 -38.39
N GLU B 1049 26.09 14.66 -37.39
CA GLU B 1049 27.09 13.61 -37.57
C GLU B 1049 26.71 12.42 -36.68
N ILE B 1050 26.64 11.24 -37.28
CA ILE B 1050 26.22 10.02 -36.59
C ILE B 1050 27.37 9.03 -36.63
N THR B 1051 27.73 8.50 -35.48
CA THR B 1051 28.83 7.54 -35.39
C THR B 1051 28.32 6.13 -35.13
N GLY B 1055 32.79 2.22 -36.78
CA GLY B 1055 32.96 1.97 -38.20
C GLY B 1055 31.75 2.37 -39.01
N GLU B 1056 30.91 3.22 -38.43
CA GLU B 1056 29.68 3.67 -39.06
C GLU B 1056 29.52 5.18 -38.88
N ILE B 1057 30.55 5.93 -39.24
CA ILE B 1057 30.53 7.38 -39.10
C ILE B 1057 30.08 7.98 -40.44
N ARG B 1058 29.01 8.77 -40.38
CA ARG B 1058 28.40 9.33 -41.58
C ARG B 1058 27.65 10.60 -41.20
N LYS B 1059 27.35 11.41 -42.21
CA LYS B 1059 26.77 12.73 -42.02
C LYS B 1059 25.32 12.76 -42.50
N ARG B 1060 24.65 13.85 -42.17
CA ARG B 1060 23.27 14.11 -42.54
C ARG B 1060 23.15 15.55 -42.98
N PRO B 1061 22.12 15.87 -43.78
CA PRO B 1061 21.93 17.27 -44.20
C PRO B 1061 21.64 18.17 -43.00
N LEU B 1062 22.01 19.45 -43.15
CA LEU B 1062 21.67 20.43 -42.14
C LEU B 1062 20.18 20.65 -42.05
N ILE B 1063 19.47 20.57 -43.18
CA ILE B 1063 18.03 20.72 -43.24
C ILE B 1063 17.42 19.34 -43.42
N GLU B 1064 16.54 18.96 -42.50
CA GLU B 1064 15.83 17.68 -42.55
C GLU B 1064 14.39 17.95 -42.94
N THR B 1065 13.92 17.24 -43.97
CA THR B 1065 12.60 17.45 -44.51
C THR B 1065 11.83 16.14 -44.55
N ASN B 1066 10.54 16.24 -44.84
CA ASN B 1066 9.72 15.06 -45.06
C ASN B 1066 9.94 14.53 -46.47
N GLY B 1067 10.04 13.20 -46.59
CA GLY B 1067 10.39 12.62 -47.87
C GLY B 1067 9.33 12.80 -48.94
N GLU B 1068 8.07 12.66 -48.57
CA GLU B 1068 6.98 12.73 -49.55
C GLU B 1068 6.47 14.15 -49.74
N THR B 1069 6.10 14.84 -48.66
CA THR B 1069 5.56 16.19 -48.77
C THR B 1069 6.61 17.21 -49.15
N GLY B 1070 7.88 16.95 -48.86
CA GLY B 1070 8.92 17.93 -49.06
C GLY B 1070 8.94 19.04 -48.04
N GLU B 1071 8.13 18.95 -46.99
CA GLU B 1071 8.07 20.00 -45.98
C GLU B 1071 9.25 19.89 -45.03
N ILE B 1072 9.78 21.05 -44.63
CA ILE B 1072 10.91 21.11 -43.71
C ILE B 1072 10.44 20.80 -42.31
N VAL B 1073 11.21 19.98 -41.59
CA VAL B 1073 10.81 19.57 -40.24
C VAL B 1073 11.85 20.01 -39.22
N TRP B 1074 13.10 20.19 -39.64
CA TRP B 1074 14.15 20.54 -38.69
C TRP B 1074 15.30 21.21 -39.43
N ASP B 1075 15.61 22.45 -39.04
CA ASP B 1075 16.75 23.20 -39.57
C ASP B 1075 17.80 23.24 -38.48
N LYS B 1076 18.84 22.42 -38.63
CA LYS B 1076 19.87 22.31 -37.59
C LYS B 1076 20.72 23.57 -37.47
N GLY B 1077 20.44 24.62 -38.22
CA GLY B 1077 21.19 25.85 -38.11
C GLY B 1077 20.42 26.95 -37.41
N ARG B 1078 19.09 26.82 -37.35
CA ARG B 1078 18.25 27.85 -36.75
C ARG B 1078 17.28 27.33 -35.70
N ASP B 1079 16.96 26.03 -35.68
CA ASP B 1079 15.98 25.53 -34.73
C ASP B 1079 16.60 25.21 -33.37
N PHE B 1080 17.85 24.76 -33.34
CA PHE B 1080 18.53 24.58 -32.06
C PHE B 1080 18.71 25.91 -31.34
N ALA B 1081 19.01 26.98 -32.10
CA ALA B 1081 19.09 28.30 -31.49
C ALA B 1081 17.74 28.71 -30.92
N THR B 1082 16.65 28.33 -31.59
CA THR B 1082 15.32 28.63 -31.08
C THR B 1082 15.08 27.93 -29.74
N VAL B 1083 15.40 26.64 -29.67
CA VAL B 1083 15.26 25.90 -28.42
C VAL B 1083 16.11 26.53 -27.32
N ARG B 1084 17.34 26.92 -27.66
CA ARG B 1084 18.21 27.55 -26.68
C ARG B 1084 17.64 28.87 -26.19
N LYS B 1085 17.09 29.68 -27.09
CA LYS B 1085 16.51 30.95 -26.69
C LYS B 1085 15.30 30.74 -25.79
N VAL B 1086 14.50 29.72 -26.07
CA VAL B 1086 13.33 29.43 -25.25
C VAL B 1086 13.75 29.03 -23.84
N LEU B 1087 14.75 28.16 -23.72
CA LEU B 1087 15.22 27.75 -22.40
C LEU B 1087 15.91 28.88 -21.65
N SER B 1088 16.36 29.92 -22.36
CA SER B 1088 17.04 31.04 -21.71
C SER B 1088 16.08 32.09 -21.17
N MET B 1089 14.81 32.04 -21.54
CA MET B 1089 13.87 33.08 -21.14
C MET B 1089 13.71 33.10 -19.62
N PRO B 1090 13.91 34.25 -18.95
CA PRO B 1090 13.80 34.29 -17.49
C PRO B 1090 12.37 34.30 -16.99
N GLN B 1091 11.44 34.83 -17.78
CA GLN B 1091 10.04 34.94 -17.39
C GLN B 1091 9.34 33.63 -17.72
N VAL B 1092 9.06 32.83 -16.70
CA VAL B 1092 8.34 31.56 -16.84
C VAL B 1092 7.23 31.54 -15.80
N ASN B 1093 6.01 31.19 -16.24
CA ASN B 1093 4.82 31.31 -15.39
C ASN B 1093 4.75 30.11 -14.45
N ILE B 1094 5.47 30.22 -13.33
CA ILE B 1094 5.38 29.22 -12.26
C ILE B 1094 4.27 29.65 -11.32
N VAL B 1095 3.28 28.76 -11.13
CA VAL B 1095 2.11 29.05 -10.31
C VAL B 1095 1.94 27.92 -9.31
N LYS B 1096 1.97 28.26 -8.03
CA LYS B 1096 1.69 27.33 -6.95
C LYS B 1096 0.19 27.37 -6.64
N LYS B 1097 -0.47 26.21 -6.76
CA LYS B 1097 -1.92 26.11 -6.57
C LYS B 1097 -2.31 26.49 -5.14
N THR B 1098 -3.05 27.58 -4.97
CA THR B 1098 -3.57 27.93 -3.66
C THR B 1098 -4.65 26.94 -3.27
N GLU B 1099 -4.61 26.45 -2.03
CA GLU B 1099 -5.52 25.40 -1.60
C GLU B 1099 -5.93 25.63 -0.15
N VAL B 1100 -7.24 25.54 0.10
CA VAL B 1100 -7.73 25.49 1.47
C VAL B 1100 -7.24 24.20 2.12
N GLN B 1101 -6.77 24.31 3.36
CA GLN B 1101 -6.25 23.16 4.08
C GLN B 1101 -7.40 22.40 4.75
N THR B 1102 -7.37 21.07 4.62
CA THR B 1102 -8.37 20.19 5.20
C THR B 1102 -7.66 19.09 5.99
N GLY B 1103 -8.45 18.27 6.67
CA GLY B 1103 -7.90 17.17 7.42
C GLY B 1103 -8.07 17.30 8.92
N GLY B 1104 -7.10 16.78 9.68
CA GLY B 1104 -7.20 16.84 11.12
C GLY B 1104 -7.24 18.25 11.66
N PHE B 1105 -8.02 18.44 12.73
CA PHE B 1105 -8.15 19.76 13.33
C PHE B 1105 -6.79 20.28 13.81
N SER B 1106 -5.96 19.40 14.33
CA SER B 1106 -4.73 19.81 15.02
C SER B 1106 -3.84 18.59 15.19
N LYS B 1107 -2.72 18.79 15.86
CA LYS B 1107 -1.92 17.67 16.32
C LYS B 1107 -2.77 16.78 17.24
N GLU B 1108 -2.55 15.47 17.15
CA GLU B 1108 -3.36 14.54 17.92
C GLU B 1108 -2.91 14.42 19.37
N SER B 1109 -1.72 14.89 19.70
CA SER B 1109 -1.17 14.71 21.04
C SER B 1109 -2.06 15.35 22.08
N ILE B 1110 -2.46 14.56 23.08
CA ILE B 1110 -3.25 15.05 24.20
C ILE B 1110 -2.26 15.54 25.26
N LEU B 1111 -2.08 16.87 25.31
CA LEU B 1111 -1.04 17.47 26.14
C LEU B 1111 -1.52 17.63 27.58
N PRO B 1112 -0.59 17.66 28.54
CA PRO B 1112 -0.98 17.93 29.93
C PRO B 1112 -1.46 19.36 30.09
N LYS B 1113 -2.08 19.62 31.24
CA LYS B 1113 -2.63 20.94 31.50
C LYS B 1113 -1.52 21.98 31.53
N ARG B 1114 -1.88 23.20 31.16
CA ARG B 1114 -0.91 24.28 31.04
C ARG B 1114 -1.68 25.59 31.02
N ASN B 1115 -1.04 26.63 31.57
CA ASN B 1115 -1.65 27.97 31.61
C ASN B 1115 -1.32 28.70 30.31
N SER B 1116 -1.97 28.24 29.24
CA SER B 1116 -1.77 28.77 27.91
C SER B 1116 -3.10 28.80 27.17
N ASP B 1117 -3.35 29.91 26.48
CA ASP B 1117 -4.52 30.05 25.63
C ASP B 1117 -4.39 29.32 24.30
N LYS B 1118 -3.25 28.67 24.04
CA LYS B 1118 -3.10 27.85 22.85
C LYS B 1118 -3.77 26.48 23.02
N LEU B 1119 -3.97 26.03 24.24
CA LEU B 1119 -4.62 24.74 24.47
C LEU B 1119 -6.08 24.79 24.04
N ILE B 1120 -6.56 23.65 23.57
CA ILE B 1120 -7.91 23.53 23.03
C ILE B 1120 -8.62 22.40 23.76
N ALA B 1121 -9.85 22.65 24.17
CA ALA B 1121 -10.60 21.70 24.98
C ALA B 1121 -10.97 20.45 24.17
N ARG B 1122 -10.67 19.28 24.72
CA ARG B 1122 -11.06 18.03 24.09
C ARG B 1122 -12.55 17.76 24.23
N LYS B 1123 -13.21 18.33 25.22
CA LYS B 1123 -14.66 18.28 25.35
C LYS B 1123 -15.13 19.67 25.73
N LYS B 1124 -16.43 19.92 25.55
CA LYS B 1124 -16.97 21.26 25.71
C LYS B 1124 -16.68 21.83 27.09
N ASP B 1125 -16.80 21.01 28.13
CA ASP B 1125 -16.65 21.49 29.50
C ASP B 1125 -15.31 21.13 30.12
N TRP B 1126 -14.32 20.74 29.31
CA TRP B 1126 -13.01 20.35 29.83
C TRP B 1126 -12.03 21.52 29.63
N ASP B 1127 -12.07 22.45 30.58
CA ASP B 1127 -11.16 23.59 30.64
C ASP B 1127 -9.73 23.09 30.53
N PRO B 1128 -9.01 23.38 29.45
CA PRO B 1128 -7.67 22.81 29.27
C PRO B 1128 -6.69 23.20 30.36
N LYS B 1129 -6.95 24.29 31.10
CA LYS B 1129 -6.09 24.61 32.24
C LYS B 1129 -6.25 23.62 33.37
N LYS B 1130 -7.37 22.89 33.41
CA LYS B 1130 -7.56 21.83 34.39
C LYS B 1130 -7.35 20.44 33.81
N TYR B 1131 -7.54 20.24 32.51
CA TYR B 1131 -7.57 18.91 31.93
C TYR B 1131 -6.60 18.70 30.78
N GLY B 1132 -5.85 19.73 30.36
CA GLY B 1132 -5.05 19.62 29.16
C GLY B 1132 -5.89 19.64 27.89
N GLY B 1133 -5.22 19.31 26.78
CA GLY B 1133 -5.92 19.20 25.51
C GLY B 1133 -4.94 19.28 24.35
N PHE B 1134 -5.47 19.74 23.21
CA PHE B 1134 -4.70 19.90 21.99
C PHE B 1134 -4.13 21.31 21.89
N ASP B 1135 -3.10 21.44 21.06
CA ASP B 1135 -2.71 22.73 20.50
C ASP B 1135 -2.29 22.48 19.05
N SER B 1136 -1.65 23.48 18.45
CA SER B 1136 -1.21 23.41 17.07
C SER B 1136 -2.33 23.05 16.08
N PRO B 1137 -3.36 23.88 16.01
CA PRO B 1137 -4.40 23.66 15.01
C PRO B 1137 -3.93 24.07 13.63
N THR B 1138 -4.60 23.52 12.62
CA THR B 1138 -4.29 23.79 11.23
C THR B 1138 -5.23 24.88 10.71
N VAL B 1139 -4.65 25.90 10.09
CA VAL B 1139 -5.44 26.99 9.51
C VAL B 1139 -5.97 26.53 8.16
N ALA B 1140 -7.31 26.44 8.04
CA ALA B 1140 -7.91 26.14 6.76
C ALA B 1140 -7.62 27.24 5.75
N TYR B 1141 -7.76 28.50 6.15
CA TYR B 1141 -7.44 29.64 5.31
C TYR B 1141 -7.49 30.90 6.16
N SER B 1142 -6.64 31.86 5.82
CA SER B 1142 -6.63 33.12 6.54
C SER B 1142 -7.68 34.07 5.97
N VAL B 1143 -8.01 35.09 6.76
CA VAL B 1143 -9.02 36.07 6.38
C VAL B 1143 -8.50 37.46 6.74
N LEU B 1144 -8.45 38.34 5.75
CA LEU B 1144 -8.07 39.74 5.98
C LEU B 1144 -9.24 40.47 6.62
N VAL B 1145 -9.03 40.98 7.84
CA VAL B 1145 -10.08 41.67 8.58
C VAL B 1145 -9.69 43.15 8.71
N VAL B 1146 -10.60 44.02 8.31
CA VAL B 1146 -10.46 45.47 8.47
C VAL B 1146 -11.61 45.92 9.36
N ALA B 1147 -11.29 46.24 10.61
CA ALA B 1147 -12.32 46.56 11.59
C ALA B 1147 -11.66 47.34 12.72
N LYS B 1148 -12.32 47.34 13.88
CA LYS B 1148 -11.81 47.99 15.08
C LYS B 1148 -11.86 47.02 16.25
N VAL B 1149 -10.89 47.14 17.15
CA VAL B 1149 -10.82 46.32 18.34
C VAL B 1149 -10.72 47.24 19.56
N GLU B 1150 -11.29 46.78 20.67
CA GLU B 1150 -11.18 47.51 21.93
C GLU B 1150 -9.73 47.51 22.40
N LYS B 1151 -9.33 48.60 23.04
CA LYS B 1151 -7.95 48.77 23.48
C LYS B 1151 -7.92 49.30 24.91
N GLY B 1152 -7.08 48.69 25.74
CA GLY B 1152 -6.91 49.15 27.11
C GLY B 1152 -8.11 48.87 27.99
N LYS B 1153 -7.97 49.27 29.26
CA LYS B 1153 -9.06 49.12 30.21
C LYS B 1153 -10.25 50.00 29.88
N SER B 1154 -10.04 51.06 29.11
CA SER B 1154 -11.11 51.94 28.67
C SER B 1154 -11.91 51.37 27.50
N LYS B 1155 -11.45 50.29 26.88
CA LYS B 1155 -12.14 49.65 25.76
C LYS B 1155 -12.35 50.62 24.59
N LYS B 1156 -11.37 51.50 24.37
CA LYS B 1156 -11.45 52.44 23.27
C LYS B 1156 -11.25 51.73 21.93
N LEU B 1157 -12.06 52.10 20.94
CA LEU B 1157 -12.01 51.45 19.64
C LEU B 1157 -10.82 51.95 18.84
N LYS B 1158 -10.03 51.02 18.30
CA LYS B 1158 -8.85 51.33 17.53
C LYS B 1158 -8.89 50.57 16.21
N SER B 1159 -8.62 51.27 15.10
CA SER B 1159 -8.69 50.63 13.79
C SER B 1159 -7.51 49.70 13.57
N VAL B 1160 -7.80 48.52 13.02
CA VAL B 1160 -6.79 47.51 12.76
C VAL B 1160 -6.99 46.91 11.38
N LYS B 1161 -5.92 46.33 10.86
CA LYS B 1161 -5.96 45.51 9.65
C LYS B 1161 -4.98 44.37 9.90
N GLU B 1162 -5.48 43.14 9.97
CA GLU B 1162 -4.64 42.01 10.35
C GLU B 1162 -5.18 40.72 9.74
N LEU B 1163 -4.39 39.66 9.87
CA LEU B 1163 -4.71 38.35 9.33
C LEU B 1163 -5.18 37.44 10.46
N LEU B 1164 -6.41 36.92 10.33
CA LEU B 1164 -6.96 35.95 11.28
C LEU B 1164 -7.00 34.59 10.61
N GLY B 1165 -6.32 33.62 11.20
CA GLY B 1165 -6.36 32.27 10.69
C GLY B 1165 -7.61 31.54 11.14
N ILE B 1166 -8.49 31.21 10.20
CA ILE B 1166 -9.65 30.38 10.50
C ILE B 1166 -9.19 28.93 10.49
N THR B 1167 -9.22 28.29 11.66
CA THR B 1167 -8.81 26.91 11.73
C THR B 1167 -9.81 26.01 11.00
N ILE B 1168 -9.39 24.77 10.76
CA ILE B 1168 -10.29 23.79 10.17
C ILE B 1168 -11.52 23.59 11.06
N MET B 1169 -11.32 23.54 12.37
CA MET B 1169 -12.44 23.32 13.27
C MET B 1169 -13.39 24.52 13.28
N GLU B 1170 -12.87 25.73 13.10
CA GLU B 1170 -13.65 26.96 13.13
C GLU B 1170 -14.31 27.28 11.79
N ARG B 1171 -13.98 26.56 10.72
CA ARG B 1171 -14.39 26.98 9.39
C ARG B 1171 -15.90 26.99 9.23
N SER B 1172 -16.57 25.91 9.66
CA SER B 1172 -18.02 25.83 9.47
C SER B 1172 -18.74 26.95 10.21
N SER B 1173 -18.32 27.21 11.45
CA SER B 1173 -18.94 28.28 12.22
C SER B 1173 -18.67 29.64 11.60
N PHE B 1174 -17.44 29.87 11.13
CA PHE B 1174 -17.10 31.16 10.54
C PHE B 1174 -17.88 31.39 9.25
N GLU B 1175 -18.01 30.36 8.40
CA GLU B 1175 -18.73 30.53 7.15
C GLU B 1175 -20.23 30.68 7.36
N LYS B 1176 -20.76 30.08 8.43
CA LYS B 1176 -22.19 30.19 8.68
C LYS B 1176 -22.60 31.63 8.97
N ASN B 1177 -21.74 32.39 9.65
CA ASN B 1177 -22.00 33.80 9.92
C ASN B 1177 -20.68 34.52 10.17
N PRO B 1178 -20.03 35.02 9.11
CA PRO B 1178 -18.69 35.62 9.30
C PRO B 1178 -18.69 36.82 10.25
N ILE B 1179 -19.74 37.63 10.25
CA ILE B 1179 -19.75 38.83 11.06
C ILE B 1179 -19.84 38.48 12.54
N ASP B 1180 -20.76 37.59 12.90
CA ASP B 1180 -20.90 37.19 14.29
C ASP B 1180 -19.67 36.42 14.78
N PHE B 1181 -19.05 35.64 13.91
CA PHE B 1181 -17.82 34.93 14.27
C PHE B 1181 -16.72 35.92 14.59
N LEU B 1182 -16.51 36.92 13.71
CA LEU B 1182 -15.45 37.90 13.93
C LEU B 1182 -15.73 38.76 15.16
N GLU B 1183 -16.99 39.13 15.37
CA GLU B 1183 -17.33 39.89 16.57
C GLU B 1183 -17.08 39.09 17.84
N ALA B 1184 -17.30 37.77 17.79
CA ALA B 1184 -16.96 36.91 18.93
C ALA B 1184 -15.47 36.91 19.20
N LYS B 1185 -14.66 36.95 18.14
CA LYS B 1185 -13.21 37.00 18.29
C LYS B 1185 -12.73 38.34 18.83
N GLY B 1186 -13.53 39.39 18.73
CA GLY B 1186 -13.18 40.67 19.30
C GLY B 1186 -13.30 41.86 18.37
N TYR B 1187 -13.45 41.61 17.07
CA TYR B 1187 -13.49 42.69 16.10
C TYR B 1187 -14.83 43.39 16.10
N LYS B 1188 -14.81 44.71 15.95
CA LYS B 1188 -16.00 45.55 15.95
C LYS B 1188 -16.04 46.35 14.65
N GLU B 1189 -17.25 46.53 14.12
CA GLU B 1189 -17.48 47.28 12.88
C GLU B 1189 -16.64 46.72 11.74
N VAL B 1190 -16.91 45.45 11.44
CA VAL B 1190 -16.12 44.75 10.43
C VAL B 1190 -16.59 45.16 9.04
N LYS B 1191 -15.66 45.67 8.23
CA LYS B 1191 -15.95 45.96 6.83
C LYS B 1191 -16.20 44.64 6.12
N LYS B 1192 -17.47 44.30 5.92
CA LYS B 1192 -17.82 42.97 5.41
C LYS B 1192 -17.33 42.77 3.99
N ASP B 1193 -17.40 43.81 3.15
CA ASP B 1193 -16.98 43.68 1.76
C ASP B 1193 -15.46 43.68 1.58
N LEU B 1194 -14.71 44.09 2.60
CA LEU B 1194 -13.26 44.05 2.54
C LEU B 1194 -12.68 42.76 3.10
N ILE B 1195 -13.52 41.80 3.45
CA ILE B 1195 -13.03 40.50 3.91
C ILE B 1195 -12.48 39.74 2.71
N ILE B 1196 -11.20 39.40 2.76
CA ILE B 1196 -10.53 38.69 1.68
C ILE B 1196 -10.18 37.30 2.18
N LYS B 1197 -10.62 36.28 1.45
CA LYS B 1197 -10.31 34.89 1.77
C LYS B 1197 -8.93 34.56 1.21
N LEU B 1198 -7.99 34.17 2.07
CA LEU B 1198 -6.61 33.94 1.69
C LEU B 1198 -6.20 32.49 2.00
N PRO B 1199 -6.34 31.58 1.05
CA PRO B 1199 -5.88 30.21 1.27
C PRO B 1199 -4.36 30.15 1.34
N LYS B 1200 -3.87 28.98 1.72
CA LYS B 1200 -2.43 28.76 1.78
C LYS B 1200 -1.81 28.97 0.40
N TYR B 1201 -0.59 29.51 0.41
CA TYR B 1201 0.17 29.88 -0.79
C TYR B 1201 -0.40 31.10 -1.52
N SER B 1202 -1.21 31.92 -0.85
CA SER B 1202 -1.64 33.17 -1.45
C SER B 1202 -0.43 34.06 -1.71
N LEU B 1203 -0.33 34.57 -2.94
CA LEU B 1203 0.86 35.27 -3.41
C LEU B 1203 0.77 36.76 -3.18
N PHE B 1204 1.84 37.34 -2.64
CA PHE B 1204 1.95 38.79 -2.41
C PHE B 1204 3.27 39.30 -2.99
N GLU B 1205 3.22 40.47 -3.61
CA GLU B 1205 4.42 41.13 -4.11
C GLU B 1205 4.66 42.41 -3.33
N LEU B 1206 5.91 42.63 -2.96
CA LEU B 1206 6.31 43.78 -2.13
C LEU B 1206 7.24 44.68 -2.95
N GLU B 1207 8.42 45.06 -2.46
CA GLU B 1207 9.31 45.97 -3.17
C GLU B 1207 10.38 45.19 -3.93
N ASN B 1208 10.84 45.77 -5.05
CA ASN B 1208 11.90 45.17 -5.86
C ASN B 1208 11.52 43.78 -6.33
N GLY B 1209 10.23 43.56 -6.60
CA GLY B 1209 9.77 42.27 -7.08
C GLY B 1209 9.86 41.14 -6.08
N ARG B 1210 10.15 41.45 -4.82
CA ARG B 1210 10.18 40.43 -3.79
C ARG B 1210 8.77 39.90 -3.53
N LYS B 1211 8.61 38.58 -3.58
CA LYS B 1211 7.32 37.94 -3.42
C LYS B 1211 7.33 37.01 -2.22
N ARG B 1212 6.17 36.91 -1.57
CA ARG B 1212 5.95 36.01 -0.46
C ARG B 1212 4.67 35.21 -0.71
N MET B 1213 4.64 33.99 -0.21
CA MET B 1213 3.44 33.17 -0.20
C MET B 1213 2.98 32.96 1.24
N LEU B 1214 1.67 32.85 1.41
CA LEU B 1214 1.07 32.63 2.72
C LEU B 1214 1.29 31.17 3.13
N ALA B 1215 2.06 30.97 4.21
CA ALA B 1215 2.21 29.63 4.77
C ALA B 1215 1.15 29.33 5.82
N SER B 1216 0.67 30.37 6.51
CA SER B 1216 -0.40 30.29 7.48
C SER B 1216 -0.87 31.70 7.79
N ALA B 1217 -1.49 31.90 8.95
CA ALA B 1217 -1.84 33.25 9.38
C ALA B 1217 -0.64 34.04 9.90
N GLY B 1218 0.40 33.36 10.39
CA GLY B 1218 1.55 34.04 10.94
C GLY B 1218 2.90 33.58 10.42
N GLU B 1219 2.94 33.09 9.19
CA GLU B 1219 4.21 32.67 8.60
C GLU B 1219 4.10 32.77 7.08
N LEU B 1220 5.24 33.07 6.45
CA LEU B 1220 5.34 33.26 5.01
C LEU B 1220 6.36 32.30 4.42
N GLN B 1221 6.18 32.01 3.13
CA GLN B 1221 7.13 31.24 2.35
C GLN B 1221 7.78 32.13 1.29
N LYS B 1222 8.92 31.68 0.80
CA LYS B 1222 9.58 32.35 -0.32
C LYS B 1222 8.70 32.28 -1.56
N GLY B 1223 8.53 33.41 -2.23
CA GLY B 1223 7.62 33.48 -3.36
C GLY B 1223 8.22 33.71 -4.74
N ASN B 1224 9.55 33.70 -4.85
CA ASN B 1224 10.21 34.03 -6.11
C ASN B 1224 11.00 32.85 -6.66
N GLU B 1225 11.29 32.93 -7.95
CA GLU B 1225 12.11 31.94 -8.65
C GLU B 1225 13.43 32.58 -9.05
N LEU B 1226 14.52 31.81 -8.92
CA LEU B 1226 15.85 32.27 -9.32
C LEU B 1226 16.10 31.81 -10.74
N ALA B 1227 16.00 32.74 -11.71
CA ALA B 1227 16.19 32.42 -13.12
C ALA B 1227 17.69 32.46 -13.42
N LEU B 1228 18.37 31.40 -13.03
CA LEU B 1228 19.80 31.28 -13.30
C LEU B 1228 20.02 31.12 -14.80
N PRO B 1229 20.90 31.92 -15.41
CA PRO B 1229 21.11 31.82 -16.87
C PRO B 1229 21.54 30.42 -17.30
N SER B 1230 21.27 30.13 -18.57
CA SER B 1230 21.47 28.78 -19.10
C SER B 1230 22.94 28.36 -19.05
N LYS B 1231 23.85 29.30 -19.32
CA LYS B 1231 25.27 28.95 -19.29
C LYS B 1231 25.67 28.42 -17.93
N TYR B 1232 25.16 29.02 -16.86
CA TYR B 1232 25.50 28.57 -15.51
C TYR B 1232 24.86 27.22 -15.20
N VAL B 1233 23.64 27.00 -15.70
CA VAL B 1233 22.97 25.72 -15.48
C VAL B 1233 23.72 24.60 -16.15
N ASN B 1234 24.13 24.80 -17.41
CA ASN B 1234 24.86 23.76 -18.13
C ASN B 1234 26.24 23.53 -17.51
N PHE B 1235 26.89 24.60 -17.07
CA PHE B 1235 28.18 24.44 -16.40
C PHE B 1235 28.02 23.64 -15.11
N LEU B 1236 26.98 23.95 -14.32
CA LEU B 1236 26.74 23.20 -13.10
C LEU B 1236 26.45 21.73 -13.40
N TYR B 1237 25.74 21.46 -14.49
CA TYR B 1237 25.48 20.07 -14.87
C TYR B 1237 26.77 19.35 -15.20
N LEU B 1238 27.59 19.92 -16.08
CA LEU B 1238 28.80 19.24 -16.54
C LEU B 1238 29.84 19.16 -15.43
N ALA B 1239 29.99 20.23 -14.65
CA ALA B 1239 31.03 20.25 -13.63
C ALA B 1239 30.73 19.27 -12.50
N SER B 1240 29.46 19.15 -12.12
CA SER B 1240 29.07 18.29 -11.01
C SER B 1240 28.98 16.81 -11.40
N HIS B 1241 29.22 16.47 -12.67
CA HIS B 1241 29.00 15.12 -13.18
C HIS B 1241 27.59 14.65 -12.84
N TYR B 1242 26.62 15.43 -13.30
CA TYR B 1242 25.22 15.17 -12.96
C TYR B 1242 24.78 13.79 -13.43
N GLU B 1243 25.04 13.47 -14.70
CA GLU B 1243 24.69 12.17 -15.26
C GLU B 1243 25.77 11.69 -16.23
N LYS B 1246 27.58 9.10 -20.68
CA LYS B 1246 28.70 10.00 -20.91
C LYS B 1246 28.86 10.36 -22.38
N GLY B 1247 29.49 9.46 -23.13
CA GLY B 1247 29.75 9.66 -24.54
C GLY B 1247 31.18 9.28 -24.89
N SER B 1248 31.64 9.80 -26.02
CA SER B 1248 32.99 9.51 -26.47
C SER B 1248 34.02 10.13 -25.52
N PRO B 1249 35.19 9.49 -25.36
CA PRO B 1249 36.22 10.09 -24.50
C PRO B 1249 36.71 11.44 -25.01
N GLU B 1250 36.71 11.67 -26.33
CA GLU B 1250 37.07 12.97 -26.86
C GLU B 1250 36.03 14.03 -26.48
N ASP B 1251 34.74 13.66 -26.53
CA ASP B 1251 33.71 14.58 -26.08
C ASP B 1251 33.77 14.80 -24.58
N ASN B 1252 34.09 13.75 -23.82
CA ASN B 1252 34.30 13.91 -22.39
C ASN B 1252 35.45 14.87 -22.11
N GLU B 1253 36.50 14.81 -22.93
CA GLU B 1253 37.62 15.73 -22.76
C GLU B 1253 37.23 17.16 -23.10
N GLN B 1254 36.41 17.35 -24.13
CA GLN B 1254 35.98 18.69 -24.50
C GLN B 1254 35.09 19.29 -23.41
N LYS B 1255 34.20 18.49 -22.82
CA LYS B 1255 33.39 18.97 -21.71
C LYS B 1255 34.24 19.27 -20.50
N GLN B 1256 35.26 18.44 -20.23
CA GLN B 1256 36.16 18.70 -19.11
C GLN B 1256 36.97 19.97 -19.34
N LEU B 1257 37.43 20.19 -20.57
CA LEU B 1257 38.15 21.42 -20.89
C LEU B 1257 37.24 22.63 -20.73
N PHE B 1258 35.96 22.50 -21.11
CA PHE B 1258 35.02 23.59 -20.94
C PHE B 1258 34.83 23.94 -19.47
N VAL B 1259 34.69 22.92 -18.62
CA VAL B 1259 34.53 23.16 -17.18
C VAL B 1259 35.73 23.90 -16.62
N GLU B 1260 36.94 23.46 -16.97
CA GLU B 1260 38.14 24.08 -16.43
C GLU B 1260 38.42 25.44 -17.06
N GLN B 1261 38.00 25.66 -18.30
CA GLN B 1261 38.17 26.98 -18.91
C GLN B 1261 37.18 27.98 -18.35
N HIS B 1262 36.02 27.52 -17.88
CA HIS B 1262 34.99 28.38 -17.33
C HIS B 1262 34.87 28.22 -15.82
N LYS B 1263 35.99 27.91 -15.15
CA LYS B 1263 36.00 27.74 -13.70
C LYS B 1263 35.49 28.97 -12.97
N HIS B 1264 35.70 30.16 -13.56
CA HIS B 1264 35.22 31.40 -12.96
C HIS B 1264 33.70 31.45 -12.85
N TYR B 1265 32.98 30.56 -13.53
CA TYR B 1265 31.53 30.50 -13.37
C TYR B 1265 31.12 30.21 -11.94
N LEU B 1266 32.00 29.60 -11.14
CA LEU B 1266 31.68 29.35 -9.73
C LEU B 1266 31.49 30.66 -8.97
N ASP B 1267 32.44 31.59 -9.10
CA ASP B 1267 32.28 32.90 -8.48
C ASP B 1267 31.07 33.64 -9.05
N GLU B 1268 30.84 33.51 -10.36
CA GLU B 1268 29.71 34.20 -10.97
C GLU B 1268 28.38 33.66 -10.47
N ILE B 1269 28.30 32.34 -10.25
CA ILE B 1269 27.06 31.75 -9.75
C ILE B 1269 26.84 32.14 -8.30
N ILE B 1270 27.89 32.13 -7.49
CA ILE B 1270 27.78 32.58 -6.10
C ILE B 1270 27.31 34.02 -6.04
N GLU B 1271 27.86 34.87 -6.91
CA GLU B 1271 27.46 36.27 -6.93
C GLU B 1271 26.00 36.41 -7.37
N GLN B 1272 25.55 35.58 -8.30
CA GLN B 1272 24.15 35.62 -8.70
C GLN B 1272 23.23 35.21 -7.57
N ILE B 1273 23.63 34.16 -6.83
CA ILE B 1273 22.86 33.75 -5.65
C ILE B 1273 22.84 34.87 -4.62
N SER B 1274 23.96 35.59 -4.48
CA SER B 1274 24.05 36.64 -3.48
C SER B 1274 23.16 37.83 -3.84
N GLU B 1275 23.20 38.26 -5.10
CA GLU B 1275 22.32 39.35 -5.53
C GLU B 1275 20.86 38.98 -5.35
N PHE B 1276 20.50 37.75 -5.73
CA PHE B 1276 19.12 37.29 -5.55
C PHE B 1276 18.74 37.28 -4.07
N SER B 1277 19.58 36.67 -3.22
CA SER B 1277 19.27 36.57 -1.81
C SER B 1277 19.11 37.94 -1.16
N LYS B 1278 20.03 38.87 -1.47
CA LYS B 1278 19.94 40.21 -0.87
C LYS B 1278 18.72 40.97 -1.37
N ARG B 1279 18.26 40.67 -2.59
CA ARG B 1279 17.10 41.37 -3.12
C ARG B 1279 15.78 40.79 -2.60
N VAL B 1280 15.72 39.48 -2.38
CA VAL B 1280 14.41 38.85 -2.17
C VAL B 1280 14.39 37.90 -0.97
N ILE B 1281 15.50 37.23 -0.67
CA ILE B 1281 15.49 36.23 0.38
C ILE B 1281 15.56 36.89 1.76
N LEU B 1282 16.44 37.88 1.91
CA LEU B 1282 16.58 38.66 3.14
C LEU B 1282 16.91 37.77 4.34
N ALA B 1283 17.94 36.94 4.19
CA ALA B 1283 18.46 36.11 5.27
C ALA B 1283 19.93 36.47 5.42
N ASP B 1284 20.19 37.55 6.18
CA ASP B 1284 21.54 38.09 6.27
C ASP B 1284 22.51 37.08 6.88
N ALA B 1285 22.13 36.47 8.00
CA ALA B 1285 23.03 35.56 8.69
C ALA B 1285 23.34 34.33 7.84
N ASN B 1286 22.31 33.73 7.24
CA ASN B 1286 22.51 32.53 6.44
C ASN B 1286 23.35 32.83 5.20
N LEU B 1287 23.11 33.99 4.56
CA LEU B 1287 23.92 34.36 3.40
C LEU B 1287 25.37 34.59 3.80
N ASP B 1288 25.61 35.19 4.98
CA ASP B 1288 26.98 35.38 5.45
C ASP B 1288 27.67 34.05 5.70
N LYS B 1289 26.96 33.11 6.35
CA LYS B 1289 27.53 31.78 6.56
C LYS B 1289 27.83 31.09 5.24
N VAL B 1290 26.94 31.23 4.26
CA VAL B 1290 27.14 30.59 2.97
C VAL B 1290 28.35 31.19 2.26
N LEU B 1291 28.48 32.51 2.26
CA LEU B 1291 29.63 33.15 1.63
C LEU B 1291 30.93 32.72 2.29
N SER B 1292 30.95 32.64 3.61
CA SER B 1292 32.15 32.18 4.31
C SER B 1292 32.44 30.72 3.99
N ALA B 1293 31.40 29.90 3.85
CA ALA B 1293 31.61 28.49 3.55
C ALA B 1293 32.14 28.31 2.14
N TYR B 1294 31.65 29.09 1.18
CA TYR B 1294 32.17 29.01 -0.18
C TYR B 1294 33.63 29.46 -0.23
N ASN B 1295 33.95 30.58 0.42
CA ASN B 1295 35.32 31.05 0.48
C ASN B 1295 36.24 30.15 1.30
N LYS B 1296 35.67 29.21 2.05
CA LYS B 1296 36.47 28.25 2.82
C LYS B 1296 36.90 27.06 1.97
N HIS B 1297 36.04 26.57 1.10
CA HIS B 1297 36.29 25.37 0.31
C HIS B 1297 36.66 25.68 -1.13
N ARG B 1298 37.41 26.75 -1.38
CA ARG B 1298 37.78 27.08 -2.76
C ARG B 1298 38.93 26.24 -3.26
N ASP B 1299 39.71 25.62 -2.37
CA ASP B 1299 40.74 24.67 -2.78
C ASP B 1299 40.19 23.25 -2.94
N LYS B 1300 38.89 23.06 -2.74
CA LYS B 1300 38.27 21.77 -3.00
C LYS B 1300 38.17 21.53 -4.51
N PRO B 1301 38.05 20.27 -4.92
CA PRO B 1301 37.90 19.99 -6.35
C PRO B 1301 36.69 20.68 -6.93
N ILE B 1302 36.78 21.01 -8.23
CA ILE B 1302 35.70 21.72 -8.91
C ILE B 1302 34.42 20.91 -8.89
N ARG B 1303 34.54 19.58 -9.02
CA ARG B 1303 33.35 18.73 -9.07
C ARG B 1303 32.58 18.79 -7.76
N GLU B 1304 33.28 18.71 -6.62
CA GLU B 1304 32.62 18.74 -5.32
C GLU B 1304 32.11 20.14 -4.99
N GLN B 1305 32.84 21.18 -5.39
CA GLN B 1305 32.32 22.54 -5.22
C GLN B 1305 31.01 22.74 -5.98
N ALA B 1306 30.94 22.21 -7.21
CA ALA B 1306 29.72 22.32 -7.99
C ALA B 1306 28.58 21.52 -7.35
N GLU B 1307 28.89 20.32 -6.85
CA GLU B 1307 27.87 19.51 -6.18
C GLU B 1307 27.27 20.22 -4.98
N ASN B 1308 28.08 20.98 -4.25
CA ASN B 1308 27.58 21.69 -3.08
C ASN B 1308 26.94 23.03 -3.42
N ILE B 1309 27.34 23.64 -4.54
CA ILE B 1309 26.59 24.79 -5.05
C ILE B 1309 25.18 24.35 -5.42
N ILE B 1310 25.02 23.10 -5.87
CA ILE B 1310 23.68 22.56 -6.12
C ILE B 1310 22.85 22.58 -4.84
N HIS B 1311 23.48 22.25 -3.71
CA HIS B 1311 22.79 22.32 -2.43
C HIS B 1311 22.42 23.74 -2.05
N LEU B 1312 23.25 24.72 -2.43
CA LEU B 1312 23.05 26.09 -2.01
C LEU B 1312 21.71 26.63 -2.47
N PHE B 1313 21.17 26.12 -3.59
CA PHE B 1313 19.93 26.66 -4.12
C PHE B 1313 18.73 26.42 -3.23
N THR B 1314 18.87 25.61 -2.16
CA THR B 1314 17.79 25.48 -1.19
C THR B 1314 17.52 26.80 -0.49
N LEU B 1315 18.54 27.65 -0.34
CA LEU B 1315 18.33 28.97 0.24
C LEU B 1315 17.41 29.82 -0.61
N THR B 1316 17.45 29.65 -1.93
CA THR B 1316 16.69 30.48 -2.86
C THR B 1316 15.47 29.81 -3.45
N ASN B 1317 15.26 28.52 -3.20
CA ASN B 1317 14.15 27.80 -3.82
C ASN B 1317 12.81 28.42 -3.42
N LEU B 1318 11.85 28.30 -4.32
CA LEU B 1318 10.47 28.69 -4.01
C LEU B 1318 9.90 27.80 -2.91
N GLY B 1319 9.09 28.39 -2.04
CA GLY B 1319 8.37 27.61 -1.06
C GLY B 1319 8.85 27.77 0.37
N ALA B 1320 8.62 26.75 1.18
CA ALA B 1320 8.99 26.83 2.59
C ALA B 1320 10.50 26.79 2.73
N PRO B 1321 11.06 27.52 3.68
CA PRO B 1321 12.50 27.44 3.93
C PRO B 1321 12.86 26.08 4.51
N ALA B 1322 14.09 25.65 4.24
CA ALA B 1322 14.57 24.36 4.71
C ALA B 1322 16.07 24.44 4.95
N ALA B 1323 16.57 23.53 5.77
CA ALA B 1323 17.99 23.50 6.07
C ALA B 1323 18.75 22.76 4.98
N PHE B 1324 19.98 23.19 4.74
CA PHE B 1324 20.81 22.59 3.71
C PHE B 1324 22.27 22.60 4.16
N LYS B 1325 23.06 21.68 3.60
CA LYS B 1325 24.46 21.55 3.94
C LYS B 1325 25.33 21.96 2.76
N TYR B 1326 26.30 22.83 3.02
CA TYR B 1326 27.39 23.12 2.09
C TYR B 1326 28.64 22.45 2.64
N PHE B 1327 29.03 21.33 2.03
CA PHE B 1327 30.08 20.46 2.54
C PHE B 1327 29.65 20.01 3.93
N ASP B 1328 30.43 20.26 4.99
CA ASP B 1328 30.04 19.88 6.34
C ASP B 1328 29.37 21.02 7.11
N THR B 1329 29.31 22.22 6.54
CA THR B 1329 28.65 23.33 7.20
C THR B 1329 27.13 23.22 7.00
N THR B 1330 26.38 23.35 8.08
CA THR B 1330 24.93 23.22 8.06
C THR B 1330 24.29 24.59 8.21
N ILE B 1331 23.44 24.95 7.24
CA ILE B 1331 22.71 26.21 7.27
C ILE B 1331 21.27 25.90 7.68
N ASP B 1332 20.86 26.45 8.82
CA ASP B 1332 19.49 26.28 9.27
C ASP B 1332 18.57 27.24 8.53
N ARG B 1333 17.29 26.87 8.48
CA ARG B 1333 16.32 27.65 7.72
C ARG B 1333 16.00 28.96 8.43
N LYS B 1334 16.08 30.06 7.69
CA LYS B 1334 15.57 31.34 8.14
C LYS B 1334 14.08 31.40 7.80
N ARG B 1335 13.26 31.58 8.82
CA ARG B 1335 11.81 31.55 8.65
C ARG B 1335 11.24 32.97 8.65
N TYR B 1336 10.08 33.12 8.00
CA TYR B 1336 9.39 34.39 7.93
C TYR B 1336 8.19 34.32 8.89
N THR B 1337 8.47 34.59 10.16
CA THR B 1337 7.55 34.39 11.26
C THR B 1337 6.57 35.55 11.45
N SER B 1338 6.28 36.32 10.41
CA SER B 1338 5.36 37.44 10.52
C SER B 1338 4.72 37.72 9.17
N THR B 1339 3.40 37.94 9.17
CA THR B 1339 2.67 38.30 7.97
C THR B 1339 2.22 39.76 7.99
N LYS B 1340 2.89 40.60 8.77
CA LYS B 1340 2.45 42.00 8.88
C LYS B 1340 2.64 42.73 7.55
N GLU B 1341 3.74 42.46 6.85
CA GLU B 1341 4.08 43.25 5.66
C GLU B 1341 3.12 43.00 4.50
N VAL B 1342 2.57 41.79 4.39
CA VAL B 1342 1.68 41.50 3.27
C VAL B 1342 0.39 42.29 3.37
N LEU B 1343 0.07 42.83 4.54
CA LEU B 1343 -1.13 43.62 4.72
C LEU B 1343 -1.07 44.97 4.01
N ASP B 1344 0.12 45.41 3.59
CA ASP B 1344 0.26 46.62 2.80
C ASP B 1344 0.92 46.35 1.45
N ALA B 1345 1.03 45.09 1.04
CA ALA B 1345 1.67 44.74 -0.22
C ALA B 1345 0.61 44.59 -1.31
N THR B 1346 0.95 43.94 -2.42
CA THR B 1346 0.02 43.72 -3.51
C THR B 1346 -0.35 42.24 -3.56
N LEU B 1347 -1.63 41.94 -3.32
CA LEU B 1347 -2.12 40.58 -3.45
C LEU B 1347 -2.30 40.25 -4.94
N ILE B 1348 -1.89 39.04 -5.31
CA ILE B 1348 -1.94 38.60 -6.70
C ILE B 1348 -2.80 37.35 -6.79
N HIS B 1349 -3.94 37.47 -7.47
CA HIS B 1349 -4.76 36.31 -7.82
C HIS B 1349 -4.39 35.87 -9.23
N GLN B 1350 -4.04 34.58 -9.37
CA GLN B 1350 -3.58 34.03 -10.64
C GLN B 1350 -4.55 32.98 -11.16
N SER B 1351 -4.78 32.98 -12.47
CA SER B 1351 -5.48 31.87 -13.11
C SER B 1351 -4.59 30.63 -13.06
N ILE B 1352 -5.13 29.50 -13.54
CA ILE B 1352 -4.40 28.23 -13.39
C ILE B 1352 -3.08 28.26 -14.14
N THR B 1353 -3.00 29.01 -15.25
CA THR B 1353 -1.75 29.18 -15.96
C THR B 1353 -0.93 30.36 -15.45
N GLY B 1354 -1.54 31.26 -14.67
CA GLY B 1354 -0.88 32.48 -14.27
C GLY B 1354 -0.85 33.55 -15.32
N LEU B 1355 -1.46 33.32 -16.48
CA LEU B 1355 -1.51 34.33 -17.53
C LEU B 1355 -2.51 35.43 -17.22
N TYR B 1356 -3.60 35.09 -16.53
CA TYR B 1356 -4.61 36.06 -16.13
C TYR B 1356 -4.39 36.40 -14.66
N GLU B 1357 -4.22 37.69 -14.36
CA GLU B 1357 -3.92 38.15 -13.02
C GLU B 1357 -4.91 39.21 -12.57
N THR B 1358 -5.18 39.22 -11.27
CA THR B 1358 -5.88 40.31 -10.61
C THR B 1358 -5.03 40.76 -9.44
N ARG B 1359 -4.54 42.00 -9.50
CA ARG B 1359 -3.63 42.54 -8.49
C ARG B 1359 -4.38 43.55 -7.63
N ILE B 1360 -4.34 43.35 -6.31
CA ILE B 1360 -5.03 44.20 -5.35
C ILE B 1360 -4.00 44.86 -4.46
N ASP B 1361 -3.95 46.20 -4.50
CA ASP B 1361 -3.07 46.97 -3.64
C ASP B 1361 -3.70 47.03 -2.25
N LEU B 1362 -3.17 46.23 -1.33
CA LEU B 1362 -3.72 46.18 0.02
C LEU B 1362 -3.40 47.43 0.84
N SER B 1363 -2.46 48.26 0.39
CA SER B 1363 -2.17 49.49 1.12
C SER B 1363 -3.32 50.47 1.08
N GLN B 1364 -4.23 50.35 0.11
CA GLN B 1364 -5.39 51.21 0.01
C GLN B 1364 -6.54 50.76 0.91
N LEU B 1365 -6.30 49.81 1.81
CA LEU B 1365 -7.32 49.30 2.73
C LEU B 1365 -6.93 49.67 4.15
N GLY B 1366 -7.90 50.17 4.91
CA GLY B 1366 -7.65 50.57 6.29
C GLY B 1366 -7.41 52.06 6.44
MG MG E . -4.70 2.45 28.34
MG MG F . -17.52 10.53 20.34
K K G . -6.58 -4.38 0.47
K K H . -8.36 18.65 0.41
K K I . -4.91 29.99 -8.69
K K J . -2.28 9.13 42.66
K K K . -3.44 17.52 1.97
K K L . -16.35 -17.55 -0.74
K K M . 6.17 4.98 30.91
K K N . -28.80 -37.35 3.52
K K O . 18.68 -36.33 19.27
K K P . -17.19 17.85 44.70
K K Q . 1.03 -24.11 -20.96
#